data_4XC8
#
_entry.id   4XC8
#
_cell.length_a   316.510
_cell.length_b   316.510
_cell.length_c   342.270
_cell.angle_alpha   90.00
_cell.angle_beta   90.00
_cell.angle_gamma   120.00
#
_symmetry.space_group_name_H-M   'H 3 2'
#
loop_
_entity.id
_entity.type
_entity.pdbx_description
1 polymer 'Isobutyryl-CoA mutase fused'
2 non-polymer 'Butyryl Coenzyme A'
3 non-polymer "GUANOSINE-5'-DIPHOSPHATE"
4 non-polymer 'MAGNESIUM ION'
#
_entity_poly.entity_id   1
_entity_poly.type   'polypeptide(L)'
_entity_poly.pdbx_seq_one_letter_code
;MGSSHHHHHHSSGLVPRGSHMTDLSDVSRTAAAKPPAVPGRGPANKVRFVTAASLFDGHDASINIMRRILQSQGCEVIHL
GHNRSVQEVVTAALQEDVQGIAISSYQGGHVEYFKYMIDLLREHGGEHIQVFGGGGGVIVPDEIRELQAYGVARIYSPED
GQRMGLAGMITDMAQRCDIDLTRYAPTTLDTVVAGDRRALAQLITALENGKADPELVSALHAQAKAAAVPVLGITGTGGA
GKSSLTDELIRRFRLDQDDALSIAVISIDPSRRKSGGALLGDRIRMNAINHPNIFMRSLATREAGSEISQALPDVIAACK
AARFDLVIVETSGIGQGDAAIVPHVDLSLYVMTPEFGAASQLEKIDMLDFADFVAINKFDRKGAQDAWRDVAKQVQRNRE
QWHSRAEDMPVYGTQASRFNDDGVTMLYQGLVGALGARGMSLKPGTLPNLEGRISTGQNVIVPPARSRYLAELADTVRAY
HRRVVAQSKLARERQQLRAAHDMLQGAGHESAALETLASERDVSLGAVERKLLAMWPQMQQAYSGDEYVVKIRDKEIRTG
LISTTLSGTKIRKVVLPRFEDEGEILKWLMRENVPGSFPYTAGVFAFKREGEDPTRMFAGEGDAFRTNRRFKLVSEGMEA
KRLSTAFDSVTLYGEDPHERPDIYGKVGNSGVSIATLEDMKVLYDGFDLTNPSTSVSMTINGPAPTILAMFMNTAIDQQI
DRFRADNGRDPTADEEAKIRAWVLQNVRGTVQADILKEDQGQNTCIFSTEFSLKVMGDIQEYFVHHQVRNFYSVSISGYH
IAEAGANPISQLAFTLANGFTYVEAYLARGMHIDDFAPNLSFFFSNGMDPEYSVLGRVARRIWAVTMRDKYGANDRSQKL
KYHIQTSGRSLHAQEIDFNDIRTTLQALIAIYDNCNSLHTNAYDEAITTPTAESVRRALAIQLIINREWGVAKCENPNQG
SFLIEELTDLVEEAVLQEFERIAERGGVLGAMETGYQRGKIQEESLYYEQLKHDGTLPIIGVNTFRNPNGDPTPQTLELA
RSSEDEKQSQLHRLTEFHGAHQADAEAMLARLRQAVIDNRNVFAVLMDAVRVCSLGQITHALFEVGGQYRRNM
;
_entity_poly.pdbx_strand_id   A,B
#
# COMPACT_ATOMS: atom_id res chain seq x y z
N GLY A 42 9.06 52.61 -10.94
CA GLY A 42 9.62 51.92 -9.78
C GLY A 42 10.97 52.47 -9.36
N PRO A 43 12.04 52.03 -10.05
CA PRO A 43 13.41 52.44 -9.74
C PRO A 43 13.72 53.88 -10.14
N ALA A 44 14.94 54.33 -9.84
CA ALA A 44 15.37 55.69 -10.14
C ALA A 44 15.82 55.82 -11.60
N ASN A 45 16.87 55.10 -11.96
CA ASN A 45 17.34 55.04 -13.34
C ASN A 45 16.47 54.08 -14.15
N LYS A 46 16.75 53.97 -15.44
CA LYS A 46 16.09 52.97 -16.26
C LYS A 46 16.86 51.66 -16.18
N VAL A 47 16.38 50.75 -15.32
CA VAL A 47 17.07 49.50 -15.07
C VAL A 47 16.74 48.43 -16.12
N ARG A 48 17.79 47.86 -16.70
CA ARG A 48 17.64 46.83 -17.72
C ARG A 48 18.27 45.51 -17.27
N PHE A 49 17.58 44.41 -17.54
CA PHE A 49 18.05 43.08 -17.17
C PHE A 49 18.21 42.16 -18.37
N VAL A 50 19.04 41.14 -18.22
CA VAL A 50 19.11 40.05 -19.19
C VAL A 50 18.84 38.74 -18.46
N THR A 51 17.70 38.12 -18.76
CA THR A 51 17.33 36.87 -18.09
C THR A 51 17.47 35.68 -19.02
N ALA A 52 17.95 34.57 -18.48
CA ALA A 52 18.12 33.34 -19.25
C ALA A 52 18.27 32.15 -18.31
N ALA A 53 18.06 30.96 -18.85
CA ALA A 53 18.34 29.73 -18.13
C ALA A 53 19.70 29.21 -18.61
N SER A 54 20.44 28.55 -17.72
CA SER A 54 21.79 28.09 -18.03
C SER A 54 21.82 27.13 -19.22
N LEU A 55 23.03 26.78 -19.66
CA LEU A 55 23.20 25.92 -20.82
C LEU A 55 22.58 24.54 -20.59
N PHE A 56 21.94 24.00 -21.63
CA PHE A 56 21.32 22.67 -21.59
C PHE A 56 20.24 22.59 -20.51
N ASP A 57 19.78 23.74 -20.04
CA ASP A 57 18.80 23.80 -18.97
C ASP A 57 17.48 24.36 -19.48
N GLY A 58 16.49 23.48 -19.64
CA GLY A 58 15.19 23.87 -20.15
C GLY A 58 14.24 24.29 -19.05
N HIS A 59 14.74 24.34 -17.83
CA HIS A 59 13.92 24.73 -16.67
C HIS A 59 13.51 26.20 -16.77
N ASP A 60 12.31 26.43 -17.30
CA ASP A 60 11.80 27.78 -17.48
C ASP A 60 10.47 27.96 -16.76
N ALA A 61 10.27 27.19 -15.69
CA ALA A 61 9.01 27.22 -14.95
C ALA A 61 8.74 28.60 -14.34
N SER A 62 9.75 29.16 -13.70
CA SER A 62 9.59 30.43 -12.99
C SER A 62 10.34 31.59 -13.64
N ILE A 63 11.04 31.32 -14.74
CA ILE A 63 11.74 32.39 -15.48
C ILE A 63 10.71 33.20 -16.26
N ASN A 64 9.50 32.66 -16.38
CA ASN A 64 8.38 33.37 -16.99
C ASN A 64 7.69 34.25 -15.96
N ILE A 65 7.89 33.94 -14.68
CA ILE A 65 7.26 34.68 -13.60
C ILE A 65 8.18 35.79 -13.08
N MET A 66 9.49 35.52 -13.06
CA MET A 66 10.47 36.51 -12.63
C MET A 66 10.58 37.65 -13.64
N ARG A 67 10.17 37.36 -14.87
CA ARG A 67 10.12 38.37 -15.92
C ARG A 67 8.89 39.25 -15.74
N ARG A 68 7.81 38.63 -15.27
CA ARG A 68 6.56 39.35 -14.99
C ARG A 68 6.77 40.39 -13.90
N ILE A 69 7.43 39.98 -12.82
CA ILE A 69 7.64 40.86 -11.67
C ILE A 69 8.52 42.05 -12.03
N LEU A 70 9.63 41.76 -12.71
CA LEU A 70 10.54 42.82 -13.14
C LEU A 70 9.84 43.79 -14.08
N GLN A 71 8.94 43.26 -14.91
CA GLN A 71 8.19 44.09 -15.85
C GLN A 71 7.12 44.92 -15.15
N SER A 72 6.74 44.49 -13.94
CA SER A 72 5.72 45.18 -13.18
C SER A 72 6.33 46.07 -12.09
N GLN A 73 7.65 46.00 -11.94
CA GLN A 73 8.35 46.89 -11.03
C GLN A 73 9.00 48.02 -11.80
N GLY A 74 9.05 47.87 -13.13
CA GLY A 74 9.54 48.94 -13.98
C GLY A 74 10.88 48.67 -14.65
N CYS A 75 11.22 47.40 -14.84
CA CYS A 75 12.48 47.05 -15.48
C CYS A 75 12.28 46.59 -16.92
N GLU A 76 13.23 46.94 -17.78
CA GLU A 76 13.23 46.46 -19.15
C GLU A 76 14.01 45.16 -19.25
N VAL A 77 13.28 44.05 -19.38
CA VAL A 77 13.91 42.74 -19.38
C VAL A 77 14.13 42.18 -20.78
N ILE A 78 15.40 42.05 -21.17
CA ILE A 78 15.75 41.37 -22.41
C ILE A 78 15.80 39.87 -22.14
N HIS A 79 14.67 39.19 -22.36
CA HIS A 79 14.57 37.76 -22.07
C HIS A 79 15.21 36.94 -23.19
N LEU A 80 16.10 36.02 -22.81
CA LEU A 80 16.82 35.19 -23.76
C LEU A 80 16.30 33.76 -23.78
N GLY A 81 15.33 33.46 -22.93
CA GLY A 81 14.76 32.13 -22.86
C GLY A 81 15.64 31.14 -22.13
N HIS A 82 15.70 29.92 -22.66
CA HIS A 82 16.43 28.84 -22.00
C HIS A 82 17.62 28.38 -22.85
N ASN A 83 18.39 27.43 -22.30
CA ASN A 83 19.50 26.80 -23.01
C ASN A 83 20.49 27.83 -23.57
N ARG A 84 20.99 28.70 -22.70
CA ARG A 84 21.92 29.74 -23.13
C ARG A 84 23.31 29.52 -22.58
N SER A 85 24.30 29.58 -23.46
CA SER A 85 25.69 29.51 -23.05
C SER A 85 26.09 30.81 -22.37
N VAL A 86 27.21 30.80 -21.66
CA VAL A 86 27.73 32.01 -21.04
C VAL A 86 28.06 33.04 -22.12
N GLN A 87 28.71 32.57 -23.19
CA GLN A 87 29.07 33.43 -24.31
C GLN A 87 27.85 34.16 -24.88
N GLU A 88 26.70 33.50 -24.89
CA GLU A 88 25.47 34.11 -25.39
C GLU A 88 24.93 35.18 -24.44
N VAL A 89 24.78 34.80 -23.17
CA VAL A 89 24.27 35.72 -22.16
C VAL A 89 25.14 36.97 -22.03
N VAL A 90 26.46 36.77 -22.04
CA VAL A 90 27.40 37.88 -21.90
C VAL A 90 27.36 38.80 -23.10
N THR A 91 27.42 38.23 -24.30
CA THR A 91 27.33 39.01 -25.54
C THR A 91 26.06 39.84 -25.56
N ALA A 92 24.97 39.24 -25.08
CA ALA A 92 23.69 39.93 -24.98
C ALA A 92 23.78 41.09 -23.98
N ALA A 93 24.28 40.80 -22.80
CA ALA A 93 24.39 41.79 -21.74
C ALA A 93 25.26 42.99 -22.14
N LEU A 94 26.37 42.71 -22.82
CA LEU A 94 27.31 43.75 -23.21
C LEU A 94 26.74 44.66 -24.30
N GLN A 95 25.97 44.08 -25.21
CA GLN A 95 25.38 44.85 -26.30
C GLN A 95 24.15 45.63 -25.82
N GLU A 96 23.31 44.98 -25.02
CA GLU A 96 22.12 45.63 -24.47
C GLU A 96 22.52 46.68 -23.43
N ASP A 97 23.73 46.53 -22.89
CA ASP A 97 24.24 47.39 -21.82
C ASP A 97 23.28 47.41 -20.63
N VAL A 98 23.22 46.29 -19.92
CA VAL A 98 22.31 46.14 -18.78
C VAL A 98 23.04 46.32 -17.45
N GLN A 99 22.27 46.57 -16.40
CA GLN A 99 22.83 46.72 -15.06
C GLN A 99 22.91 45.38 -14.34
N GLY A 100 22.11 44.42 -14.77
CA GLY A 100 22.04 43.14 -14.09
C GLY A 100 21.72 41.94 -14.97
N ILE A 101 22.13 40.76 -14.51
CA ILE A 101 21.88 39.52 -15.21
C ILE A 101 21.27 38.48 -14.27
N ALA A 102 20.16 37.87 -14.67
CA ALA A 102 19.51 36.86 -13.86
C ALA A 102 19.53 35.50 -14.55
N ILE A 103 20.22 34.54 -13.95
CA ILE A 103 20.34 33.20 -14.53
C ILE A 103 19.76 32.15 -13.59
N SER A 104 18.93 31.26 -14.13
CA SER A 104 18.38 30.16 -13.35
C SER A 104 19.00 28.84 -13.79
N SER A 105 19.69 28.17 -12.86
CA SER A 105 20.39 26.92 -13.16
C SER A 105 19.82 25.77 -12.34
N TYR A 106 19.15 24.84 -13.01
CA TYR A 106 18.47 23.73 -12.34
C TYR A 106 19.02 22.36 -12.72
N GLN A 107 20.01 22.34 -13.62
CA GLN A 107 20.57 21.08 -14.09
C GLN A 107 21.96 20.81 -13.48
N GLY A 108 22.40 21.69 -12.59
CA GLY A 108 23.71 21.57 -11.99
C GLY A 108 24.77 22.21 -12.86
N GLY A 109 26.03 22.06 -12.46
CA GLY A 109 27.14 22.68 -13.18
C GLY A 109 27.09 24.19 -13.07
N HIS A 110 26.45 24.66 -12.01
CA HIS A 110 26.19 26.08 -11.82
C HIS A 110 27.46 26.85 -11.43
N VAL A 111 28.28 26.24 -10.59
CA VAL A 111 29.50 26.88 -10.11
C VAL A 111 30.42 27.25 -11.27
N GLU A 112 30.71 26.28 -12.14
CA GLU A 112 31.56 26.50 -13.29
C GLU A 112 30.94 27.51 -14.24
N TYR A 113 29.61 27.49 -14.32
CA TYR A 113 28.88 28.38 -15.22
C TYR A 113 29.00 29.84 -14.80
N PHE A 114 28.75 30.11 -13.51
CA PHE A 114 28.79 31.48 -13.01
C PHE A 114 30.21 32.04 -12.94
N LYS A 115 31.17 31.18 -12.61
CA LYS A 115 32.57 31.59 -12.59
C LYS A 115 33.00 32.04 -13.99
N TYR A 116 32.61 31.27 -15.00
CA TYR A 116 32.89 31.60 -16.38
C TYR A 116 32.27 32.94 -16.77
N MET A 117 31.03 33.16 -16.34
CA MET A 117 30.32 34.39 -16.67
C MET A 117 30.97 35.61 -16.03
N ILE A 118 31.46 35.44 -14.80
CA ILE A 118 32.14 36.52 -14.11
C ILE A 118 33.48 36.83 -14.79
N ASP A 119 34.19 35.79 -15.19
CA ASP A 119 35.46 35.94 -15.91
C ASP A 119 35.25 36.65 -17.24
N LEU A 120 34.32 36.15 -18.03
CA LEU A 120 34.08 36.66 -19.37
C LEU A 120 33.56 38.10 -19.33
N LEU A 121 32.83 38.43 -18.27
CA LEU A 121 32.30 39.78 -18.11
C LEU A 121 33.42 40.78 -17.81
N ARG A 122 34.30 40.41 -16.89
CA ARG A 122 35.40 41.29 -16.50
C ARG A 122 36.38 41.50 -17.64
N GLU A 123 36.52 40.49 -18.49
CA GLU A 123 37.47 40.56 -19.59
C GLU A 123 37.03 41.54 -20.68
N HIS A 124 35.72 41.62 -20.91
CA HIS A 124 35.20 42.44 -22.01
C HIS A 124 34.36 43.62 -21.52
N GLY A 125 34.82 44.27 -20.46
CA GLY A 125 34.22 45.51 -20.00
C GLY A 125 32.80 45.41 -19.49
N GLY A 126 32.54 44.40 -18.65
CA GLY A 126 31.22 44.23 -18.07
C GLY A 126 31.30 43.90 -16.60
N GLU A 127 32.35 44.39 -15.94
CA GLU A 127 32.61 44.09 -14.54
C GLU A 127 31.62 44.81 -13.62
N HIS A 128 30.97 45.85 -14.14
CA HIS A 128 30.00 46.61 -13.36
C HIS A 128 28.60 46.02 -13.47
N ILE A 129 28.46 45.03 -14.35
CA ILE A 129 27.20 44.30 -14.49
C ILE A 129 27.07 43.26 -13.38
N GLN A 130 25.92 43.26 -12.70
CA GLN A 130 25.73 42.38 -11.55
C GLN A 130 25.00 41.09 -11.94
N VAL A 131 25.57 39.96 -11.55
CA VAL A 131 25.00 38.66 -11.88
C VAL A 131 24.26 38.06 -10.70
N PHE A 132 23.04 37.59 -10.94
CA PHE A 132 22.23 36.97 -9.91
C PHE A 132 21.87 35.54 -10.26
N GLY A 133 21.60 34.73 -9.24
CA GLY A 133 21.27 33.33 -9.42
C GLY A 133 19.89 32.98 -8.90
N GLY A 134 19.27 31.97 -9.52
CA GLY A 134 17.92 31.56 -9.19
C GLY A 134 17.74 31.02 -7.79
N GLY A 135 16.48 30.87 -7.38
CA GLY A 135 16.17 30.42 -6.04
C GLY A 135 15.98 28.92 -5.93
N GLY A 136 16.56 28.19 -6.89
CA GLY A 136 16.47 26.74 -6.89
C GLY A 136 17.15 26.12 -5.69
N GLY A 137 16.73 24.91 -5.33
CA GLY A 137 17.29 24.20 -4.19
C GLY A 137 18.47 23.33 -4.57
N VAL A 138 19.17 23.72 -5.62
CA VAL A 138 20.32 22.98 -6.10
C VAL A 138 21.62 23.52 -5.49
N ILE A 139 21.79 24.83 -5.55
CA ILE A 139 23.02 25.47 -5.06
C ILE A 139 23.08 25.47 -3.54
N VAL A 140 23.88 24.56 -3.00
CA VAL A 140 24.06 24.44 -1.56
C VAL A 140 24.78 25.66 -0.98
N PRO A 141 24.59 25.93 0.32
CA PRO A 141 25.20 27.06 1.03
C PRO A 141 26.67 27.32 0.73
N ASP A 142 27.50 26.27 0.72
CA ASP A 142 28.92 26.44 0.44
C ASP A 142 29.17 26.95 -0.96
N GLU A 143 28.37 26.48 -1.92
CA GLU A 143 28.50 26.91 -3.30
C GLU A 143 28.02 28.34 -3.47
N ILE A 144 27.13 28.78 -2.59
CA ILE A 144 26.64 30.16 -2.62
C ILE A 144 27.73 31.13 -2.18
N ARG A 145 28.32 30.86 -1.02
CA ARG A 145 29.37 31.70 -0.48
C ARG A 145 30.61 31.71 -1.36
N GLU A 146 30.83 30.61 -2.08
CA GLU A 146 31.97 30.51 -2.99
C GLU A 146 31.79 31.42 -4.20
N LEU A 147 30.60 31.36 -4.78
CA LEU A 147 30.31 32.14 -5.98
C LEU A 147 30.12 33.63 -5.67
N GLN A 148 29.47 33.92 -4.54
CA GLN A 148 29.25 35.30 -4.14
C GLN A 148 30.58 36.00 -3.88
N ALA A 149 31.57 35.24 -3.43
CA ALA A 149 32.91 35.77 -3.18
C ALA A 149 33.70 35.86 -4.48
N TYR A 150 33.32 35.05 -5.46
CA TYR A 150 34.04 35.01 -6.73
C TYR A 150 33.77 36.26 -7.56
N GLY A 151 32.53 36.74 -7.51
CA GLY A 151 32.15 37.92 -8.27
C GLY A 151 30.66 38.03 -8.51
N VAL A 152 29.93 36.98 -8.15
CA VAL A 152 28.48 36.97 -8.30
C VAL A 152 27.84 37.89 -7.26
N ALA A 153 26.92 38.74 -7.72
CA ALA A 153 26.23 39.69 -6.84
C ALA A 153 25.49 38.97 -5.71
N ARG A 154 24.48 38.18 -6.08
CA ARG A 154 23.71 37.42 -5.11
C ARG A 154 23.29 36.08 -5.69
N ILE A 155 23.22 35.06 -4.83
CA ILE A 155 22.60 33.79 -5.21
C ILE A 155 21.59 33.43 -4.13
N TYR A 156 20.31 33.55 -4.47
CA TYR A 156 19.24 33.41 -3.50
C TYR A 156 18.94 31.95 -3.18
N SER A 157 19.12 31.58 -1.91
CA SER A 157 18.80 30.25 -1.43
C SER A 157 17.31 30.13 -1.19
N PRO A 158 16.78 28.90 -1.14
CA PRO A 158 15.37 28.70 -0.79
C PRO A 158 15.04 29.27 0.59
N GLU A 159 16.06 29.41 1.44
CA GLU A 159 15.91 30.07 2.73
C GLU A 159 15.55 31.54 2.53
N ASP A 160 16.08 32.14 1.47
CA ASP A 160 15.77 33.52 1.12
C ASP A 160 14.39 33.61 0.50
N GLY A 161 13.94 32.51 -0.10
CA GLY A 161 12.63 32.47 -0.74
C GLY A 161 11.49 32.62 0.24
N GLN A 162 11.49 31.78 1.27
CA GLN A 162 10.44 31.82 2.29
C GLN A 162 10.52 33.10 3.12
N ARG A 163 11.73 33.55 3.39
CA ARG A 163 11.95 34.72 4.24
C ARG A 163 11.60 36.02 3.52
N MET A 164 12.29 36.30 2.42
CA MET A 164 12.11 37.56 1.69
C MET A 164 10.82 37.57 0.89
N GLY A 165 10.41 36.41 0.39
CA GLY A 165 9.28 36.32 -0.50
C GLY A 165 9.75 36.42 -1.94
N LEU A 166 8.95 35.88 -2.86
CA LEU A 166 9.33 35.87 -4.28
C LEU A 166 9.50 37.28 -4.83
N ALA A 167 8.52 38.14 -4.57
CA ALA A 167 8.60 39.53 -4.97
C ALA A 167 9.68 40.25 -4.19
N GLY A 168 9.95 39.77 -2.97
CA GLY A 168 10.98 40.34 -2.12
C GLY A 168 12.36 40.23 -2.73
N MET A 169 12.69 39.04 -3.23
CA MET A 169 13.97 38.81 -3.87
C MET A 169 14.13 39.69 -5.10
N ILE A 170 13.08 39.75 -5.91
CA ILE A 170 13.10 40.55 -7.13
C ILE A 170 13.29 42.03 -6.81
N THR A 171 12.58 42.50 -5.79
CA THR A 171 12.69 43.88 -5.34
C THR A 171 14.12 44.19 -4.93
N ASP A 172 14.72 43.30 -4.14
CA ASP A 172 16.09 43.45 -3.69
C ASP A 172 17.06 43.46 -4.86
N MET A 173 16.82 42.58 -5.82
CA MET A 173 17.67 42.48 -7.00
C MET A 173 17.54 43.70 -7.90
N ALA A 174 16.32 44.20 -8.04
CA ALA A 174 16.06 45.36 -8.90
C ALA A 174 16.63 46.65 -8.30
N GLN A 175 16.69 46.71 -6.98
CA GLN A 175 17.23 47.89 -6.30
C GLN A 175 18.74 47.94 -6.37
N ARG A 176 19.38 46.77 -6.41
CA ARG A 176 20.83 46.70 -6.51
C ARG A 176 21.33 47.16 -7.87
N CYS A 177 20.51 46.94 -8.89
CA CYS A 177 20.87 47.31 -10.26
C CYS A 177 20.34 48.68 -10.63
N ASP A 178 19.86 49.42 -9.64
CA ASP A 178 19.35 50.75 -9.87
C ASP A 178 20.50 51.76 -9.95
N ILE A 179 21.32 51.64 -10.99
CA ILE A 179 22.47 52.51 -11.17
C ILE A 179 22.45 53.15 -12.56
N ASP A 180 23.13 54.28 -12.68
CA ASP A 180 23.23 54.98 -13.96
C ASP A 180 24.38 54.44 -14.80
N LEU A 181 24.10 54.12 -16.05
CA LEU A 181 25.12 53.57 -16.93
C LEU A 181 25.61 54.57 -17.96
N THR A 182 25.08 55.79 -17.91
CA THR A 182 25.48 56.82 -18.86
C THR A 182 26.80 57.44 -18.47
N ARG A 183 27.27 57.13 -17.26
CA ARG A 183 28.55 57.63 -16.78
C ARG A 183 29.70 56.77 -17.31
N TYR A 184 29.35 55.62 -17.89
CA TYR A 184 30.34 54.75 -18.53
C TYR A 184 30.41 55.03 -20.02
N ALA A 185 29.47 55.85 -20.51
CA ALA A 185 29.37 56.17 -21.92
C ALA A 185 30.51 57.08 -22.37
N PRO A 186 30.97 56.90 -23.62
CA PRO A 186 32.02 57.74 -24.19
C PRO A 186 31.56 59.18 -24.41
N THR A 187 32.49 60.13 -24.31
CA THR A 187 32.20 61.52 -24.55
C THR A 187 32.76 61.97 -25.89
N THR A 188 33.45 61.05 -26.57
CA THR A 188 33.96 61.28 -27.91
C THR A 188 33.62 60.10 -28.81
N LEU A 189 33.48 60.36 -30.11
CA LEU A 189 33.08 59.32 -31.05
C LEU A 189 34.25 58.48 -31.54
N ASP A 190 35.44 58.76 -31.01
CA ASP A 190 36.65 58.10 -31.45
C ASP A 190 36.59 56.58 -31.28
N THR A 191 36.14 56.15 -30.12
CA THR A 191 36.07 54.73 -29.80
C THR A 191 35.02 54.00 -30.64
N VAL A 192 33.84 54.60 -30.75
CA VAL A 192 32.73 53.99 -31.48
C VAL A 192 33.04 53.85 -32.97
N VAL A 193 33.59 54.92 -33.56
CA VAL A 193 33.96 54.92 -34.98
C VAL A 193 35.06 53.89 -35.25
N ALA A 194 35.98 53.75 -34.30
CA ALA A 194 37.09 52.81 -34.43
C ALA A 194 36.59 51.37 -34.60
N GLY A 195 35.42 51.07 -34.05
CA GLY A 195 34.82 49.76 -34.19
C GLY A 195 34.46 49.10 -32.87
N ASP A 196 34.77 49.79 -31.78
CA ASP A 196 34.47 49.27 -30.45
C ASP A 196 32.97 49.20 -30.22
N ARG A 197 32.45 47.98 -30.08
CA ARG A 197 31.02 47.75 -29.95
C ARG A 197 30.52 48.00 -28.53
N ARG A 198 31.37 47.74 -27.55
CA ARG A 198 31.01 47.96 -26.16
C ARG A 198 30.87 49.47 -25.90
N ALA A 199 31.61 50.26 -26.65
CA ALA A 199 31.50 51.71 -26.58
C ALA A 199 30.23 52.17 -27.28
N LEU A 200 29.91 51.52 -28.39
CA LEU A 200 28.67 51.79 -29.12
C LEU A 200 27.47 51.49 -28.25
N ALA A 201 27.52 50.36 -27.55
CA ALA A 201 26.42 49.92 -26.69
C ALA A 201 26.17 50.91 -25.56
N GLN A 202 27.25 51.51 -25.05
CA GLN A 202 27.15 52.46 -23.95
C GLN A 202 26.81 53.85 -24.45
N LEU A 203 27.26 54.18 -25.66
CA LEU A 203 26.92 55.45 -26.28
C LEU A 203 25.42 55.54 -26.53
N ILE A 204 24.83 54.39 -26.90
CA ILE A 204 23.39 54.30 -27.14
C ILE A 204 22.61 54.58 -25.86
N THR A 205 23.08 54.01 -24.75
CA THR A 205 22.44 54.20 -23.46
C THR A 205 22.34 55.68 -23.10
N ALA A 206 23.41 56.42 -23.37
CA ALA A 206 23.44 57.86 -23.10
C ALA A 206 22.45 58.60 -24.00
N LEU A 207 22.35 58.16 -25.26
CA LEU A 207 21.43 58.79 -26.22
C LEU A 207 19.98 58.44 -25.92
N GLU A 208 19.75 57.21 -25.47
CA GLU A 208 18.40 56.74 -25.13
C GLU A 208 17.89 57.46 -23.90
N ASN A 209 18.81 57.84 -23.01
CA ASN A 209 18.46 58.52 -21.77
C ASN A 209 18.51 60.04 -21.91
N GLY A 210 19.03 60.51 -23.04
CA GLY A 210 19.15 61.93 -23.30
C GLY A 210 20.20 62.59 -22.42
N LYS A 211 21.21 61.81 -22.04
CA LYS A 211 22.28 62.31 -21.19
C LYS A 211 23.56 62.52 -21.97
N ALA A 212 23.43 62.67 -23.29
CA ALA A 212 24.57 62.93 -24.16
C ALA A 212 24.68 64.41 -24.49
N ASP A 213 25.90 64.91 -24.59
CA ASP A 213 26.14 66.31 -24.91
C ASP A 213 25.63 66.64 -26.30
N PRO A 214 24.90 67.77 -26.43
CA PRO A 214 24.33 68.22 -27.69
C PRO A 214 25.35 68.37 -28.82
N GLU A 215 26.54 68.86 -28.50
CA GLU A 215 27.59 69.02 -29.50
C GLU A 215 28.13 67.68 -29.96
N LEU A 216 28.01 66.67 -29.10
CA LEU A 216 28.42 65.31 -29.44
C LEU A 216 27.40 64.66 -30.38
N VAL A 217 26.12 64.95 -30.13
CA VAL A 217 25.04 64.39 -30.93
C VAL A 217 25.07 64.93 -32.36
N SER A 218 25.30 66.23 -32.50
CA SER A 218 25.37 66.86 -33.82
C SER A 218 26.58 66.35 -34.60
N ALA A 219 27.66 66.08 -33.89
CA ALA A 219 28.86 65.51 -34.50
C ALA A 219 28.61 64.06 -34.91
N LEU A 220 27.72 63.40 -34.18
CA LEU A 220 27.37 62.02 -34.45
C LEU A 220 26.53 61.90 -35.71
N HIS A 221 25.55 62.79 -35.86
CA HIS A 221 24.69 62.81 -37.04
C HIS A 221 25.47 63.23 -38.28
N ALA A 222 26.42 64.14 -38.10
CA ALA A 222 27.27 64.59 -39.19
C ALA A 222 28.15 63.44 -39.68
N GLN A 223 28.61 62.63 -38.73
CA GLN A 223 29.44 61.47 -39.03
C GLN A 223 28.61 60.40 -39.74
N ALA A 224 27.33 60.31 -39.38
CA ALA A 224 26.43 59.31 -39.94
C ALA A 224 26.01 59.67 -41.37
N LYS A 225 25.80 60.95 -41.62
CA LYS A 225 25.41 61.41 -42.95
C LYS A 225 26.53 61.19 -43.95
N ALA A 226 27.77 61.29 -43.48
CA ALA A 226 28.94 61.09 -44.32
C ALA A 226 29.24 59.61 -44.51
N ALA A 227 28.77 58.79 -43.59
CA ALA A 227 28.96 57.35 -43.64
C ALA A 227 28.19 56.75 -44.81
N ALA A 228 27.01 57.29 -45.05
CA ALA A 228 26.14 56.88 -46.15
C ALA A 228 25.85 55.38 -46.15
N VAL A 229 25.12 54.92 -45.14
CA VAL A 229 24.78 53.50 -45.03
C VAL A 229 23.27 53.29 -45.03
N PRO A 230 22.82 52.22 -45.70
CA PRO A 230 21.38 51.93 -45.84
C PRO A 230 20.72 51.49 -44.54
N VAL A 231 19.52 51.99 -44.28
CA VAL A 231 18.77 51.59 -43.10
C VAL A 231 17.46 50.91 -43.49
N LEU A 232 17.35 49.63 -43.18
CA LEU A 232 16.16 48.86 -43.51
C LEU A 232 15.16 48.82 -42.35
N GLY A 233 13.94 49.25 -42.62
CA GLY A 233 12.89 49.19 -41.62
C GLY A 233 11.98 48.00 -41.82
N ILE A 234 11.68 47.30 -40.74
CA ILE A 234 10.77 46.16 -40.80
C ILE A 234 9.63 46.37 -39.80
N THR A 235 8.42 46.54 -40.33
CA THR A 235 7.26 46.78 -39.48
C THR A 235 6.16 45.77 -39.82
N GLY A 236 5.10 45.75 -39.02
CA GLY A 236 4.00 44.83 -39.23
C GLY A 236 3.23 44.60 -37.94
N THR A 237 2.18 43.78 -37.98
CA THR A 237 1.38 43.54 -36.78
C THR A 237 2.19 42.77 -35.72
N GLY A 238 1.65 42.70 -34.51
CA GLY A 238 2.31 41.99 -33.43
C GLY A 238 2.24 40.48 -33.60
N GLY A 239 3.40 39.84 -33.61
CA GLY A 239 3.47 38.38 -33.71
C GLY A 239 3.43 37.86 -35.14
N ALA A 240 3.62 38.76 -36.10
CA ALA A 240 3.53 38.41 -37.52
C ALA A 240 4.73 37.59 -37.98
N GLY A 241 5.81 37.63 -37.21
CA GLY A 241 7.02 36.91 -37.53
C GLY A 241 8.15 37.83 -37.93
N LYS A 242 8.04 39.10 -37.55
CA LYS A 242 9.05 40.11 -37.90
C LYS A 242 10.43 39.73 -37.39
N SER A 243 10.51 39.41 -36.11
CA SER A 243 11.78 39.03 -35.49
C SER A 243 12.35 37.76 -36.15
N SER A 244 11.49 36.77 -36.35
CA SER A 244 11.90 35.52 -36.97
C SER A 244 12.39 35.76 -38.40
N LEU A 245 11.62 36.52 -39.16
CA LEU A 245 11.98 36.83 -40.54
C LEU A 245 13.26 37.66 -40.60
N THR A 246 13.42 38.57 -39.63
CA THR A 246 14.61 39.40 -39.55
C THR A 246 15.84 38.53 -39.34
N ASP A 247 15.72 37.57 -38.42
CA ASP A 247 16.79 36.62 -38.16
C ASP A 247 17.16 35.85 -39.43
N GLU A 248 16.14 35.31 -40.10
CA GLU A 248 16.34 34.55 -41.31
C GLU A 248 16.98 35.38 -42.42
N LEU A 249 16.57 36.65 -42.52
CA LEU A 249 17.15 37.54 -43.50
C LEU A 249 18.62 37.81 -43.19
N ILE A 250 18.94 37.93 -41.90
CA ILE A 250 20.32 38.12 -41.47
C ILE A 250 21.14 36.88 -41.81
N ARG A 251 20.57 35.71 -41.54
CA ARG A 251 21.21 34.45 -41.89
C ARG A 251 21.53 34.41 -43.38
N ARG A 252 20.57 34.84 -44.19
CA ARG A 252 20.76 34.92 -45.63
C ARG A 252 21.95 35.82 -45.96
N PHE A 253 21.99 36.99 -45.33
CA PHE A 253 23.08 37.93 -45.53
C PHE A 253 24.44 37.31 -45.25
N ARG A 254 24.53 36.61 -44.12
CA ARG A 254 25.78 36.00 -43.70
C ARG A 254 26.23 34.93 -44.69
N LEU A 255 25.33 34.01 -45.03
CA LEU A 255 25.65 32.93 -45.94
C LEU A 255 25.99 33.45 -47.35
N ASP A 256 25.26 34.48 -47.77
CA ASP A 256 25.40 35.00 -49.13
C ASP A 256 26.68 35.79 -49.31
N GLN A 257 27.09 36.50 -48.26
CA GLN A 257 28.25 37.39 -48.35
C GLN A 257 29.44 36.87 -47.55
N ASP A 258 29.30 35.64 -47.03
CA ASP A 258 30.35 34.99 -46.24
C ASP A 258 30.75 35.85 -45.03
N ASP A 259 29.76 36.30 -44.29
CA ASP A 259 29.96 37.07 -43.05
C ASP A 259 30.85 38.29 -43.24
N ALA A 260 30.84 38.87 -44.43
CA ALA A 260 31.67 40.04 -44.71
C ALA A 260 30.96 41.33 -44.31
N LEU A 261 29.65 41.24 -44.10
CA LEU A 261 28.85 42.42 -43.78
C LEU A 261 28.74 42.67 -42.29
N SER A 262 28.90 43.93 -41.90
CA SER A 262 28.67 44.35 -40.52
C SER A 262 27.24 44.87 -40.39
N ILE A 263 26.40 44.12 -39.69
CA ILE A 263 24.99 44.46 -39.60
C ILE A 263 24.56 44.82 -38.18
N ALA A 264 23.95 45.99 -38.04
CA ALA A 264 23.41 46.43 -36.76
C ALA A 264 21.89 46.23 -36.74
N VAL A 265 21.38 45.74 -35.62
CA VAL A 265 19.95 45.44 -35.50
C VAL A 265 19.32 46.16 -34.32
N ILE A 266 18.30 46.98 -34.59
CA ILE A 266 17.61 47.71 -33.55
C ILE A 266 16.15 47.28 -33.46
N SER A 267 15.86 46.36 -32.55
CA SER A 267 14.51 45.84 -32.40
C SER A 267 13.75 46.58 -31.30
N ILE A 268 12.47 46.86 -31.56
CA ILE A 268 11.65 47.60 -30.61
C ILE A 268 10.40 46.81 -30.22
N ASP A 269 10.16 46.72 -28.91
CA ASP A 269 8.96 46.08 -28.40
C ASP A 269 8.22 47.06 -27.49
N PRO A 270 6.89 46.91 -27.37
CA PRO A 270 6.12 47.88 -26.59
C PRO A 270 6.35 47.76 -25.10
N SER A 271 6.24 48.88 -24.39
CA SER A 271 6.37 48.91 -22.94
C SER A 271 5.03 49.14 -22.26
N ARG A 272 4.82 48.45 -21.14
CA ARG A 272 3.63 48.64 -20.32
C ARG A 272 3.54 50.06 -19.80
N ARG A 273 2.37 50.69 -19.97
CA ARG A 273 2.18 52.09 -19.61
C ARG A 273 2.23 52.33 -18.11
N LYS A 274 1.58 51.45 -17.35
CA LYS A 274 1.45 51.61 -15.90
C LYS A 274 2.79 51.49 -15.17
N SER A 275 3.52 50.42 -15.47
CA SER A 275 4.78 50.13 -14.78
C SER A 275 5.93 51.01 -15.24
N GLY A 276 6.10 51.12 -16.54
CA GLY A 276 7.23 51.83 -17.10
C GLY A 276 8.27 50.86 -17.62
N GLY A 277 8.15 49.61 -17.20
CA GLY A 277 9.02 48.55 -17.66
C GLY A 277 8.64 48.05 -19.04
N ALA A 278 9.33 47.03 -19.52
CA ALA A 278 9.08 46.52 -20.86
C ALA A 278 9.56 45.07 -21.02
N LEU A 279 8.93 44.36 -21.95
CA LEU A 279 9.35 43.02 -22.32
C LEU A 279 9.95 43.05 -23.72
N LEU A 280 11.26 42.90 -23.81
CA LEU A 280 11.96 43.00 -25.08
C LEU A 280 12.29 41.63 -25.65
N GLY A 281 11.27 40.94 -26.14
CA GLY A 281 11.41 39.57 -26.61
C GLY A 281 11.62 39.43 -28.10
N ASP A 282 12.55 40.20 -28.65
CA ASP A 282 12.92 40.09 -30.05
C ASP A 282 14.26 39.36 -30.19
N ARG A 283 15.13 39.56 -29.20
CA ARG A 283 16.45 38.95 -29.22
C ARG A 283 16.38 37.44 -29.08
N ILE A 284 15.35 36.97 -28.38
CA ILE A 284 15.18 35.54 -28.10
C ILE A 284 14.98 34.73 -29.38
N ARG A 285 14.58 35.41 -30.45
CA ARG A 285 14.32 34.77 -31.75
C ARG A 285 15.57 34.72 -32.62
N MET A 286 16.48 35.68 -32.39
CA MET A 286 17.65 35.87 -33.26
C MET A 286 18.72 34.80 -33.07
N ASN A 287 18.72 33.80 -33.95
CA ASN A 287 19.69 32.71 -33.91
C ASN A 287 20.92 32.98 -34.76
N ALA A 288 20.85 34.01 -35.61
CA ALA A 288 21.91 34.27 -36.57
C ALA A 288 22.74 35.50 -36.23
N ILE A 289 22.50 36.09 -35.07
CA ILE A 289 23.22 37.30 -34.68
C ILE A 289 24.49 37.00 -33.89
N ASN A 290 24.68 35.74 -33.51
CA ASN A 290 25.85 35.36 -32.73
C ASN A 290 27.12 35.39 -33.57
N HIS A 291 27.64 36.60 -33.77
CA HIS A 291 28.83 36.81 -34.58
C HIS A 291 29.37 38.22 -34.30
N PRO A 292 30.70 38.38 -34.31
CA PRO A 292 31.33 39.69 -34.06
C PRO A 292 30.92 40.78 -35.05
N ASN A 293 30.39 40.41 -36.21
CA ASN A 293 29.96 41.39 -37.20
C ASN A 293 28.51 41.81 -37.02
N ILE A 294 27.81 41.12 -36.13
CA ILE A 294 26.41 41.46 -35.86
C ILE A 294 26.25 42.09 -34.49
N PHE A 295 25.51 43.19 -34.44
CA PHE A 295 25.26 43.93 -33.21
C PHE A 295 23.75 44.14 -33.06
N MET A 296 23.22 43.92 -31.86
CA MET A 296 21.80 44.13 -31.64
C MET A 296 21.49 44.84 -30.33
N ARG A 297 20.53 45.76 -30.39
CA ARG A 297 20.08 46.49 -29.21
C ARG A 297 18.56 46.53 -29.18
N SER A 298 17.98 46.08 -28.06
CA SER A 298 16.53 46.06 -27.90
C SER A 298 16.04 47.31 -27.18
N LEU A 299 15.24 48.12 -27.88
CA LEU A 299 14.75 49.38 -27.32
C LEU A 299 13.30 49.28 -26.87
N ALA A 300 12.99 49.94 -25.75
CA ALA A 300 11.60 50.07 -25.31
C ALA A 300 11.01 51.35 -25.90
N THR A 301 9.72 51.30 -26.24
CA THR A 301 9.05 52.46 -26.81
C THR A 301 9.05 53.62 -25.84
N ARG A 302 8.89 53.30 -24.56
CA ARG A 302 8.82 54.29 -23.48
C ARG A 302 7.70 55.31 -23.73
N GLU A 303 6.71 54.88 -24.50
CA GLU A 303 5.51 55.67 -24.80
C GLU A 303 4.32 54.72 -24.94
N ALA A 304 3.21 55.10 -24.32
CA ALA A 304 2.03 54.23 -24.28
C ALA A 304 1.24 54.23 -25.58
N GLY A 305 1.79 54.86 -26.61
CA GLY A 305 1.10 54.97 -27.89
C GLY A 305 1.93 54.60 -29.10
N SER A 306 3.09 55.22 -29.24
CA SER A 306 3.90 55.06 -30.45
C SER A 306 4.47 53.66 -30.60
N GLU A 307 4.89 53.34 -31.83
CA GLU A 307 5.39 52.01 -32.16
C GLU A 307 6.92 51.97 -32.21
N ILE A 308 7.54 53.14 -32.26
CA ILE A 308 9.00 53.22 -32.30
C ILE A 308 9.55 53.95 -31.08
N SER A 309 10.86 53.87 -30.88
CA SER A 309 11.51 54.55 -29.77
C SER A 309 11.55 56.05 -30.02
N GLN A 310 11.36 56.83 -28.97
CA GLN A 310 11.41 58.29 -29.07
C GLN A 310 12.81 58.77 -29.45
N ALA A 311 13.79 57.91 -29.21
CA ALA A 311 15.17 58.21 -29.53
C ALA A 311 15.69 57.32 -30.67
N LEU A 312 14.79 56.85 -31.53
CA LEU A 312 15.20 56.01 -32.65
C LEU A 312 16.14 56.72 -33.65
N PRO A 313 15.81 57.98 -34.06
CA PRO A 313 16.72 58.63 -35.02
C PRO A 313 18.16 58.79 -34.52
N ASP A 314 18.34 58.93 -33.21
CA ASP A 314 19.67 59.05 -32.64
C ASP A 314 20.40 57.70 -32.59
N VAL A 315 19.66 56.66 -32.20
CA VAL A 315 20.24 55.32 -32.11
C VAL A 315 20.67 54.82 -33.48
N ILE A 316 19.85 55.14 -34.50
CA ILE A 316 20.19 54.79 -35.87
C ILE A 316 21.46 55.51 -36.31
N ALA A 317 21.49 56.83 -36.10
CA ALA A 317 22.64 57.65 -36.46
C ALA A 317 23.91 57.19 -35.75
N ALA A 318 23.75 56.64 -34.56
CA ALA A 318 24.88 56.12 -33.79
C ALA A 318 25.48 54.89 -34.47
N CYS A 319 24.60 54.02 -34.96
CA CYS A 319 25.05 52.80 -35.64
C CYS A 319 25.65 53.10 -36.99
N LYS A 320 25.08 54.08 -37.69
CA LYS A 320 25.57 54.50 -39.00
C LYS A 320 27.00 55.04 -38.88
N ALA A 321 27.24 55.79 -37.81
CA ALA A 321 28.54 56.40 -37.57
C ALA A 321 29.56 55.36 -37.10
N ALA A 322 29.07 54.22 -36.63
CA ALA A 322 29.93 53.15 -36.15
C ALA A 322 30.44 52.29 -37.30
N ARG A 323 30.30 52.81 -38.52
CA ARG A 323 30.80 52.17 -39.73
C ARG A 323 30.21 50.78 -39.98
N PHE A 324 28.90 50.64 -39.76
CA PHE A 324 28.20 49.43 -40.12
C PHE A 324 27.86 49.47 -41.60
N ASP A 325 27.72 48.29 -42.22
CA ASP A 325 27.39 48.22 -43.64
C ASP A 325 25.88 48.36 -43.85
N LEU A 326 25.11 47.91 -42.86
CA LEU A 326 23.66 47.94 -42.95
C LEU A 326 23.03 48.02 -41.56
N VAL A 327 22.01 48.85 -41.43
CA VAL A 327 21.28 48.98 -40.17
C VAL A 327 19.84 48.51 -40.35
N ILE A 328 19.42 47.55 -39.53
CA ILE A 328 18.06 47.00 -39.63
C ILE A 328 17.24 47.36 -38.40
N VAL A 329 16.05 47.90 -38.63
CA VAL A 329 15.18 48.32 -37.55
C VAL A 329 13.85 47.58 -37.56
N GLU A 330 13.51 46.95 -36.44
CA GLU A 330 12.21 46.30 -36.27
C GLU A 330 11.34 47.10 -35.31
N THR A 331 10.14 47.46 -35.74
CA THR A 331 9.20 48.15 -34.88
C THR A 331 8.41 47.16 -34.03
N SER A 332 7.52 47.66 -33.20
CA SER A 332 6.66 46.79 -32.41
C SER A 332 5.37 46.48 -33.17
N GLY A 333 4.46 45.80 -32.49
CA GLY A 333 3.14 45.52 -33.03
C GLY A 333 2.35 46.80 -33.21
N ILE A 334 2.13 47.17 -34.47
CA ILE A 334 1.35 48.35 -34.81
C ILE A 334 0.01 47.95 -35.41
N GLY A 335 -0.94 48.88 -35.40
CA GLY A 335 -2.24 48.63 -36.00
C GLY A 335 -2.18 48.63 -37.51
N GLN A 336 -3.34 48.75 -38.15
CA GLN A 336 -3.37 48.79 -39.60
C GLN A 336 -2.99 50.18 -40.11
N GLY A 337 -3.39 51.22 -39.39
CA GLY A 337 -3.13 52.59 -39.80
C GLY A 337 -1.90 53.20 -39.18
N ASP A 338 -0.78 52.48 -39.25
CA ASP A 338 0.49 52.98 -38.72
C ASP A 338 1.60 52.90 -39.77
N ALA A 339 2.51 53.88 -39.72
CA ALA A 339 3.63 53.95 -40.66
C ALA A 339 4.71 54.88 -40.12
N ALA A 340 5.00 54.75 -38.83
CA ALA A 340 5.95 55.65 -38.17
C ALA A 340 7.39 55.31 -38.53
N ILE A 341 7.62 54.12 -39.06
CA ILE A 341 8.96 53.69 -39.40
C ILE A 341 9.42 54.30 -40.72
N VAL A 342 8.47 54.69 -41.55
CA VAL A 342 8.75 55.14 -42.91
C VAL A 342 9.75 56.31 -43.06
N PRO A 343 9.60 57.39 -42.28
CA PRO A 343 10.54 58.49 -42.52
C PRO A 343 11.95 58.23 -42.01
N HIS A 344 12.11 57.25 -41.12
CA HIS A 344 13.39 57.02 -40.46
C HIS A 344 14.27 56.00 -41.18
N VAL A 345 13.74 55.37 -42.23
CA VAL A 345 14.48 54.34 -42.93
C VAL A 345 14.57 54.61 -44.43
N ASP A 346 15.43 53.87 -45.11
CA ASP A 346 15.60 53.99 -46.56
C ASP A 346 14.66 53.04 -47.29
N LEU A 347 14.48 51.86 -46.71
CA LEU A 347 13.54 50.87 -47.24
C LEU A 347 12.64 50.34 -46.13
N SER A 348 11.40 50.04 -46.47
CA SER A 348 10.44 49.55 -45.49
C SER A 348 9.85 48.21 -45.92
N LEU A 349 9.73 47.29 -44.97
CA LEU A 349 9.18 45.97 -45.23
C LEU A 349 7.99 45.69 -44.33
N TYR A 350 6.81 45.59 -44.91
CA TYR A 350 5.60 45.26 -44.15
C TYR A 350 5.46 43.76 -44.02
N VAL A 351 5.42 43.28 -42.78
CA VAL A 351 5.26 41.86 -42.51
C VAL A 351 3.85 41.57 -42.01
N MET A 352 3.19 40.61 -42.65
CA MET A 352 1.83 40.26 -42.26
C MET A 352 1.57 38.78 -42.44
N THR A 353 0.41 38.33 -41.95
CA THR A 353 0.00 36.94 -42.04
C THR A 353 -1.19 36.84 -42.98
N PRO A 354 -1.49 35.62 -43.48
CA PRO A 354 -2.69 35.44 -44.32
C PRO A 354 -4.01 35.77 -43.61
N GLU A 355 -3.98 35.85 -42.29
CA GLU A 355 -5.19 36.19 -41.53
C GLU A 355 -5.32 37.71 -41.39
N PHE A 356 -6.06 38.32 -42.31
CA PHE A 356 -6.30 39.76 -42.26
C PHE A 356 -7.77 40.08 -42.45
N GLY A 357 -8.59 39.04 -42.50
CA GLY A 357 -10.02 39.20 -42.68
C GLY A 357 -10.41 39.29 -44.14
N ALA A 358 -11.35 40.18 -44.45
CA ALA A 358 -11.81 40.37 -45.81
C ALA A 358 -10.76 41.08 -46.66
N ALA A 359 -10.98 41.09 -47.97
CA ALA A 359 -10.05 41.70 -48.91
C ALA A 359 -10.10 43.22 -48.86
N SER A 360 -11.24 43.75 -48.43
CA SER A 360 -11.45 45.18 -48.36
C SER A 360 -10.69 45.82 -47.20
N GLN A 361 -10.26 44.99 -46.25
CA GLN A 361 -9.53 45.47 -45.08
C GLN A 361 -8.16 46.02 -45.48
N LEU A 362 -7.66 45.56 -46.64
CA LEU A 362 -6.37 45.99 -47.14
C LEU A 362 -6.37 47.45 -47.57
N GLU A 363 -7.56 47.99 -47.82
CA GLU A 363 -7.71 49.39 -48.20
C GLU A 363 -7.65 50.29 -46.98
N LYS A 364 -7.44 49.71 -45.82
CA LYS A 364 -7.34 50.47 -44.57
C LYS A 364 -5.91 50.51 -44.06
N ILE A 365 -5.10 49.55 -44.51
CA ILE A 365 -3.72 49.43 -44.09
C ILE A 365 -2.83 50.52 -44.69
N ASP A 366 -2.50 51.52 -43.88
CA ASP A 366 -1.70 52.65 -44.31
C ASP A 366 -0.32 52.22 -44.83
N MET A 367 0.22 51.16 -44.24
CA MET A 367 1.58 50.74 -44.54
C MET A 367 1.71 50.13 -45.94
N LEU A 368 0.58 49.72 -46.51
CA LEU A 368 0.58 49.18 -47.87
C LEU A 368 0.74 50.29 -48.90
N ASP A 369 0.86 51.52 -48.42
CA ASP A 369 1.04 52.68 -49.28
C ASP A 369 2.50 53.11 -49.35
N PHE A 370 3.29 52.69 -48.37
CA PHE A 370 4.68 53.14 -48.26
C PHE A 370 5.68 52.01 -48.35
N ALA A 371 5.23 50.78 -48.06
CA ALA A 371 6.12 49.62 -48.03
C ALA A 371 6.80 49.39 -49.37
N ASP A 372 8.12 49.35 -49.36
CA ASP A 372 8.89 49.03 -50.56
C ASP A 372 8.79 47.54 -50.84
N PHE A 373 8.66 46.75 -49.77
CA PHE A 373 8.46 45.31 -49.88
C PHE A 373 7.36 44.87 -48.93
N VAL A 374 6.64 43.83 -49.33
CA VAL A 374 5.62 43.26 -48.46
C VAL A 374 5.84 41.76 -48.32
N ALA A 375 5.96 41.30 -47.09
CA ALA A 375 6.15 39.88 -46.83
C ALA A 375 4.94 39.29 -46.15
N ILE A 376 4.27 38.37 -46.83
CA ILE A 376 3.18 37.63 -46.22
C ILE A 376 3.76 36.38 -45.57
N ASN A 377 4.20 36.54 -44.33
CA ASN A 377 4.82 35.46 -43.58
C ASN A 377 3.80 34.42 -43.17
N LYS A 378 4.26 33.32 -42.58
CA LYS A 378 3.41 32.21 -42.18
C LYS A 378 2.59 31.74 -43.37
N PHE A 379 3.27 31.57 -44.51
CA PHE A 379 2.62 31.16 -45.74
C PHE A 379 2.22 29.69 -45.70
N ASP A 380 2.50 29.05 -44.56
CA ASP A 380 2.12 27.66 -44.34
C ASP A 380 0.66 27.56 -43.90
N ARG A 381 0.09 28.67 -43.46
CA ARG A 381 -1.28 28.66 -42.95
C ARG A 381 -2.31 28.69 -44.09
N LYS A 382 -3.56 28.40 -43.73
CA LYS A 382 -4.65 28.33 -44.70
C LYS A 382 -4.94 29.69 -45.32
N GLY A 383 -5.29 29.70 -46.59
CA GLY A 383 -5.66 30.91 -47.28
C GLY A 383 -4.49 31.82 -47.60
N ALA A 384 -3.28 31.28 -47.51
CA ALA A 384 -2.06 32.04 -47.80
C ALA A 384 -2.01 32.43 -49.28
N GLN A 385 -2.37 31.48 -50.14
CA GLN A 385 -2.35 31.68 -51.58
C GLN A 385 -3.26 32.84 -51.99
N ASP A 386 -4.49 32.81 -51.48
CA ASP A 386 -5.48 33.85 -51.74
C ASP A 386 -5.07 35.18 -51.12
N ALA A 387 -4.45 35.11 -49.95
CA ALA A 387 -3.97 36.30 -49.26
C ALA A 387 -2.93 37.04 -50.10
N TRP A 388 -2.09 36.25 -50.77
CA TRP A 388 -1.00 36.79 -51.58
C TRP A 388 -1.51 37.60 -52.76
N ARG A 389 -2.59 37.15 -53.37
CA ARG A 389 -3.14 37.84 -54.54
C ARG A 389 -3.90 39.09 -54.15
N ASP A 390 -4.66 39.03 -53.05
CA ASP A 390 -5.37 40.21 -52.55
C ASP A 390 -4.39 41.34 -52.25
N VAL A 391 -3.28 41.01 -51.59
CA VAL A 391 -2.27 42.00 -51.23
C VAL A 391 -1.53 42.51 -52.47
N ALA A 392 -1.14 41.59 -53.34
CA ALA A 392 -0.46 41.96 -54.58
C ALA A 392 -1.32 42.92 -55.41
N LYS A 393 -2.59 42.60 -55.52
CA LYS A 393 -3.52 43.45 -56.25
C LYS A 393 -3.69 44.81 -55.58
N GLN A 394 -3.70 44.81 -54.25
CA GLN A 394 -3.85 46.06 -53.49
C GLN A 394 -2.63 46.95 -53.64
N VAL A 395 -1.45 46.35 -53.57
CA VAL A 395 -0.20 47.08 -53.75
C VAL A 395 -0.12 47.60 -55.18
N GLN A 396 -0.60 46.80 -56.13
CA GLN A 396 -0.66 47.21 -57.53
C GLN A 396 -1.55 48.43 -57.70
N ARG A 397 -2.66 48.45 -56.96
CA ARG A 397 -3.58 49.57 -57.02
C ARG A 397 -2.97 50.80 -56.35
N ASN A 398 -2.37 50.60 -55.17
CA ASN A 398 -1.77 51.69 -54.42
C ASN A 398 -0.66 52.38 -55.19
N ARG A 399 0.06 51.61 -56.00
CA ARG A 399 1.16 52.15 -56.80
C ARG A 399 0.68 52.57 -58.19
N GLU A 400 -0.58 52.24 -58.49
CA GLU A 400 -1.18 52.55 -59.78
C GLU A 400 -0.36 51.98 -60.94
N GLN A 401 0.16 50.77 -60.74
CA GLN A 401 0.94 50.10 -61.78
C GLN A 401 0.09 49.08 -62.52
N TRP A 402 -0.85 49.58 -63.33
CA TRP A 402 -1.74 48.72 -64.11
C TRP A 402 -1.05 48.20 -65.36
N HIS A 403 0.14 48.71 -65.61
CA HIS A 403 0.93 48.30 -66.76
C HIS A 403 1.82 47.12 -66.42
N SER A 404 1.58 46.52 -65.26
CA SER A 404 2.38 45.39 -64.80
C SER A 404 1.52 44.28 -64.24
N ARG A 405 2.10 43.09 -64.12
CA ARG A 405 1.40 41.95 -63.56
C ARG A 405 1.48 41.98 -62.04
N ALA A 406 0.42 41.53 -61.37
CA ALA A 406 0.38 41.49 -59.92
C ALA A 406 1.48 40.59 -59.36
N GLU A 407 1.89 39.61 -60.16
CA GLU A 407 2.94 38.69 -59.77
C GLU A 407 4.32 39.34 -59.84
N ASP A 408 4.37 40.57 -60.35
CA ASP A 408 5.62 41.31 -60.45
C ASP A 408 5.75 42.32 -59.32
N MET A 409 4.76 42.38 -58.46
CA MET A 409 4.79 43.28 -57.32
C MET A 409 5.74 42.74 -56.25
N PRO A 410 6.35 43.63 -55.46
CA PRO A 410 7.29 43.23 -54.40
C PRO A 410 6.61 42.53 -53.22
N VAL A 411 5.57 41.75 -53.51
CA VAL A 411 4.87 41.01 -52.46
C VAL A 411 5.32 39.56 -52.46
N TYR A 412 5.95 39.15 -51.37
CA TYR A 412 6.48 37.79 -51.27
C TYR A 412 5.69 36.97 -50.25
N GLY A 413 5.70 35.66 -50.46
CA GLY A 413 5.11 34.74 -49.50
C GLY A 413 6.22 33.97 -48.81
N THR A 414 6.39 34.20 -47.51
CA THR A 414 7.51 33.63 -46.78
C THR A 414 7.08 32.72 -45.64
N GLN A 415 7.98 31.80 -45.27
CA GLN A 415 7.79 30.96 -44.11
C GLN A 415 9.07 30.89 -43.30
N ALA A 416 9.24 31.83 -42.38
CA ALA A 416 10.47 31.94 -41.60
C ALA A 416 10.70 30.74 -40.70
N SER A 417 9.62 30.06 -40.33
CA SER A 417 9.71 28.90 -39.46
C SER A 417 10.39 27.73 -40.16
N ARG A 418 10.34 27.74 -41.49
CA ARG A 418 10.91 26.68 -42.32
C ARG A 418 12.37 26.94 -42.66
N PHE A 419 13.23 25.98 -42.35
CA PHE A 419 14.67 26.10 -42.57
C PHE A 419 15.01 26.16 -44.06
N ASN A 420 15.83 27.13 -44.44
CA ASN A 420 16.20 27.36 -45.83
C ASN A 420 14.99 27.53 -46.73
N ASP A 421 13.99 28.25 -46.24
CA ASP A 421 12.79 28.53 -47.00
C ASP A 421 13.12 29.30 -48.27
N ASP A 422 12.72 28.78 -49.43
CA ASP A 422 12.98 29.44 -50.69
C ASP A 422 12.22 30.76 -50.79
N GLY A 423 11.10 30.85 -50.10
CA GLY A 423 10.32 32.07 -50.06
C GLY A 423 11.09 33.22 -49.45
N VAL A 424 11.70 32.95 -48.29
CA VAL A 424 12.50 33.94 -47.60
C VAL A 424 13.69 34.38 -48.46
N THR A 425 14.28 33.41 -49.16
CA THR A 425 15.42 33.68 -50.03
C THR A 425 15.00 34.59 -51.19
N MET A 426 13.80 34.37 -51.72
CA MET A 426 13.26 35.20 -52.78
C MET A 426 13.11 36.64 -52.30
N LEU A 427 12.60 36.81 -51.09
CA LEU A 427 12.48 38.13 -50.49
C LEU A 427 13.86 38.74 -50.27
N TYR A 428 14.79 37.93 -49.79
CA TYR A 428 16.16 38.38 -49.57
C TYR A 428 16.80 38.86 -50.88
N GLN A 429 16.64 38.08 -51.94
CA GLN A 429 17.18 38.43 -53.25
C GLN A 429 16.64 39.79 -53.69
N GLY A 430 15.35 40.02 -53.42
CA GLY A 430 14.72 41.26 -53.78
C GLY A 430 15.25 42.44 -52.98
N LEU A 431 15.44 42.23 -51.68
CA LEU A 431 15.95 43.27 -50.80
C LEU A 431 17.37 43.69 -51.16
N VAL A 432 18.20 42.73 -51.53
CA VAL A 432 19.58 42.99 -51.89
C VAL A 432 19.66 43.88 -53.14
N GLY A 433 18.88 43.54 -54.16
CA GLY A 433 18.83 44.32 -55.37
C GLY A 433 18.40 45.76 -55.10
N ALA A 434 17.49 45.91 -54.16
CA ALA A 434 17.00 47.23 -53.77
C ALA A 434 18.07 48.01 -53.00
N LEU A 435 18.72 47.33 -52.05
CA LEU A 435 19.80 47.91 -51.29
C LEU A 435 21.04 48.12 -52.14
N GLY A 436 21.16 47.33 -53.20
CA GLY A 436 22.28 47.43 -54.11
C GLY A 436 22.34 48.78 -54.80
N ALA A 437 21.19 49.24 -55.26
CA ALA A 437 21.10 50.55 -55.91
C ALA A 437 20.95 51.65 -54.87
N ARG A 438 20.82 51.25 -53.61
CA ARG A 438 20.67 52.20 -52.51
C ARG A 438 22.04 52.54 -51.90
N GLY A 439 23.08 52.41 -52.72
CA GLY A 439 24.44 52.73 -52.29
C GLY A 439 24.98 51.77 -51.26
N MET A 440 25.06 50.49 -51.63
CA MET A 440 25.62 49.47 -50.75
C MET A 440 26.47 48.49 -51.54
N SER A 441 27.79 48.58 -51.37
CA SER A 441 28.71 47.67 -52.04
C SER A 441 28.66 46.30 -51.39
N LEU A 442 28.40 45.27 -52.20
CA LEU A 442 28.40 43.90 -51.72
C LEU A 442 28.79 42.92 -52.83
N LYS A 443 29.48 41.86 -52.45
CA LYS A 443 29.94 40.85 -53.40
C LYS A 443 28.76 40.13 -54.05
N PRO A 444 28.98 39.58 -55.26
CA PRO A 444 27.95 38.73 -55.88
C PRO A 444 27.61 37.54 -54.99
N GLY A 445 26.34 37.19 -54.92
CA GLY A 445 25.86 36.21 -53.97
C GLY A 445 26.39 34.79 -54.12
N THR A 446 26.42 34.07 -53.01
CA THR A 446 26.76 32.65 -53.00
C THR A 446 25.47 31.83 -52.91
N LEU A 447 24.39 32.50 -52.53
CA LEU A 447 23.07 31.88 -52.47
C LEU A 447 22.48 31.70 -53.87
N PRO A 448 21.59 30.71 -54.03
CA PRO A 448 20.91 30.53 -55.32
C PRO A 448 20.07 31.73 -55.71
N ASN A 449 20.49 32.47 -56.73
CA ASN A 449 19.73 33.60 -57.22
C ASN A 449 18.49 33.13 -57.97
N LEU A 450 17.50 32.65 -57.23
CA LEU A 450 16.30 32.07 -57.82
C LEU A 450 15.19 33.11 -57.99
N GLU A 451 14.10 32.69 -58.62
CA GLU A 451 13.04 33.61 -59.03
C GLU A 451 11.68 33.18 -58.49
N GLY A 452 10.76 34.12 -58.40
CA GLY A 452 9.44 33.86 -57.86
C GLY A 452 9.13 34.75 -56.67
N ARG A 453 7.88 34.71 -56.21
CA ARG A 453 7.47 35.52 -55.08
C ARG A 453 6.96 34.63 -53.95
N ILE A 454 6.58 33.41 -54.30
CA ILE A 454 5.85 32.54 -53.39
C ILE A 454 6.73 31.41 -52.86
N SER A 455 6.62 31.14 -51.56
CA SER A 455 7.28 29.99 -50.95
C SER A 455 6.69 28.69 -51.48
N THR A 456 7.57 27.75 -51.82
CA THR A 456 7.15 26.44 -52.29
C THR A 456 7.34 25.40 -51.20
N GLY A 457 6.66 25.60 -50.07
CA GLY A 457 6.78 24.72 -48.92
C GLY A 457 6.31 23.31 -49.18
N GLN A 458 7.11 22.34 -48.72
CA GLN A 458 6.81 20.93 -48.93
C GLN A 458 6.61 20.20 -47.60
N ASN A 459 6.94 20.86 -46.50
CA ASN A 459 6.81 20.27 -45.17
C ASN A 459 5.36 20.03 -44.80
N VAL A 460 4.76 18.99 -45.37
CA VAL A 460 3.37 18.65 -45.09
C VAL A 460 3.27 17.63 -43.96
N ILE A 461 2.73 18.05 -42.82
CA ILE A 461 2.55 17.16 -41.68
C ILE A 461 1.11 16.65 -41.62
N VAL A 462 0.18 17.55 -41.33
CA VAL A 462 -1.23 17.17 -41.34
C VAL A 462 -2.02 18.07 -42.27
N PRO A 463 -2.38 17.53 -43.46
CA PRO A 463 -3.09 18.29 -44.49
C PRO A 463 -4.41 18.86 -43.98
N PRO A 464 -4.73 20.11 -44.38
CA PRO A 464 -5.91 20.85 -43.92
C PRO A 464 -7.22 20.09 -44.08
N ALA A 465 -7.27 19.16 -45.03
CA ALA A 465 -8.44 18.32 -45.22
C ALA A 465 -8.64 17.40 -44.01
N ARG A 466 -7.54 17.05 -43.35
CA ARG A 466 -7.59 16.15 -42.20
C ARG A 466 -7.50 16.92 -40.88
N SER A 467 -7.65 18.24 -40.96
CA SER A 467 -7.51 19.11 -39.79
C SER A 467 -8.37 18.69 -38.62
N ARG A 468 -9.57 18.20 -38.93
CA ARG A 468 -10.55 17.83 -37.91
C ARG A 468 -10.48 16.36 -37.51
N TYR A 469 -9.27 15.78 -37.55
CA TYR A 469 -9.11 14.34 -37.33
C TYR A 469 -9.49 13.93 -35.91
N LEU A 470 -9.15 14.77 -34.92
CA LEU A 470 -9.49 14.46 -33.54
C LEU A 470 -10.99 14.47 -33.31
N ALA A 471 -11.69 15.33 -34.04
CA ALA A 471 -13.14 15.41 -33.96
C ALA A 471 -13.77 14.16 -34.56
N GLU A 472 -13.23 13.71 -35.68
CA GLU A 472 -13.71 12.51 -36.34
C GLU A 472 -13.53 11.29 -35.44
N LEU A 473 -12.41 11.25 -34.73
CA LEU A 473 -12.14 10.16 -33.80
C LEU A 473 -13.14 10.15 -32.66
N ALA A 474 -13.45 11.33 -32.15
CA ALA A 474 -14.43 11.47 -31.07
C ALA A 474 -15.80 10.98 -31.53
N ASP A 475 -16.12 11.25 -32.79
CA ASP A 475 -17.37 10.80 -33.38
C ASP A 475 -17.40 9.28 -33.50
N THR A 476 -16.24 8.71 -33.84
CA THR A 476 -16.12 7.27 -34.05
C THR A 476 -16.38 6.49 -32.76
N VAL A 477 -15.81 6.97 -31.66
CA VAL A 477 -16.00 6.31 -30.37
C VAL A 477 -17.44 6.41 -29.91
N ARG A 478 -18.02 7.60 -30.01
CA ARG A 478 -19.41 7.81 -29.60
C ARG A 478 -20.35 6.99 -30.47
N ALA A 479 -20.00 6.83 -31.74
CA ALA A 479 -20.77 6.01 -32.66
C ALA A 479 -20.75 4.55 -32.23
N TYR A 480 -19.59 4.11 -31.75
CA TYR A 480 -19.43 2.75 -31.25
C TYR A 480 -20.36 2.51 -30.07
N HIS A 481 -20.39 3.47 -29.14
CA HIS A 481 -21.21 3.35 -27.94
C HIS A 481 -22.70 3.38 -28.26
N ARG A 482 -23.07 4.16 -29.27
CA ARG A 482 -24.47 4.20 -29.69
C ARG A 482 -24.90 2.82 -30.21
N ARG A 483 -23.99 2.13 -30.89
CA ARG A 483 -24.27 0.80 -31.38
C ARG A 483 -24.34 -0.21 -30.24
N VAL A 484 -23.49 -0.02 -29.23
CA VAL A 484 -23.50 -0.88 -28.05
C VAL A 484 -24.88 -0.86 -27.40
N VAL A 485 -25.44 0.33 -27.21
CA VAL A 485 -26.77 0.48 -26.63
C VAL A 485 -27.83 -0.18 -27.49
N ALA A 486 -27.76 0.09 -28.80
CA ALA A 486 -28.74 -0.42 -29.75
C ALA A 486 -28.75 -1.94 -29.82
N GLN A 487 -27.56 -2.52 -29.98
CA GLN A 487 -27.44 -3.97 -30.07
C GLN A 487 -27.78 -4.66 -28.76
N SER A 488 -27.40 -4.03 -27.64
CA SER A 488 -27.70 -4.57 -26.33
C SER A 488 -29.21 -4.65 -26.10
N LYS A 489 -29.92 -3.62 -26.52
CA LYS A 489 -31.37 -3.58 -26.39
C LYS A 489 -32.01 -4.69 -27.23
N LEU A 490 -31.45 -4.93 -28.41
CA LEU A 490 -31.96 -5.96 -29.30
C LEU A 490 -31.69 -7.36 -28.76
N ALA A 491 -30.50 -7.54 -28.17
CA ALA A 491 -30.14 -8.83 -27.59
C ALA A 491 -31.06 -9.18 -26.43
N ARG A 492 -31.44 -8.16 -25.68
CA ARG A 492 -32.36 -8.32 -24.56
C ARG A 492 -33.75 -8.70 -25.04
N GLU A 493 -34.28 -7.92 -25.98
CA GLU A 493 -35.60 -8.16 -26.53
C GLU A 493 -35.70 -9.54 -27.18
N ARG A 494 -34.63 -9.95 -27.87
CA ARG A 494 -34.61 -11.26 -28.50
C ARG A 494 -34.72 -12.36 -27.45
N GLN A 495 -34.00 -12.18 -26.34
CA GLN A 495 -34.02 -13.15 -25.26
C GLN A 495 -35.37 -13.15 -24.53
N GLN A 496 -35.89 -11.95 -24.27
CA GLN A 496 -37.15 -11.79 -23.57
C GLN A 496 -38.31 -12.48 -24.30
N LEU A 497 -38.30 -12.38 -25.62
CA LEU A 497 -39.35 -13.00 -26.43
C LEU A 497 -39.27 -14.52 -26.38
N ARG A 498 -38.11 -15.06 -26.75
CA ARG A 498 -37.91 -16.50 -26.80
C ARG A 498 -38.10 -17.15 -25.43
N ALA A 499 -37.77 -16.42 -24.38
CA ALA A 499 -37.98 -16.90 -23.02
C ALA A 499 -39.47 -16.98 -22.70
N ALA A 500 -40.19 -15.90 -23.03
CA ALA A 500 -41.62 -15.82 -22.78
C ALA A 500 -42.39 -16.84 -23.63
N HIS A 501 -41.84 -17.15 -24.81
CA HIS A 501 -42.46 -18.11 -25.71
C HIS A 501 -42.39 -19.52 -25.14
N ASP A 502 -41.28 -19.83 -24.48
CA ASP A 502 -41.10 -21.14 -23.86
C ASP A 502 -42.00 -21.30 -22.64
N MET A 503 -42.25 -20.18 -21.95
CA MET A 503 -43.08 -20.19 -20.76
C MET A 503 -44.54 -20.39 -21.10
N LEU A 504 -44.95 -19.93 -22.29
CA LEU A 504 -46.30 -20.16 -22.78
C LEU A 504 -46.45 -21.59 -23.29
N GLN A 505 -45.49 -22.01 -24.12
CA GLN A 505 -45.52 -23.33 -24.73
C GLN A 505 -45.45 -24.44 -23.69
N GLY A 506 -44.86 -24.11 -22.53
CA GLY A 506 -44.79 -25.05 -21.42
C GLY A 506 -46.02 -24.98 -20.54
N ALA A 507 -46.85 -23.97 -20.77
CA ALA A 507 -48.08 -23.81 -20.00
C ALA A 507 -49.30 -24.21 -20.82
N GLY A 508 -49.06 -24.90 -21.93
CA GLY A 508 -50.13 -25.36 -22.78
C GLY A 508 -50.32 -24.52 -24.02
N HIS A 509 -51.13 -23.46 -23.90
CA HIS A 509 -51.44 -22.57 -25.01
C HIS A 509 -50.18 -21.92 -25.60
N GLU A 510 -50.13 -21.86 -26.92
CA GLU A 510 -48.93 -21.36 -27.61
C GLU A 510 -49.24 -20.19 -28.52
N SER A 511 -48.36 -19.19 -28.52
CA SER A 511 -48.48 -18.05 -29.40
C SER A 511 -47.23 -17.91 -30.27
N ALA A 512 -47.31 -18.43 -31.49
CA ALA A 512 -46.16 -18.44 -32.40
C ALA A 512 -45.84 -17.04 -32.92
N ALA A 513 -46.70 -16.08 -32.60
CA ALA A 513 -46.49 -14.70 -32.99
C ALA A 513 -45.22 -14.13 -32.33
N LEU A 514 -44.90 -14.63 -31.15
CA LEU A 514 -43.70 -14.22 -30.43
C LEU A 514 -42.43 -14.56 -31.21
N GLU A 515 -42.44 -15.73 -31.84
CA GLU A 515 -41.28 -16.19 -32.60
C GLU A 515 -40.98 -15.27 -33.78
N THR A 516 -42.05 -14.74 -34.39
CA THR A 516 -41.91 -13.84 -35.52
C THR A 516 -41.13 -12.58 -35.13
N LEU A 517 -41.43 -12.04 -33.95
CA LEU A 517 -40.74 -10.87 -33.45
C LEU A 517 -39.30 -11.20 -33.05
N ALA A 518 -39.11 -12.40 -32.53
CA ALA A 518 -37.79 -12.85 -32.10
C ALA A 518 -36.87 -13.05 -33.30
N SER A 519 -37.41 -13.64 -34.37
CA SER A 519 -36.66 -13.85 -35.60
C SER A 519 -36.28 -12.53 -36.24
N GLU A 520 -37.11 -11.52 -36.03
CA GLU A 520 -36.86 -10.18 -36.55
C GLU A 520 -35.64 -9.56 -35.87
N ARG A 521 -35.41 -9.94 -34.61
CA ARG A 521 -34.27 -9.45 -33.86
C ARG A 521 -32.96 -10.06 -34.34
N ASP A 522 -33.04 -11.29 -34.84
CA ASP A 522 -31.86 -12.00 -35.35
C ASP A 522 -31.25 -11.27 -36.54
N VAL A 523 -32.11 -10.75 -37.41
CA VAL A 523 -31.65 -9.99 -38.56
C VAL A 523 -31.13 -8.63 -38.12
N SER A 524 -31.78 -8.05 -37.12
CA SER A 524 -31.40 -6.74 -36.60
C SER A 524 -30.04 -6.79 -35.90
N LEU A 525 -29.80 -7.84 -35.13
CA LEU A 525 -28.52 -8.04 -34.47
C LEU A 525 -27.41 -8.25 -35.51
N GLY A 526 -26.33 -7.49 -35.37
CA GLY A 526 -25.22 -7.58 -36.31
C GLY A 526 -24.56 -8.96 -36.30
N ALA A 527 -23.81 -9.24 -37.36
CA ALA A 527 -23.14 -10.53 -37.48
C ALA A 527 -22.04 -10.68 -36.43
N VAL A 528 -21.40 -9.57 -36.10
CA VAL A 528 -20.34 -9.57 -35.09
C VAL A 528 -20.93 -9.73 -33.69
N GLU A 529 -22.01 -9.01 -33.42
CA GLU A 529 -22.67 -9.06 -32.12
C GLU A 529 -23.29 -10.44 -31.87
N ARG A 530 -23.81 -11.06 -32.93
CA ARG A 530 -24.45 -12.36 -32.81
C ARG A 530 -23.43 -13.43 -32.47
N LYS A 531 -22.24 -13.31 -33.04
CA LYS A 531 -21.16 -14.25 -32.77
C LYS A 531 -20.68 -14.15 -31.33
N LEU A 532 -20.66 -12.92 -30.81
CA LEU A 532 -20.24 -12.65 -29.44
C LEU A 532 -21.08 -13.42 -28.43
N LEU A 533 -22.39 -13.37 -28.60
CA LEU A 533 -23.30 -14.06 -27.69
C LEU A 533 -23.27 -15.57 -27.91
N ALA A 534 -22.88 -15.98 -29.12
CA ALA A 534 -22.81 -17.39 -29.45
C ALA A 534 -21.60 -18.05 -28.81
N MET A 535 -20.50 -17.29 -28.70
CA MET A 535 -19.25 -17.82 -28.16
C MET A 535 -19.22 -17.71 -26.64
N TRP A 536 -20.14 -16.95 -26.07
CA TRP A 536 -20.17 -16.72 -24.62
C TRP A 536 -20.26 -17.99 -23.76
N PRO A 537 -21.13 -18.96 -24.11
CA PRO A 537 -21.11 -20.17 -23.28
C PRO A 537 -19.79 -20.93 -23.41
N GLN A 538 -19.26 -20.99 -24.63
CA GLN A 538 -17.97 -21.64 -24.86
C GLN A 538 -16.85 -20.87 -24.19
N MET A 539 -17.05 -19.56 -24.06
CA MET A 539 -16.07 -18.69 -23.42
C MET A 539 -16.02 -18.96 -21.92
N GLN A 540 -17.18 -19.23 -21.32
CA GLN A 540 -17.26 -19.52 -19.90
C GLN A 540 -16.62 -20.86 -19.59
N GLN A 541 -16.77 -21.82 -20.48
CA GLN A 541 -16.20 -23.15 -20.30
C GLN A 541 -14.68 -23.09 -20.38
N ALA A 542 -14.17 -22.14 -21.15
CA ALA A 542 -12.73 -21.96 -21.29
C ALA A 542 -12.11 -21.46 -19.99
N TYR A 543 -12.66 -20.36 -19.46
CA TYR A 543 -12.12 -19.73 -18.26
C TYR A 543 -12.64 -20.35 -16.96
N SER A 544 -13.07 -21.61 -17.02
CA SER A 544 -13.62 -22.28 -15.85
C SER A 544 -12.65 -23.31 -15.28
N GLY A 545 -11.97 -24.03 -16.16
CA GLY A 545 -11.05 -25.07 -15.74
C GLY A 545 -9.82 -24.57 -15.03
N ASP A 546 -8.90 -25.47 -14.73
CA ASP A 546 -7.64 -25.11 -14.10
C ASP A 546 -6.64 -24.65 -15.14
N GLU A 547 -6.87 -25.06 -16.39
CA GLU A 547 -6.00 -24.68 -17.49
C GLU A 547 -6.76 -24.01 -18.63
N TYR A 548 -6.04 -23.24 -19.44
CA TYR A 548 -6.62 -22.58 -20.60
C TYR A 548 -6.15 -23.28 -21.87
N VAL A 549 -6.82 -24.37 -22.22
CA VAL A 549 -6.45 -25.18 -23.38
C VAL A 549 -7.16 -24.71 -24.65
N GLU A 556 -2.84 -27.84 -27.80
CA GLU A 556 -1.38 -27.78 -27.77
C GLU A 556 -0.88 -27.00 -26.57
N ILE A 557 -0.86 -25.68 -26.67
CA ILE A 557 -0.40 -24.81 -25.59
C ILE A 557 -1.40 -24.76 -24.44
N ARG A 558 -0.89 -24.73 -23.22
CA ARG A 558 -1.74 -24.67 -22.03
C ARG A 558 -1.29 -23.56 -21.09
N THR A 559 -2.23 -22.97 -20.36
CA THR A 559 -1.92 -21.90 -19.43
C THR A 559 -2.75 -22.02 -18.15
N GLY A 560 -2.09 -21.93 -17.00
CA GLY A 560 -2.75 -22.03 -15.72
C GLY A 560 -3.73 -20.88 -15.48
N LEU A 561 -4.95 -21.22 -15.08
CA LEU A 561 -5.99 -20.23 -14.84
C LEU A 561 -6.14 -19.90 -13.36
N ILE A 562 -5.59 -20.76 -12.51
CA ILE A 562 -5.85 -20.68 -11.08
C ILE A 562 -4.57 -20.62 -10.25
N SER A 563 -4.56 -19.73 -9.26
CA SER A 563 -3.52 -19.72 -8.23
C SER A 563 -4.17 -19.96 -6.86
N THR A 564 -3.72 -21.00 -6.18
CA THR A 564 -4.33 -21.41 -4.91
C THR A 564 -3.68 -20.71 -3.71
N THR A 565 -4.51 -20.24 -2.78
CA THR A 565 -4.01 -19.51 -1.61
C THR A 565 -3.59 -20.45 -0.49
N LEU A 566 -3.13 -19.86 0.61
CA LEU A 566 -2.78 -20.61 1.81
C LEU A 566 -4.01 -21.25 2.44
N SER A 567 -5.14 -20.58 2.29
CA SER A 567 -6.40 -21.06 2.85
C SER A 567 -6.97 -22.18 2.00
N GLY A 568 -6.49 -22.27 0.77
CA GLY A 568 -6.95 -23.30 -0.15
C GLY A 568 -7.86 -22.77 -1.24
N THR A 569 -8.26 -21.51 -1.11
CA THR A 569 -9.16 -20.87 -2.07
C THR A 569 -8.52 -20.78 -3.44
N LYS A 570 -9.29 -21.09 -4.48
CA LYS A 570 -8.82 -21.01 -5.85
C LYS A 570 -9.15 -19.65 -6.47
N ILE A 571 -8.11 -18.84 -6.68
CA ILE A 571 -8.28 -17.52 -7.27
C ILE A 571 -8.04 -17.53 -8.77
N ARG A 572 -9.12 -17.34 -9.54
CA ARG A 572 -9.00 -17.34 -11.00
C ARG A 572 -8.33 -16.07 -11.51
N LYS A 573 -7.46 -16.23 -12.51
CA LYS A 573 -6.76 -15.09 -13.10
C LYS A 573 -7.73 -14.10 -13.72
N VAL A 574 -8.66 -14.61 -14.52
CA VAL A 574 -9.69 -13.79 -15.14
C VAL A 574 -11.07 -14.22 -14.67
N VAL A 575 -11.76 -13.33 -13.98
CA VAL A 575 -13.08 -13.64 -13.43
C VAL A 575 -14.19 -13.15 -14.34
N LEU A 576 -15.02 -14.08 -14.81
CA LEU A 576 -16.13 -13.74 -15.69
C LEU A 576 -17.39 -13.40 -14.92
N PRO A 577 -18.21 -12.48 -15.47
CA PRO A 577 -19.50 -12.11 -14.86
C PRO A 577 -20.52 -13.25 -14.92
N ARG A 578 -21.47 -13.23 -13.98
CA ARG A 578 -22.50 -14.25 -13.89
C ARG A 578 -23.86 -13.72 -14.37
N PHE A 579 -23.84 -12.84 -15.37
CA PHE A 579 -25.07 -12.24 -15.87
C PHE A 579 -25.97 -13.27 -16.54
N GLU A 580 -27.28 -13.07 -16.39
CA GLU A 580 -28.26 -13.93 -17.03
C GLU A 580 -28.86 -13.21 -18.23
N ASP A 581 -28.99 -11.89 -18.12
CA ASP A 581 -29.49 -11.06 -19.21
C ASP A 581 -28.48 -11.00 -20.35
N GLU A 582 -28.90 -11.40 -21.54
CA GLU A 582 -28.02 -11.38 -22.71
C GLU A 582 -27.77 -9.96 -23.17
N GLY A 583 -28.55 -9.02 -22.66
CA GLY A 583 -28.31 -7.61 -22.91
C GLY A 583 -27.06 -7.15 -22.17
N GLU A 584 -26.94 -7.58 -20.93
CA GLU A 584 -25.78 -7.24 -20.11
C GLU A 584 -24.52 -7.96 -20.62
N ILE A 585 -24.70 -9.19 -21.07
CA ILE A 585 -23.59 -9.97 -21.62
C ILE A 585 -22.99 -9.27 -22.84
N LEU A 586 -23.85 -8.96 -23.81
CA LEU A 586 -23.41 -8.30 -25.03
C LEU A 586 -22.81 -6.93 -24.73
N LYS A 587 -23.45 -6.20 -23.82
CA LYS A 587 -22.96 -4.88 -23.43
C LYS A 587 -21.56 -4.96 -22.85
N TRP A 588 -21.35 -5.94 -21.97
CA TRP A 588 -20.06 -6.13 -21.34
C TRP A 588 -19.02 -6.60 -22.34
N LEU A 589 -19.43 -7.47 -23.26
CA LEU A 589 -18.51 -8.03 -24.24
C LEU A 589 -18.04 -6.97 -25.24
N MET A 590 -18.85 -5.94 -25.44
CA MET A 590 -18.50 -4.89 -26.40
C MET A 590 -17.75 -3.74 -25.75
N ARG A 591 -18.06 -3.45 -24.49
CA ARG A 591 -17.46 -2.31 -23.81
C ARG A 591 -16.21 -2.70 -23.03
N GLU A 592 -16.23 -3.87 -22.41
CA GLU A 592 -15.09 -4.36 -21.63
C GLU A 592 -14.95 -5.88 -21.71
N ASN A 593 -14.40 -6.37 -22.81
CA ASN A 593 -14.21 -7.81 -22.95
C ASN A 593 -13.11 -8.32 -22.03
N VAL A 594 -12.89 -9.63 -22.04
CA VAL A 594 -11.79 -10.23 -21.28
C VAL A 594 -10.45 -9.67 -21.76
N PRO A 595 -9.41 -9.76 -20.91
CA PRO A 595 -8.09 -9.32 -21.36
C PRO A 595 -7.64 -10.08 -22.61
N GLY A 596 -7.17 -9.35 -23.62
CA GLY A 596 -6.71 -9.96 -24.86
C GLY A 596 -7.81 -10.15 -25.89
N SER A 597 -8.87 -9.38 -25.77
CA SER A 597 -9.98 -9.41 -26.73
C SER A 597 -10.59 -8.02 -26.89
N PHE A 598 -10.96 -7.68 -28.13
CA PHE A 598 -11.51 -6.36 -28.45
C PHE A 598 -12.67 -5.97 -27.54
N PRO A 599 -12.68 -4.71 -27.05
CA PRO A 599 -11.72 -3.65 -27.35
C PRO A 599 -10.50 -3.60 -26.42
N TYR A 600 -10.12 -4.74 -25.86
CA TYR A 600 -8.93 -4.85 -25.02
C TYR A 600 -8.92 -3.87 -23.86
N THR A 601 -10.09 -3.59 -23.30
CA THR A 601 -10.19 -2.65 -22.18
C THR A 601 -9.45 -3.17 -20.96
N ALA A 602 -9.56 -4.47 -20.71
CA ALA A 602 -8.93 -5.08 -19.54
C ALA A 602 -7.50 -5.54 -19.84
N GLY A 603 -6.97 -5.09 -20.97
CA GLY A 603 -5.61 -5.45 -21.35
C GLY A 603 -5.53 -6.00 -22.76
N VAL A 604 -4.35 -5.89 -23.36
CA VAL A 604 -4.15 -6.31 -24.75
C VAL A 604 -3.77 -7.79 -24.86
N PHE A 605 -3.28 -8.35 -23.76
CA PHE A 605 -2.87 -9.76 -23.74
C PHE A 605 -3.87 -10.60 -22.95
N ALA A 606 -4.00 -11.87 -23.34
CA ALA A 606 -4.94 -12.78 -22.68
C ALA A 606 -4.61 -12.94 -21.20
N PHE A 607 -3.34 -13.13 -20.91
CA PHE A 607 -2.89 -13.28 -19.53
C PHE A 607 -1.56 -12.55 -19.32
N LYS A 608 -1.27 -12.24 -18.07
CA LYS A 608 -0.03 -11.56 -17.73
C LYS A 608 1.15 -12.50 -17.92
N ARG A 609 2.27 -11.94 -18.39
CA ARG A 609 3.45 -12.73 -18.72
C ARG A 609 4.14 -13.25 -17.47
N GLU A 610 4.61 -14.50 -17.53
CA GLU A 610 5.23 -15.14 -16.39
C GLU A 610 6.67 -14.69 -16.18
N GLY A 611 7.49 -14.81 -17.21
CA GLY A 611 8.91 -14.52 -17.11
C GLY A 611 9.24 -13.05 -16.84
N GLU A 612 8.41 -12.15 -17.36
CA GLU A 612 8.67 -10.73 -17.23
C GLU A 612 7.57 -9.97 -16.50
N ASP A 613 7.91 -9.35 -15.39
CA ASP A 613 7.04 -8.39 -14.73
C ASP A 613 7.08 -7.07 -15.51
N PRO A 614 6.08 -6.20 -15.30
CA PRO A 614 6.13 -4.91 -16.01
C PRO A 614 7.26 -4.01 -15.51
N THR A 615 7.89 -4.40 -14.40
CA THR A 615 8.97 -3.64 -13.78
C THR A 615 10.09 -3.31 -14.76
N ARG A 616 10.43 -2.02 -14.82
CA ARG A 616 11.52 -1.53 -15.66
C ARG A 616 12.11 -0.28 -15.02
N MET A 617 13.21 -0.45 -14.29
CA MET A 617 13.69 0.62 -13.44
C MET A 617 14.75 1.54 -14.07
N PHE A 618 14.63 2.83 -13.77
CA PHE A 618 15.54 3.87 -14.23
C PHE A 618 16.97 3.62 -13.80
N ALA A 619 17.92 4.13 -14.58
CA ALA A 619 19.32 4.11 -14.23
C ALA A 619 20.09 5.02 -15.18
N GLY A 620 21.02 5.80 -14.63
CA GLY A 620 21.79 6.72 -15.44
C GLY A 620 22.60 7.69 -14.60
N GLU A 621 23.89 7.39 -14.46
CA GLU A 621 24.78 8.18 -13.60
C GLU A 621 26.22 8.09 -14.07
N GLY A 622 26.88 9.24 -14.16
CA GLY A 622 28.28 9.28 -14.54
C GLY A 622 28.54 8.82 -15.96
N ASP A 623 29.59 8.03 -16.16
CA ASP A 623 29.93 7.55 -17.49
C ASP A 623 29.33 6.17 -17.75
N ALA A 624 29.61 5.61 -18.92
CA ALA A 624 29.00 4.37 -19.36
C ALA A 624 29.34 3.19 -18.43
N PHE A 625 30.50 3.26 -17.80
CA PHE A 625 30.95 2.18 -16.92
C PHE A 625 30.14 2.12 -15.63
N ARG A 626 29.95 3.28 -15.00
CA ARG A 626 29.23 3.34 -13.73
C ARG A 626 27.76 2.98 -13.89
N THR A 627 27.16 3.38 -15.01
CA THR A 627 25.77 3.07 -15.28
C THR A 627 25.61 1.58 -15.59
N ASN A 628 26.55 1.03 -16.35
CA ASN A 628 26.54 -0.38 -16.68
C ASN A 628 26.64 -1.24 -15.42
N ARG A 629 27.29 -0.70 -14.39
CA ARG A 629 27.36 -1.36 -13.08
C ARG A 629 26.02 -1.30 -12.37
N ARG A 630 25.33 -0.17 -12.51
CA ARG A 630 24.02 0.01 -11.90
C ARG A 630 22.98 -0.86 -12.61
N PHE A 631 23.14 -1.01 -13.92
CA PHE A 631 22.26 -1.87 -14.70
C PHE A 631 22.35 -3.32 -14.25
N LYS A 632 23.56 -3.78 -13.98
CA LYS A 632 23.78 -5.16 -13.55
C LYS A 632 23.29 -5.37 -12.12
N LEU A 633 23.26 -4.30 -11.34
CA LEU A 633 22.85 -4.38 -9.94
C LEU A 633 21.33 -4.42 -9.81
N VAL A 634 20.64 -3.70 -10.68
CA VAL A 634 19.18 -3.72 -10.70
C VAL A 634 18.67 -5.03 -11.30
N SER A 635 19.36 -5.50 -12.33
CA SER A 635 18.97 -6.73 -13.01
C SER A 635 19.58 -7.96 -12.34
N GLU A 636 20.23 -7.74 -11.20
CA GLU A 636 20.89 -8.82 -10.47
C GLU A 636 19.88 -9.88 -10.02
N GLY A 637 20.10 -11.11 -10.47
CA GLY A 637 19.25 -12.23 -10.10
C GLY A 637 17.86 -12.14 -10.69
N MET A 638 17.77 -11.63 -11.92
CA MET A 638 16.49 -11.50 -12.60
C MET A 638 16.59 -11.95 -14.06
N GLU A 639 15.73 -12.88 -14.44
CA GLU A 639 15.63 -13.31 -15.83
C GLU A 639 15.02 -12.18 -16.65
N ALA A 640 14.07 -11.48 -16.06
CA ALA A 640 13.42 -10.35 -16.70
C ALA A 640 14.30 -9.11 -16.68
N LYS A 641 15.30 -9.08 -17.55
CA LYS A 641 16.20 -7.94 -17.62
C LYS A 641 15.59 -6.82 -18.47
N ARG A 642 14.98 -5.84 -17.79
CA ARG A 642 14.37 -4.71 -18.47
C ARG A 642 15.00 -3.42 -17.97
N LEU A 643 15.84 -2.82 -18.80
CA LEU A 643 16.62 -1.65 -18.41
C LEU A 643 15.95 -0.34 -18.83
N SER A 644 16.20 0.71 -18.05
CA SER A 644 15.71 2.05 -18.38
C SER A 644 16.83 3.07 -18.24
N THR A 645 17.30 3.58 -19.38
CA THR A 645 18.47 4.45 -19.41
C THR A 645 18.12 5.93 -19.30
N ALA A 646 18.89 6.65 -18.50
CA ALA A 646 18.75 8.10 -18.37
C ALA A 646 20.03 8.79 -18.77
N PHE A 647 19.94 9.74 -19.70
CA PHE A 647 21.12 10.43 -20.23
C PHE A 647 21.31 11.81 -19.59
N ASP A 648 22.56 12.26 -19.53
CA ASP A 648 22.86 13.58 -18.97
C ASP A 648 22.43 14.68 -19.93
N SER A 649 22.28 15.89 -19.39
CA SER A 649 21.78 17.03 -20.16
C SER A 649 22.63 17.34 -21.39
N VAL A 650 23.90 16.94 -21.36
CA VAL A 650 24.77 17.15 -22.50
C VAL A 650 24.39 16.23 -23.66
N THR A 651 24.13 14.97 -23.34
CA THR A 651 23.72 14.00 -24.34
C THR A 651 22.28 14.27 -24.79
N LEU A 652 21.46 14.77 -23.89
CA LEU A 652 20.07 15.08 -24.19
C LEU A 652 19.94 16.15 -25.27
N TYR A 653 20.96 17.00 -25.38
CA TYR A 653 20.97 18.06 -26.38
C TYR A 653 21.88 17.72 -27.56
N GLY A 654 22.28 16.45 -27.64
CA GLY A 654 23.07 15.96 -28.75
C GLY A 654 24.46 16.57 -28.84
N GLU A 655 25.07 16.82 -27.68
CA GLU A 655 26.39 17.44 -27.65
C GLU A 655 27.47 16.51 -27.09
N ASP A 656 28.68 16.65 -27.59
CA ASP A 656 29.83 15.96 -27.02
C ASP A 656 30.30 16.70 -25.77
N PRO A 657 30.84 15.97 -24.79
CA PRO A 657 31.40 16.61 -23.60
C PRO A 657 32.61 17.47 -23.96
N HIS A 658 32.81 18.57 -23.24
CA HIS A 658 33.91 19.46 -23.56
C HIS A 658 34.53 20.10 -22.32
N GLU A 659 35.74 20.63 -22.48
CA GLU A 659 36.46 21.29 -21.40
C GLU A 659 35.78 22.56 -20.94
N ARG A 660 35.07 23.22 -21.88
CA ARG A 660 34.41 24.49 -21.61
C ARG A 660 33.45 24.36 -20.43
N PRO A 661 33.62 25.26 -19.43
CA PRO A 661 32.91 25.23 -18.14
C PRO A 661 31.40 25.12 -18.28
N ASP A 662 30.88 25.58 -19.42
CA ASP A 662 29.45 25.50 -19.70
C ASP A 662 28.96 24.05 -19.74
N ILE A 663 29.72 23.20 -20.45
CA ILE A 663 29.34 21.81 -20.66
C ILE A 663 29.95 20.89 -19.61
N TYR A 664 31.24 21.12 -19.32
CA TYR A 664 32.00 20.24 -18.44
C TYR A 664 31.31 19.96 -17.11
N GLY A 665 30.72 21.00 -16.51
CA GLY A 665 30.07 20.87 -15.23
C GLY A 665 28.79 20.04 -15.27
N LYS A 666 28.34 19.74 -16.47
CA LYS A 666 27.06 19.05 -16.65
C LYS A 666 27.25 17.61 -17.14
N VAL A 667 28.48 17.28 -17.53
CA VAL A 667 28.79 15.94 -18.01
C VAL A 667 28.74 14.91 -16.89
N GLY A 668 27.70 14.08 -16.89
CA GLY A 668 27.62 13.00 -15.92
C GLY A 668 26.53 13.18 -14.88
N ASN A 669 26.05 14.41 -14.72
CA ASN A 669 24.95 14.68 -13.79
C ASN A 669 23.60 14.34 -14.41
N SER A 670 22.70 13.84 -13.58
CA SER A 670 21.32 13.58 -13.97
C SER A 670 21.18 12.56 -15.11
N GLY A 671 22.27 11.87 -15.43
CA GLY A 671 22.23 10.87 -16.48
C GLY A 671 23.60 10.44 -16.98
N VAL A 672 23.64 9.33 -17.71
CA VAL A 672 24.89 8.81 -18.26
C VAL A 672 25.35 9.65 -19.45
N SER A 673 26.65 9.88 -19.52
CA SER A 673 27.24 10.61 -20.64
C SER A 673 27.63 9.66 -21.76
N ILE A 674 26.85 9.65 -22.82
CA ILE A 674 27.13 8.82 -24.00
C ILE A 674 27.42 9.69 -25.21
N ALA A 675 28.65 9.65 -25.70
CA ALA A 675 29.07 10.52 -26.79
C ALA A 675 29.40 9.77 -28.06
N THR A 676 29.91 8.55 -27.92
CA THR A 676 30.29 7.75 -29.08
C THR A 676 29.68 6.34 -29.00
N LEU A 677 29.71 5.64 -30.13
CA LEU A 677 29.23 4.26 -30.19
C LEU A 677 29.96 3.37 -29.20
N GLU A 678 31.24 3.67 -28.97
CA GLU A 678 32.04 2.91 -28.02
C GLU A 678 31.49 3.06 -26.61
N ASP A 679 31.03 4.26 -26.27
CA ASP A 679 30.42 4.51 -24.98
C ASP A 679 29.11 3.74 -24.85
N MET A 680 28.36 3.68 -25.95
CA MET A 680 27.09 2.96 -25.99
C MET A 680 27.30 1.47 -25.80
N LYS A 681 28.38 0.96 -26.38
CA LYS A 681 28.71 -0.47 -26.24
C LYS A 681 29.03 -0.82 -24.79
N VAL A 682 29.82 0.03 -24.15
CA VAL A 682 30.15 -0.15 -22.74
C VAL A 682 28.89 -0.10 -21.89
N LEU A 683 27.97 0.79 -22.25
CA LEU A 683 26.74 0.99 -21.50
C LEU A 683 25.92 -0.29 -21.39
N TYR A 684 25.88 -1.08 -22.46
CA TYR A 684 25.08 -2.30 -22.46
C TYR A 684 25.93 -3.55 -22.61
N ASP A 685 27.18 -3.47 -22.17
CA ASP A 685 28.04 -4.64 -22.17
C ASP A 685 27.56 -5.66 -21.15
N GLY A 686 27.64 -6.95 -21.50
CA GLY A 686 27.22 -7.99 -20.59
C GLY A 686 25.76 -8.35 -20.77
N PHE A 687 25.00 -7.45 -21.38
CA PHE A 687 23.60 -7.71 -21.70
C PHE A 687 23.47 -8.13 -23.15
N ASP A 688 22.69 -9.17 -23.40
CA ASP A 688 22.40 -9.58 -24.77
C ASP A 688 21.15 -8.84 -25.24
N LEU A 689 21.36 -7.77 -26.00
CA LEU A 689 20.27 -6.91 -26.46
C LEU A 689 19.30 -7.66 -27.37
N THR A 690 19.80 -8.68 -28.06
CA THR A 690 19.00 -9.45 -28.99
C THR A 690 18.21 -10.56 -28.29
N ASN A 691 18.60 -10.86 -27.06
CA ASN A 691 17.93 -11.88 -26.25
C ASN A 691 16.46 -11.53 -26.03
N PRO A 692 15.56 -12.52 -26.22
CA PRO A 692 14.11 -12.32 -26.12
C PRO A 692 13.63 -11.84 -24.75
N SER A 693 14.43 -12.06 -23.72
CA SER A 693 14.06 -11.68 -22.36
C SER A 693 14.73 -10.38 -21.93
N THR A 694 15.29 -9.66 -22.90
CA THR A 694 16.00 -8.41 -22.61
C THR A 694 15.48 -7.26 -23.46
N SER A 695 14.94 -6.24 -22.80
CA SER A 695 14.45 -5.05 -23.48
C SER A 695 15.07 -3.80 -22.87
N VAL A 696 15.53 -2.90 -23.72
CA VAL A 696 16.19 -1.69 -23.24
C VAL A 696 15.39 -0.42 -23.54
N SER A 697 15.02 0.30 -22.49
CA SER A 697 14.36 1.59 -22.63
C SER A 697 15.35 2.72 -22.42
N MET A 698 15.20 3.79 -23.19
CA MET A 698 16.10 4.92 -23.07
C MET A 698 15.41 6.24 -23.41
N THR A 699 15.46 7.15 -22.45
CA THR A 699 14.80 8.45 -22.57
C THR A 699 15.67 9.44 -23.33
N ILE A 700 15.32 9.67 -24.60
CA ILE A 700 16.01 10.65 -25.42
C ILE A 700 15.06 11.18 -26.49
N ASN A 701 15.11 12.48 -26.73
CA ASN A 701 14.16 13.10 -27.66
C ASN A 701 14.81 13.66 -28.92
N GLY A 702 15.32 14.88 -28.81
CA GLY A 702 15.98 15.54 -29.94
C GLY A 702 16.97 14.69 -30.73
N PRO A 703 17.99 14.16 -30.05
CA PRO A 703 19.02 13.34 -30.71
C PRO A 703 18.68 11.86 -30.76
N ALA A 704 17.40 11.51 -30.62
CA ALA A 704 16.99 10.11 -30.58
C ALA A 704 17.41 9.28 -31.80
N PRO A 705 17.25 9.81 -33.03
CA PRO A 705 17.66 8.97 -34.16
C PRO A 705 19.15 8.61 -34.14
N THR A 706 19.98 9.51 -33.65
CA THR A 706 21.41 9.23 -33.54
C THR A 706 21.70 8.19 -32.46
N ILE A 707 21.06 8.36 -31.30
CA ILE A 707 21.21 7.41 -30.20
C ILE A 707 20.67 6.04 -30.57
N LEU A 708 19.52 6.02 -31.23
CA LEU A 708 18.93 4.78 -31.72
C LEU A 708 19.88 4.05 -32.66
N ALA A 709 20.55 4.82 -33.51
CA ALA A 709 21.50 4.27 -34.45
C ALA A 709 22.67 3.62 -33.73
N MET A 710 23.12 4.24 -32.65
CA MET A 710 24.20 3.69 -31.84
C MET A 710 23.76 2.38 -31.20
N PHE A 711 22.54 2.38 -30.65
CA PHE A 711 21.99 1.20 -30.01
C PHE A 711 21.89 0.02 -30.99
N MET A 712 21.42 0.31 -32.21
CA MET A 712 21.28 -0.72 -33.23
C MET A 712 22.63 -1.32 -33.60
N ASN A 713 23.64 -0.47 -33.77
CA ASN A 713 24.98 -0.93 -34.06
C ASN A 713 25.57 -1.73 -32.90
N THR A 714 25.21 -1.34 -31.68
CA THR A 714 25.65 -2.06 -30.49
C THR A 714 25.05 -3.46 -30.46
N ALA A 715 23.76 -3.54 -30.75
CA ALA A 715 23.06 -4.82 -30.76
C ALA A 715 23.60 -5.73 -31.87
N ILE A 716 23.92 -5.15 -33.01
CA ILE A 716 24.48 -5.90 -34.12
C ILE A 716 25.88 -6.41 -33.80
N ASP A 717 26.72 -5.54 -33.25
CA ASP A 717 28.09 -5.90 -32.94
C ASP A 717 28.19 -6.96 -31.85
N GLN A 718 27.16 -7.05 -31.01
CA GLN A 718 27.11 -8.07 -29.98
C GLN A 718 27.06 -9.46 -30.60
N GLN A 719 26.32 -9.59 -31.69
CA GLN A 719 26.17 -10.88 -32.36
C GLN A 719 27.36 -11.18 -33.26
N ILE A 720 27.95 -10.14 -33.84
CA ILE A 720 29.16 -10.30 -34.64
C ILE A 720 30.29 -10.80 -33.74
N ASP A 721 30.34 -10.28 -32.53
CA ASP A 721 31.32 -10.72 -31.53
C ASP A 721 30.99 -12.12 -31.05
N ARG A 722 29.70 -12.44 -30.97
CA ARG A 722 29.25 -13.76 -30.55
C ARG A 722 29.62 -14.81 -31.60
N PHE A 723 29.69 -14.38 -32.86
CA PHE A 723 30.03 -15.28 -33.95
C PHE A 723 31.54 -15.46 -34.04
N ARG A 724 32.29 -14.39 -33.82
CA ARG A 724 33.75 -14.44 -33.86
C ARG A 724 34.29 -15.23 -32.68
N ALA A 725 33.43 -15.49 -31.70
CA ALA A 725 33.82 -16.26 -30.51
C ALA A 725 33.41 -17.72 -30.66
N ASP A 726 32.15 -17.96 -31.00
CA ASP A 726 31.61 -19.31 -31.11
C ASP A 726 32.22 -20.09 -32.27
N ASN A 727 32.57 -19.38 -33.34
CA ASN A 727 33.11 -20.02 -34.53
C ASN A 727 34.61 -19.79 -34.67
N GLY A 728 35.16 -18.89 -33.86
CA GLY A 728 36.58 -18.62 -33.86
C GLY A 728 37.08 -17.99 -35.16
N ARG A 729 36.16 -17.43 -35.92
CA ARG A 729 36.51 -16.76 -37.17
C ARG A 729 35.50 -15.67 -37.50
N ASP A 730 35.96 -14.64 -38.19
CA ASP A 730 35.07 -13.56 -38.61
C ASP A 730 34.07 -14.06 -39.65
N PRO A 731 32.81 -13.64 -39.52
CA PRO A 731 31.77 -14.05 -40.48
C PRO A 731 32.04 -13.51 -41.88
N THR A 732 31.66 -14.26 -42.89
CA THR A 732 31.87 -13.85 -44.27
C THR A 732 30.94 -12.69 -44.63
N ALA A 733 31.08 -12.18 -45.84
CA ALA A 733 30.23 -11.09 -46.32
C ALA A 733 28.76 -11.53 -46.34
N ASP A 734 28.53 -12.79 -46.66
CA ASP A 734 27.18 -13.34 -46.72
C ASP A 734 26.65 -13.63 -45.32
N GLU A 735 27.52 -14.15 -44.46
CA GLU A 735 27.14 -14.50 -43.10
C GLU A 735 26.78 -13.26 -42.28
N GLU A 736 27.59 -12.22 -42.40
CA GLU A 736 27.37 -10.97 -41.67
C GLU A 736 26.04 -10.33 -42.04
N ALA A 737 25.70 -10.40 -43.33
CA ALA A 737 24.44 -9.85 -43.83
C ALA A 737 23.25 -10.54 -43.19
N LYS A 738 23.35 -11.85 -43.01
CA LYS A 738 22.29 -12.62 -42.39
C LYS A 738 22.17 -12.28 -40.91
N ILE A 739 23.29 -11.93 -40.28
CA ILE A 739 23.33 -11.60 -38.87
C ILE A 739 22.66 -10.25 -38.60
N ARG A 740 23.11 -9.22 -39.33
CA ARG A 740 22.55 -7.88 -39.18
C ARG A 740 21.04 -7.88 -39.38
N ALA A 741 20.59 -8.64 -40.37
CA ALA A 741 19.17 -8.75 -40.67
C ALA A 741 18.40 -9.35 -39.50
N TRP A 742 18.94 -10.43 -38.93
CA TRP A 742 18.30 -11.10 -37.81
C TRP A 742 18.24 -10.20 -36.58
N VAL A 743 19.33 -9.48 -36.32
CA VAL A 743 19.40 -8.60 -35.16
C VAL A 743 18.30 -7.55 -35.19
N LEU A 744 18.16 -6.87 -36.32
CA LEU A 744 17.16 -5.82 -36.49
C LEU A 744 15.75 -6.33 -36.24
N GLN A 745 15.48 -7.55 -36.68
CA GLN A 745 14.15 -8.13 -36.55
C GLN A 745 13.79 -8.47 -35.10
N ASN A 746 14.77 -8.97 -34.36
CA ASN A 746 14.51 -9.53 -33.04
C ASN A 746 14.85 -8.61 -31.87
N VAL A 747 15.56 -7.51 -32.14
CA VAL A 747 15.98 -6.61 -31.08
C VAL A 747 14.78 -5.97 -30.37
N ARG A 748 14.78 -6.05 -29.04
CA ARG A 748 13.70 -5.50 -28.22
C ARG A 748 14.13 -4.23 -27.50
N GLY A 749 13.27 -3.23 -27.49
CA GLY A 749 13.57 -1.98 -26.80
C GLY A 749 12.65 -0.85 -27.18
N THR A 750 12.87 0.31 -26.56
CA THR A 750 12.01 1.48 -26.78
C THR A 750 12.78 2.79 -26.62
N VAL A 751 12.64 3.67 -27.60
CA VAL A 751 13.21 5.01 -27.55
C VAL A 751 12.08 6.05 -27.51
N GLN A 752 12.18 7.00 -26.59
CA GLN A 752 11.12 7.98 -26.37
C GLN A 752 10.86 8.84 -27.62
N ALA A 753 11.78 9.75 -27.92
CA ALA A 753 11.74 10.53 -29.17
C ALA A 753 10.44 11.28 -29.41
N ASP A 754 9.78 11.71 -28.35
CA ASP A 754 8.55 12.47 -28.50
C ASP A 754 8.87 13.95 -28.72
N ILE A 755 8.99 14.33 -29.99
CA ILE A 755 9.36 15.69 -30.36
C ILE A 755 8.24 16.68 -30.05
N LEU A 756 7.00 16.25 -30.28
CA LEU A 756 5.84 17.12 -30.10
C LEU A 756 5.70 17.60 -28.65
N LYS A 757 6.02 16.73 -27.69
CA LYS A 757 5.90 17.08 -26.28
C LYS A 757 6.92 18.13 -25.88
N GLU A 758 8.02 18.21 -26.63
CA GLU A 758 9.06 19.17 -26.32
C GLU A 758 8.60 20.59 -26.59
N ASP A 759 7.89 20.78 -27.70
CA ASP A 759 7.31 22.08 -28.00
C ASP A 759 5.95 22.22 -27.33
N GLN A 760 5.85 21.71 -26.11
CA GLN A 760 4.61 21.75 -25.34
C GLN A 760 4.89 21.95 -23.85
N GLY A 761 6.15 22.18 -23.50
CA GLY A 761 6.51 22.41 -22.11
C GLY A 761 7.97 22.24 -21.77
N GLN A 762 8.50 21.04 -21.97
CA GLN A 762 9.87 20.72 -21.56
C GLN A 762 10.92 21.53 -22.30
N ASN A 763 10.56 22.02 -23.49
CA ASN A 763 11.40 22.91 -24.29
C ASN A 763 12.75 22.35 -24.73
N THR A 764 13.01 21.08 -24.42
CA THR A 764 14.28 20.45 -24.79
C THR A 764 14.28 20.03 -26.27
N CYS A 765 14.18 21.02 -27.15
CA CYS A 765 14.21 20.75 -28.58
C CYS A 765 15.42 21.45 -29.20
N ILE A 766 16.17 20.70 -30.00
CA ILE A 766 17.42 21.16 -30.59
C ILE A 766 17.30 21.28 -32.11
N PHE A 767 16.35 20.54 -32.67
CA PHE A 767 16.08 20.60 -34.10
C PHE A 767 14.72 21.26 -34.33
N SER A 768 14.50 21.79 -35.52
CA SER A 768 13.19 22.29 -35.88
C SER A 768 12.20 21.12 -35.88
N THR A 769 11.01 21.36 -35.36
CA THR A 769 10.01 20.31 -35.19
C THR A 769 9.73 19.58 -36.50
N GLU A 770 9.71 20.32 -37.60
CA GLU A 770 9.47 19.74 -38.92
C GLU A 770 10.58 18.77 -39.29
N PHE A 771 11.82 19.15 -39.01
CA PHE A 771 12.97 18.30 -39.36
C PHE A 771 13.00 17.04 -38.52
N SER A 772 12.68 17.17 -37.23
CA SER A 772 12.66 16.03 -36.34
C SER A 772 11.59 15.04 -36.77
N LEU A 773 10.45 15.55 -37.19
CA LEU A 773 9.34 14.71 -37.64
C LEU A 773 9.67 13.99 -38.93
N LYS A 774 10.45 14.63 -39.79
CA LYS A 774 10.89 14.00 -41.03
C LYS A 774 11.79 12.81 -40.72
N VAL A 775 12.79 13.05 -39.88
CA VAL A 775 13.74 12.00 -39.51
C VAL A 775 13.04 10.90 -38.73
N MET A 776 12.10 11.27 -37.87
CA MET A 776 11.34 10.29 -37.11
C MET A 776 10.57 9.38 -38.06
N GLY A 777 10.05 9.97 -39.14
CA GLY A 777 9.39 9.20 -40.18
C GLY A 777 10.38 8.34 -40.94
N ASP A 778 11.58 8.87 -41.15
CA ASP A 778 12.66 8.13 -41.81
C ASP A 778 12.99 6.87 -41.02
N ILE A 779 12.97 7.00 -39.69
CA ILE A 779 13.19 5.87 -38.80
C ILE A 779 12.12 4.81 -38.99
N GLN A 780 10.87 5.24 -38.97
CA GLN A 780 9.74 4.33 -39.09
C GLN A 780 9.75 3.58 -40.41
N GLU A 781 10.14 4.29 -41.48
CA GLU A 781 10.26 3.66 -42.78
C GLU A 781 11.37 2.61 -42.78
N TYR A 782 12.46 2.91 -42.07
CA TYR A 782 13.58 1.98 -41.98
C TYR A 782 13.17 0.71 -41.24
N PHE A 783 12.38 0.87 -40.18
CA PHE A 783 11.89 -0.27 -39.42
C PHE A 783 11.05 -1.20 -40.29
N VAL A 784 10.20 -0.60 -41.13
CA VAL A 784 9.34 -1.37 -42.01
C VAL A 784 10.16 -2.19 -43.01
N HIS A 785 11.12 -1.53 -43.64
CA HIS A 785 11.93 -2.16 -44.69
C HIS A 785 12.78 -3.31 -44.17
N HIS A 786 13.18 -3.23 -42.90
CA HIS A 786 14.02 -4.27 -42.30
C HIS A 786 13.26 -5.11 -41.28
N GLN A 787 11.94 -4.94 -41.24
CA GLN A 787 11.05 -5.74 -40.41
C GLN A 787 11.42 -5.70 -38.92
N VAL A 788 11.76 -4.50 -38.44
CA VAL A 788 12.04 -4.32 -37.02
C VAL A 788 10.73 -4.36 -36.23
N ARG A 789 10.28 -5.57 -35.91
CA ARG A 789 8.96 -5.76 -35.32
C ARG A 789 8.94 -5.67 -33.80
N ASN A 790 10.12 -5.73 -33.18
CA ASN A 790 10.19 -5.80 -31.72
C ASN A 790 10.70 -4.53 -31.05
N PHE A 791 11.00 -3.51 -31.85
CA PHE A 791 11.43 -2.23 -31.31
C PHE A 791 10.38 -1.15 -31.57
N TYR A 792 10.08 -0.38 -30.54
CA TYR A 792 9.08 0.68 -30.66
C TYR A 792 9.76 2.02 -30.91
N SER A 793 9.33 2.71 -31.96
CA SER A 793 10.00 3.91 -32.43
C SER A 793 9.79 5.12 -31.52
N VAL A 794 8.63 5.20 -30.87
CA VAL A 794 8.33 6.36 -30.04
C VAL A 794 7.50 6.01 -28.80
N SER A 795 7.98 6.46 -27.65
CA SER A 795 7.23 6.37 -26.41
C SER A 795 6.50 7.70 -26.20
N ILE A 796 5.29 7.80 -26.75
CA ILE A 796 4.52 9.03 -26.71
C ILE A 796 4.22 9.46 -25.28
N SER A 797 4.99 10.43 -24.80
CA SER A 797 4.96 10.81 -23.38
C SER A 797 3.81 11.74 -23.02
N GLY A 798 3.40 11.64 -21.76
CA GLY A 798 2.44 12.55 -21.18
C GLY A 798 2.87 12.80 -19.75
N TYR A 799 3.98 12.17 -19.36
CA TYR A 799 4.53 12.28 -18.02
C TYR A 799 5.00 13.70 -17.75
N HIS A 800 5.79 14.22 -18.68
CA HIS A 800 6.31 15.58 -18.58
C HIS A 800 5.17 16.58 -18.54
N ILE A 801 4.12 16.27 -19.32
CA ILE A 801 2.91 17.08 -19.32
C ILE A 801 2.24 17.06 -17.95
N ALA A 802 2.12 15.87 -17.37
CA ALA A 802 1.50 15.71 -16.06
C ALA A 802 2.37 16.33 -14.96
N GLU A 803 3.68 16.31 -15.17
CA GLU A 803 4.59 16.88 -14.18
C GLU A 803 4.50 18.40 -14.14
N ALA A 804 4.06 18.98 -15.26
CA ALA A 804 3.93 20.43 -15.35
C ALA A 804 2.67 20.92 -14.64
N GLY A 805 1.86 19.99 -14.15
CA GLY A 805 0.67 20.35 -13.40
C GLY A 805 -0.64 19.92 -14.02
N ALA A 806 -0.55 19.24 -15.17
CA ALA A 806 -1.74 18.81 -15.89
C ALA A 806 -2.50 17.71 -15.15
N ASN A 807 -3.80 17.91 -14.98
CA ASN A 807 -4.65 16.89 -14.36
C ASN A 807 -4.77 15.67 -15.29
N PRO A 808 -5.12 14.50 -14.73
CA PRO A 808 -5.15 13.25 -15.50
C PRO A 808 -5.90 13.33 -16.83
N ILE A 809 -7.06 13.96 -16.85
CA ILE A 809 -7.86 14.03 -18.07
C ILE A 809 -7.11 14.76 -19.18
N SER A 810 -6.54 15.91 -18.84
CA SER A 810 -5.77 16.69 -19.82
C SER A 810 -4.52 15.93 -20.28
N GLN A 811 -3.88 15.23 -19.36
CA GLN A 811 -2.70 14.43 -19.69
C GLN A 811 -3.05 13.32 -20.69
N LEU A 812 -4.09 12.56 -20.36
CA LEU A 812 -4.53 11.46 -21.22
C LEU A 812 -5.00 11.98 -22.57
N ALA A 813 -5.76 13.07 -22.53
CA ALA A 813 -6.33 13.65 -23.75
C ALA A 813 -5.24 14.17 -24.69
N PHE A 814 -4.30 14.91 -24.14
CA PHE A 814 -3.23 15.49 -24.96
C PHE A 814 -2.34 14.39 -25.54
N THR A 815 -1.98 13.42 -24.71
CA THR A 815 -1.07 12.36 -25.13
C THR A 815 -1.67 11.53 -26.25
N LEU A 816 -2.94 11.14 -26.09
CA LEU A 816 -3.64 10.41 -27.14
C LEU A 816 -3.76 11.27 -28.39
N ALA A 817 -4.04 12.55 -28.19
CA ALA A 817 -4.13 13.50 -29.29
C ALA A 817 -2.80 13.59 -30.02
N ASN A 818 -1.71 13.74 -29.27
CA ASN A 818 -0.37 13.78 -29.86
C ASN A 818 -0.02 12.47 -30.53
N GLY A 819 -0.54 11.37 -29.99
CA GLY A 819 -0.35 10.07 -30.59
C GLY A 819 -1.06 9.97 -31.93
N PHE A 820 -2.29 10.47 -31.97
CA PHE A 820 -3.09 10.45 -33.19
C PHE A 820 -2.52 11.39 -34.24
N THR A 821 -1.85 12.45 -33.79
CA THR A 821 -1.21 13.39 -34.70
C THR A 821 -0.11 12.68 -35.48
N TYR A 822 0.65 11.84 -34.78
CA TYR A 822 1.70 11.06 -35.42
C TYR A 822 1.12 10.11 -36.46
N VAL A 823 0.01 9.46 -36.09
CA VAL A 823 -0.67 8.56 -37.01
C VAL A 823 -1.08 9.29 -38.28
N GLU A 824 -1.72 10.44 -38.11
CA GLU A 824 -2.16 11.26 -39.24
C GLU A 824 -0.97 11.74 -40.07
N ALA A 825 0.15 11.99 -39.41
CA ALA A 825 1.36 12.45 -40.08
C ALA A 825 1.93 11.37 -40.99
N TYR A 826 2.06 10.16 -40.46
CA TYR A 826 2.60 9.04 -41.22
C TYR A 826 1.65 8.60 -42.33
N LEU A 827 0.35 8.76 -42.09
CA LEU A 827 -0.65 8.42 -43.08
C LEU A 827 -0.58 9.37 -44.28
N ALA A 828 -0.38 10.65 -43.99
CA ALA A 828 -0.27 11.67 -45.02
C ALA A 828 1.00 11.45 -45.85
N ARG A 829 1.99 10.85 -45.20
CA ARG A 829 3.27 10.54 -45.83
C ARG A 829 3.14 9.40 -46.83
N GLY A 830 2.44 8.35 -46.43
CA GLY A 830 2.19 7.23 -47.32
C GLY A 830 2.54 5.89 -46.72
N MET A 831 2.31 5.74 -45.43
CA MET A 831 2.58 4.48 -44.75
C MET A 831 1.28 3.74 -44.46
N HIS A 832 1.28 2.44 -44.65
CA HIS A 832 0.14 1.61 -44.27
C HIS A 832 0.01 1.64 -42.75
N ILE A 833 -1.22 1.71 -42.26
CA ILE A 833 -1.46 1.84 -40.82
C ILE A 833 -0.90 0.65 -40.05
N ASP A 834 -0.94 -0.54 -40.65
CA ASP A 834 -0.46 -1.74 -39.99
C ASP A 834 1.06 -1.80 -39.94
N ASP A 835 1.73 -0.89 -40.64
CA ASP A 835 3.18 -0.89 -40.70
C ASP A 835 3.81 -0.18 -39.51
N PHE A 836 3.19 0.92 -39.07
CA PHE A 836 3.81 1.74 -38.03
C PHE A 836 3.06 1.74 -36.69
N ALA A 837 1.78 1.38 -36.71
CA ALA A 837 0.97 1.40 -35.49
C ALA A 837 1.46 0.44 -34.40
N PRO A 838 1.87 -0.80 -34.76
CA PRO A 838 2.38 -1.65 -33.67
C PRO A 838 3.71 -1.17 -33.08
N ASN A 839 4.38 -0.25 -33.77
CA ASN A 839 5.65 0.28 -33.28
C ASN A 839 5.44 1.50 -32.37
N LEU A 840 4.20 1.78 -32.03
CA LEU A 840 3.87 2.94 -31.21
C LEU A 840 3.75 2.55 -29.73
N SER A 841 4.55 3.22 -28.90
CA SER A 841 4.50 3.03 -27.46
C SER A 841 3.90 4.25 -26.79
N PHE A 842 3.46 4.09 -25.54
CA PHE A 842 2.96 5.22 -24.77
C PHE A 842 3.61 5.31 -23.39
N PHE A 843 3.48 6.48 -22.78
CA PHE A 843 4.09 6.78 -21.49
C PHE A 843 3.18 7.70 -20.69
N PHE A 844 2.54 7.16 -19.66
CA PHE A 844 1.63 7.94 -18.83
C PHE A 844 2.13 8.06 -17.40
N SER A 845 1.73 9.15 -16.75
CA SER A 845 2.03 9.35 -15.33
C SER A 845 0.80 9.01 -14.49
N ASN A 846 1.01 8.20 -13.46
CA ASN A 846 -0.06 7.95 -12.50
C ASN A 846 -0.07 9.00 -11.41
N GLY A 847 -0.97 8.86 -10.43
CA GLY A 847 -1.08 9.84 -9.37
C GLY A 847 -2.19 9.50 -8.41
N MET A 848 -2.60 10.46 -7.60
CA MET A 848 -3.58 10.21 -6.54
C MET A 848 -5.01 10.43 -7.02
N ASP A 849 -5.19 11.27 -8.04
CA ASP A 849 -6.52 11.55 -8.59
C ASP A 849 -7.25 10.28 -9.01
N PRO A 850 -8.58 10.24 -8.81
CA PRO A 850 -9.41 9.08 -9.11
C PRO A 850 -9.30 8.62 -10.56
N GLU A 851 -9.19 9.57 -11.48
CA GLU A 851 -9.16 9.25 -12.91
C GLU A 851 -7.97 8.37 -13.28
N TYR A 852 -6.92 8.40 -12.48
CA TYR A 852 -5.72 7.62 -12.77
C TYR A 852 -6.00 6.12 -12.69
N SER A 853 -7.02 5.74 -11.91
CA SER A 853 -7.35 4.35 -11.74
C SER A 853 -7.90 3.73 -13.02
N VAL A 854 -8.40 4.57 -13.92
CA VAL A 854 -8.99 4.10 -15.17
C VAL A 854 -8.32 4.72 -16.39
N LEU A 855 -7.12 5.26 -16.22
CA LEU A 855 -6.43 5.93 -17.32
C LEU A 855 -6.02 4.93 -18.40
N GLY A 856 -5.42 3.82 -17.97
CA GLY A 856 -4.91 2.83 -18.90
C GLY A 856 -6.00 2.16 -19.73
N ARG A 857 -7.07 1.76 -19.06
CA ARG A 857 -8.17 1.07 -19.72
C ARG A 857 -8.87 1.98 -20.73
N VAL A 858 -9.00 3.26 -20.38
CA VAL A 858 -9.62 4.22 -21.28
C VAL A 858 -8.75 4.43 -22.50
N ALA A 859 -7.44 4.57 -22.28
CA ALA A 859 -6.49 4.75 -23.36
C ALA A 859 -6.51 3.56 -24.31
N ARG A 860 -6.69 2.37 -23.76
CA ARG A 860 -6.71 1.16 -24.57
C ARG A 860 -7.95 1.07 -25.45
N ARG A 861 -9.11 1.40 -24.88
CA ARG A 861 -10.37 1.27 -25.61
C ARG A 861 -10.53 2.32 -26.69
N ILE A 862 -10.16 3.56 -26.38
CA ILE A 862 -10.21 4.64 -27.37
C ILE A 862 -9.33 4.28 -28.56
N TRP A 863 -8.15 3.73 -28.26
CA TRP A 863 -7.23 3.31 -29.31
C TRP A 863 -7.80 2.13 -30.10
N ALA A 864 -8.24 1.08 -29.39
CA ALA A 864 -8.74 -0.12 -30.02
C ALA A 864 -9.90 0.15 -30.96
N VAL A 865 -10.86 0.94 -30.50
CA VAL A 865 -12.05 1.25 -31.28
C VAL A 865 -11.72 2.07 -32.52
N THR A 866 -10.95 3.14 -32.33
CA THR A 866 -10.61 4.04 -33.43
C THR A 866 -9.71 3.37 -34.46
N MET A 867 -8.75 2.59 -34.00
CA MET A 867 -7.82 1.92 -34.91
C MET A 867 -8.53 0.89 -35.77
N ARG A 868 -9.60 0.30 -35.22
CA ARG A 868 -10.35 -0.72 -35.93
C ARG A 868 -11.42 -0.09 -36.84
N ASP A 869 -12.14 0.88 -36.31
CA ASP A 869 -13.26 1.48 -37.02
C ASP A 869 -12.84 2.61 -37.96
N LYS A 870 -12.04 3.55 -37.45
CA LYS A 870 -11.66 4.72 -38.23
C LYS A 870 -10.53 4.44 -39.20
N TYR A 871 -9.48 3.76 -38.74
CA TYR A 871 -8.30 3.53 -39.57
C TYR A 871 -8.25 2.13 -40.17
N GLY A 872 -9.15 1.25 -39.72
CA GLY A 872 -9.23 -0.10 -40.24
C GLY A 872 -7.93 -0.85 -40.18
N ALA A 873 -7.36 -0.95 -38.97
CA ALA A 873 -6.07 -1.61 -38.79
C ALA A 873 -6.24 -2.98 -38.14
N ASN A 874 -5.21 -3.80 -38.23
CA ASN A 874 -5.26 -5.16 -37.70
C ASN A 874 -5.29 -5.20 -36.18
N ASP A 875 -5.37 -6.40 -35.63
CA ASP A 875 -5.47 -6.58 -34.19
C ASP A 875 -4.22 -6.09 -33.46
N ARG A 876 -3.07 -6.25 -34.10
CA ARG A 876 -1.81 -5.86 -33.49
C ARG A 876 -1.72 -4.35 -33.33
N SER A 877 -2.44 -3.62 -34.18
CA SER A 877 -2.44 -2.16 -34.14
C SER A 877 -3.45 -1.60 -33.15
N GLN A 878 -4.50 -2.36 -32.90
CA GLN A 878 -5.56 -1.94 -31.98
C GLN A 878 -5.12 -2.06 -30.52
N LYS A 879 -4.02 -2.79 -30.30
CA LYS A 879 -3.51 -3.01 -28.96
C LYS A 879 -2.55 -1.91 -28.53
N LEU A 880 -3.02 -1.05 -27.63
CA LEU A 880 -2.19 0.03 -27.10
C LEU A 880 -1.37 -0.45 -25.91
N LYS A 881 -0.06 -0.40 -26.06
CA LYS A 881 0.85 -0.77 -24.97
C LYS A 881 1.47 0.49 -24.40
N TYR A 882 1.55 0.58 -23.07
CA TYR A 882 2.06 1.79 -22.44
C TYR A 882 2.94 1.50 -21.23
N HIS A 883 3.65 2.53 -20.80
CA HIS A 883 4.44 2.49 -19.58
C HIS A 883 3.87 3.48 -18.58
N ILE A 884 3.81 3.09 -17.32
CA ILE A 884 3.37 3.99 -16.28
C ILE A 884 4.48 4.25 -15.28
N GLN A 885 4.77 5.52 -15.04
CA GLN A 885 5.68 5.92 -13.98
C GLN A 885 4.89 6.72 -12.96
N THR A 886 5.14 6.48 -11.67
CA THR A 886 4.39 7.14 -10.62
C THR A 886 4.62 8.65 -10.64
N SER A 887 3.73 9.39 -9.99
CA SER A 887 3.79 10.85 -10.00
C SER A 887 5.01 11.39 -9.26
N GLY A 888 5.79 12.22 -9.95
CA GLY A 888 6.88 12.92 -9.32
C GLY A 888 6.36 14.15 -8.59
N ARG A 889 5.20 14.64 -9.05
CA ARG A 889 4.60 15.82 -8.46
C ARG A 889 3.81 15.47 -7.19
N SER A 890 3.70 14.18 -6.89
CA SER A 890 3.07 13.74 -5.66
C SER A 890 4.11 13.41 -4.60
N LEU A 891 5.38 13.44 -5.00
CA LEU A 891 6.46 13.23 -4.04
C LEU A 891 6.92 14.57 -3.48
N HIS A 892 6.78 14.73 -2.16
CA HIS A 892 7.06 16.00 -1.52
C HIS A 892 8.36 15.99 -0.76
N ALA A 893 8.89 17.18 -0.49
CA ALA A 893 10.18 17.31 0.20
C ALA A 893 10.01 17.16 1.71
N GLN A 894 8.84 17.53 2.21
CA GLN A 894 8.55 17.39 3.63
C GLN A 894 8.02 16.00 3.95
N GLU A 895 8.61 15.36 4.95
CA GLU A 895 8.24 14.00 5.34
C GLU A 895 8.34 13.02 4.17
N ILE A 896 9.56 12.81 3.67
CA ILE A 896 9.77 12.01 2.48
C ILE A 896 9.48 10.53 2.71
N ASP A 897 9.37 10.12 3.97
CA ASP A 897 9.03 8.73 4.29
C ASP A 897 7.60 8.40 3.89
N PHE A 898 6.75 9.43 3.80
CA PHE A 898 5.35 9.22 3.45
C PHE A 898 5.19 8.92 1.98
N ASN A 899 6.22 9.27 1.18
CA ASN A 899 6.15 9.09 -0.26
C ASN A 899 6.03 7.63 -0.68
N ASP A 900 6.58 6.73 0.12
CA ASP A 900 6.48 5.31 -0.17
C ASP A 900 5.04 4.83 -0.10
N ILE A 901 4.24 5.48 0.73
CA ILE A 901 2.82 5.19 0.82
C ILE A 901 2.11 5.58 -0.48
N ARG A 902 2.43 6.78 -0.97
CA ARG A 902 1.82 7.29 -2.18
C ARG A 902 2.24 6.49 -3.40
N THR A 903 3.52 6.13 -3.46
CA THR A 903 4.04 5.38 -4.60
C THR A 903 3.46 3.97 -4.64
N THR A 904 3.14 3.43 -3.46
CA THR A 904 2.53 2.12 -3.37
C THR A 904 1.14 2.10 -3.99
N LEU A 905 0.32 3.09 -3.61
CA LEU A 905 -1.03 3.21 -4.11
C LEU A 905 -1.07 3.40 -5.62
N GLN A 906 -0.13 4.20 -6.13
CA GLN A 906 -0.08 4.47 -7.55
C GLN A 906 0.41 3.25 -8.33
N ALA A 907 1.34 2.52 -7.73
CA ALA A 907 1.83 1.29 -8.34
C ALA A 907 0.73 0.23 -8.38
N LEU A 908 -0.13 0.23 -7.37
CA LEU A 908 -1.18 -0.78 -7.26
C LEU A 908 -2.22 -0.66 -8.37
N ILE A 909 -2.76 0.53 -8.56
CA ILE A 909 -3.77 0.73 -9.60
C ILE A 909 -3.15 0.53 -10.98
N ALA A 910 -1.86 0.80 -11.09
CA ALA A 910 -1.14 0.58 -12.33
C ALA A 910 -1.12 -0.90 -12.69
N ILE A 911 -0.85 -1.74 -11.69
CA ILE A 911 -0.79 -3.18 -11.89
C ILE A 911 -2.19 -3.78 -12.01
N TYR A 912 -3.12 -3.25 -11.23
CA TYR A 912 -4.53 -3.65 -11.32
C TYR A 912 -5.01 -3.49 -12.75
N ASP A 913 -4.76 -2.31 -13.32
CA ASP A 913 -5.26 -1.96 -14.65
C ASP A 913 -4.37 -2.53 -15.75
N ASN A 914 -3.64 -3.59 -15.44
CA ASN A 914 -2.86 -4.36 -16.41
C ASN A 914 -1.92 -3.52 -17.26
N CYS A 915 -1.07 -2.73 -16.61
CA CYS A 915 -0.10 -1.92 -17.33
C CYS A 915 0.97 -2.82 -17.97
N ASN A 916 1.61 -2.33 -19.02
CA ASN A 916 2.61 -3.10 -19.75
C ASN A 916 4.01 -2.92 -19.16
N SER A 917 4.21 -1.80 -18.48
CA SER A 917 5.50 -1.49 -17.89
C SER A 917 5.35 -0.48 -16.77
N LEU A 918 6.08 -0.68 -15.67
CA LEU A 918 5.91 0.16 -14.49
C LEU A 918 7.26 0.58 -13.88
N HIS A 919 7.42 1.88 -13.68
CA HIS A 919 8.57 2.40 -12.94
C HIS A 919 8.12 3.09 -11.66
N THR A 920 8.70 2.68 -10.55
CA THR A 920 8.32 3.22 -9.24
C THR A 920 9.39 4.15 -8.70
N ASN A 921 8.97 5.35 -8.32
CA ASN A 921 9.89 6.37 -7.81
C ASN A 921 10.37 6.11 -6.39
N ALA A 922 11.63 6.46 -6.12
CA ALA A 922 12.18 6.38 -4.78
C ALA A 922 11.61 7.50 -3.92
N TYR A 923 11.61 7.30 -2.60
CA TYR A 923 10.97 8.27 -1.71
C TYR A 923 11.76 9.56 -1.55
N ASP A 924 13.06 9.51 -1.82
CA ASP A 924 13.91 10.68 -1.61
C ASP A 924 14.22 11.44 -2.90
N GLU A 925 13.46 11.14 -3.96
CA GLU A 925 13.62 11.83 -5.24
C GLU A 925 13.26 13.31 -5.15
N ALA A 926 12.44 13.66 -4.16
CA ALA A 926 12.02 15.04 -3.96
C ALA A 926 13.20 15.90 -3.49
N ILE A 927 14.13 15.29 -2.77
CA ILE A 927 15.28 16.01 -2.24
C ILE A 927 16.55 15.76 -3.07
N THR A 928 16.88 14.50 -3.27
CA THR A 928 18.11 14.13 -3.98
C THR A 928 17.88 13.19 -5.15
N THR A 929 18.96 12.61 -5.66
CA THR A 929 18.89 11.60 -6.71
C THR A 929 18.66 10.24 -6.06
N PRO A 930 18.00 9.31 -6.79
CA PRO A 930 17.73 7.97 -6.24
C PRO A 930 18.99 7.24 -5.77
N THR A 931 19.07 6.97 -4.47
CA THR A 931 20.23 6.33 -3.88
C THR A 931 20.21 4.82 -4.10
N ALA A 932 20.83 4.08 -3.19
CA ALA A 932 20.88 2.62 -3.30
C ALA A 932 19.84 1.98 -2.37
N GLU A 933 19.79 2.46 -1.14
CA GLU A 933 18.82 1.98 -0.16
C GLU A 933 17.41 2.42 -0.54
N SER A 934 17.33 3.58 -1.20
CA SER A 934 16.07 4.19 -1.56
C SER A 934 15.48 3.57 -2.82
N VAL A 935 16.34 3.09 -3.70
CA VAL A 935 15.90 2.49 -4.96
C VAL A 935 15.41 1.06 -4.72
N ARG A 936 15.81 0.47 -3.60
CA ARG A 936 15.36 -0.88 -3.27
C ARG A 936 13.98 -0.83 -2.61
N ARG A 937 13.71 0.25 -1.89
CA ARG A 937 12.38 0.47 -1.32
C ARG A 937 11.39 0.75 -2.44
N ALA A 938 11.85 1.42 -3.48
CA ALA A 938 11.01 1.70 -4.64
C ALA A 938 10.77 0.44 -5.45
N LEU A 939 11.75 -0.46 -5.44
CA LEU A 939 11.65 -1.70 -6.19
C LEU A 939 10.84 -2.75 -5.42
N ALA A 940 10.85 -2.61 -4.09
CA ALA A 940 10.13 -3.55 -3.24
C ALA A 940 8.63 -3.34 -3.35
N ILE A 941 8.22 -2.13 -3.70
CA ILE A 941 6.82 -1.81 -3.89
C ILE A 941 6.21 -2.71 -4.97
N GLN A 942 6.91 -2.81 -6.10
CA GLN A 942 6.44 -3.65 -7.18
C GLN A 942 6.54 -5.13 -6.83
N LEU A 943 7.62 -5.49 -6.14
CA LEU A 943 7.84 -6.88 -5.78
C LEU A 943 6.78 -7.39 -4.80
N ILE A 944 6.47 -6.59 -3.79
CA ILE A 944 5.48 -6.99 -2.79
C ILE A 944 4.09 -7.12 -3.41
N ILE A 945 3.70 -6.16 -4.24
CA ILE A 945 2.40 -6.22 -4.92
C ILE A 945 2.31 -7.45 -5.82
N ASN A 946 3.33 -7.64 -6.66
CA ASN A 946 3.32 -8.73 -7.62
C ASN A 946 3.42 -10.11 -6.99
N ARG A 947 4.07 -10.20 -5.83
CA ARG A 947 4.34 -11.50 -5.21
C ARG A 947 3.53 -11.78 -3.94
N GLU A 948 3.43 -10.78 -3.06
CA GLU A 948 2.79 -10.99 -1.76
C GLU A 948 1.30 -10.61 -1.75
N TRP A 949 0.96 -9.55 -2.48
CA TRP A 949 -0.41 -9.02 -2.44
C TRP A 949 -1.41 -9.97 -3.08
N GLY A 950 -2.42 -10.35 -2.30
CA GLY A 950 -3.35 -11.40 -2.71
C GLY A 950 -4.33 -11.04 -3.80
N VAL A 951 -4.84 -9.81 -3.77
CA VAL A 951 -5.80 -9.37 -4.76
C VAL A 951 -5.17 -9.38 -6.15
N ALA A 952 -3.87 -9.12 -6.21
CA ALA A 952 -3.14 -9.06 -7.46
C ALA A 952 -2.98 -10.43 -8.12
N LYS A 953 -3.28 -11.50 -7.36
CA LYS A 953 -3.25 -12.84 -7.92
C LYS A 953 -4.32 -12.98 -8.99
N CYS A 954 -5.34 -12.13 -8.90
CA CYS A 954 -6.34 -11.99 -9.94
C CYS A 954 -5.91 -10.89 -10.91
N GLU A 955 -6.13 -11.11 -12.20
CA GLU A 955 -5.58 -10.20 -13.21
C GLU A 955 -6.60 -9.21 -13.75
N ASN A 956 -7.86 -9.34 -13.35
CA ASN A 956 -8.87 -8.34 -13.71
C ASN A 956 -9.75 -7.93 -12.53
N PRO A 957 -9.13 -7.45 -11.44
CA PRO A 957 -9.92 -7.10 -10.25
C PRO A 957 -10.73 -5.82 -10.45
N ASN A 958 -10.39 -5.04 -11.48
CA ASN A 958 -11.13 -3.84 -11.78
C ASN A 958 -12.48 -4.12 -12.42
N GLN A 959 -12.54 -5.16 -13.25
CA GLN A 959 -13.73 -5.45 -14.04
C GLN A 959 -14.93 -5.79 -13.17
N GLY A 960 -16.05 -5.18 -13.51
CA GLY A 960 -17.29 -5.38 -12.77
C GLY A 960 -17.63 -4.23 -11.85
N SER A 961 -16.60 -3.65 -11.23
CA SER A 961 -16.79 -2.56 -10.28
C SER A 961 -17.61 -1.42 -10.87
N PHE A 962 -18.71 -1.09 -10.19
CA PHE A 962 -19.61 -0.04 -10.65
C PHE A 962 -18.89 1.29 -10.73
N LEU A 963 -17.94 1.49 -9.82
CA LEU A 963 -17.13 2.70 -9.82
C LEU A 963 -16.19 2.73 -11.02
N ILE A 964 -15.51 1.62 -11.26
CA ILE A 964 -14.55 1.53 -12.36
C ILE A 964 -15.21 1.80 -13.70
N GLU A 965 -16.34 1.14 -13.95
CA GLU A 965 -17.02 1.27 -15.24
C GLU A 965 -17.57 2.67 -15.44
N GLU A 966 -18.11 3.27 -14.38
CA GLU A 966 -18.64 4.63 -14.46
C GLU A 966 -17.51 5.62 -14.70
N LEU A 967 -16.41 5.47 -13.96
CA LEU A 967 -15.24 6.32 -14.13
C LEU A 967 -14.65 6.16 -15.52
N THR A 968 -14.63 4.92 -16.00
CA THR A 968 -14.15 4.63 -17.35
C THR A 968 -14.98 5.37 -18.37
N ASP A 969 -16.30 5.28 -18.24
CA ASP A 969 -17.22 5.97 -19.14
C ASP A 969 -17.05 7.49 -19.07
N LEU A 970 -16.92 8.00 -17.85
CA LEU A 970 -16.76 9.43 -17.62
C LEU A 970 -15.47 9.97 -18.23
N VAL A 971 -14.35 9.40 -17.80
CA VAL A 971 -13.03 9.82 -18.27
C VAL A 971 -12.93 9.76 -19.80
N GLU A 972 -13.43 8.68 -20.37
CA GLU A 972 -13.41 8.49 -21.82
C GLU A 972 -14.12 9.63 -22.54
N GLU A 973 -15.30 9.99 -22.04
CA GLU A 973 -16.08 11.07 -22.65
C GLU A 973 -15.37 12.41 -22.52
N ALA A 974 -14.80 12.66 -21.33
CA ALA A 974 -14.08 13.91 -21.08
C ALA A 974 -12.92 14.07 -22.05
N VAL A 975 -12.23 12.97 -22.34
CA VAL A 975 -11.13 12.98 -23.29
C VAL A 975 -11.64 13.33 -24.69
N LEU A 976 -12.74 12.71 -25.09
CA LEU A 976 -13.33 12.95 -26.40
C LEU A 976 -13.72 14.42 -26.59
N GLN A 977 -14.24 15.03 -25.54
CA GLN A 977 -14.63 16.43 -25.60
C GLN A 977 -13.39 17.31 -25.76
N GLU A 978 -12.29 16.89 -25.15
CA GLU A 978 -11.03 17.61 -25.30
C GLU A 978 -10.50 17.43 -26.71
N PHE A 979 -10.73 16.26 -27.30
CA PHE A 979 -10.38 16.03 -28.70
C PHE A 979 -11.08 17.03 -29.59
N GLU A 980 -12.32 17.35 -29.23
CA GLU A 980 -13.13 18.27 -30.02
C GLU A 980 -12.65 19.72 -29.88
N ARG A 981 -12.19 20.07 -28.69
CA ARG A 981 -11.66 21.42 -28.45
C ARG A 981 -10.36 21.65 -29.20
N ILE A 982 -9.55 20.61 -29.30
CA ILE A 982 -8.29 20.70 -30.03
C ILE A 982 -8.54 20.68 -31.54
N ALA A 983 -9.53 19.90 -31.96
CA ALA A 983 -9.87 19.78 -33.38
C ALA A 983 -10.41 21.09 -33.95
N GLU A 984 -11.19 21.82 -33.14
CA GLU A 984 -11.75 23.09 -33.57
C GLU A 984 -10.72 24.22 -33.47
N ARG A 985 -9.49 23.85 -33.12
CA ARG A 985 -8.38 24.79 -33.11
C ARG A 985 -7.39 24.43 -34.20
N GLY A 986 -7.69 23.38 -34.96
CA GLY A 986 -6.88 22.97 -36.09
C GLY A 986 -6.02 21.77 -35.81
N GLY A 987 -6.44 20.94 -34.85
CA GLY A 987 -5.66 19.79 -34.44
C GLY A 987 -4.57 20.20 -33.47
N VAL A 988 -3.74 19.24 -33.07
CA VAL A 988 -2.68 19.49 -32.11
C VAL A 988 -1.75 20.60 -32.60
N LEU A 989 -1.34 20.50 -33.86
CA LEU A 989 -0.46 21.50 -34.45
C LEU A 989 -1.08 22.89 -34.44
N GLY A 990 -2.38 22.94 -34.74
CA GLY A 990 -3.10 24.20 -34.75
C GLY A 990 -3.20 24.81 -33.37
N ALA A 991 -3.57 24.00 -32.39
CA ALA A 991 -3.67 24.45 -31.01
C ALA A 991 -2.31 24.89 -30.48
N MET A 992 -1.27 24.21 -30.93
CA MET A 992 0.10 24.53 -30.49
C MET A 992 0.54 25.91 -30.93
N GLU A 993 0.16 26.32 -32.14
CA GLU A 993 0.59 27.62 -32.65
C GLU A 993 -0.01 28.76 -31.82
N THR A 994 -1.08 28.47 -31.10
CA THR A 994 -1.67 29.42 -30.16
C THR A 994 -1.11 29.20 -28.77
N GLY A 995 -0.63 27.98 -28.52
CA GLY A 995 -0.13 27.62 -27.21
C GLY A 995 -1.25 27.16 -26.30
N TYR A 996 -2.26 26.51 -26.89
CA TYR A 996 -3.43 26.05 -26.14
C TYR A 996 -3.07 25.02 -25.08
N GLN A 997 -2.29 24.02 -25.46
CA GLN A 997 -1.88 22.98 -24.52
C GLN A 997 -1.06 23.56 -23.38
N ARG A 998 0.00 24.29 -23.72
CA ARG A 998 0.86 24.89 -22.70
C ARG A 998 0.07 25.87 -21.83
N GLY A 999 -0.89 26.55 -22.43
CA GLY A 999 -1.76 27.46 -21.70
C GLY A 999 -2.67 26.74 -20.73
N LYS A 1000 -3.29 25.65 -21.20
CA LYS A 1000 -4.21 24.87 -20.38
C LYS A 1000 -3.47 24.19 -19.23
N ILE A 1001 -2.27 23.69 -19.52
CA ILE A 1001 -1.46 23.03 -18.51
C ILE A 1001 -1.07 24.00 -17.40
N GLN A 1002 -0.60 25.18 -17.79
CA GLN A 1002 -0.21 26.21 -16.84
C GLN A 1002 -1.39 26.64 -15.96
N GLU A 1003 -2.59 26.64 -16.53
CA GLU A 1003 -3.79 26.98 -15.79
C GLU A 1003 -4.11 25.94 -14.72
N GLU A 1004 -4.02 24.67 -15.10
CA GLU A 1004 -4.32 23.57 -14.18
C GLU A 1004 -3.27 23.47 -13.09
N SER A 1005 -2.05 23.88 -13.42
CA SER A 1005 -0.95 23.88 -12.45
C SER A 1005 -1.19 24.90 -11.34
N LEU A 1006 -1.58 26.11 -11.72
CA LEU A 1006 -1.84 27.16 -10.75
C LEU A 1006 -3.03 26.80 -9.86
N TYR A 1007 -3.99 26.08 -10.43
CA TYR A 1007 -5.16 25.63 -9.68
C TYR A 1007 -4.75 24.62 -8.63
N TYR A 1008 -3.84 23.73 -9.01
CA TYR A 1008 -3.32 22.72 -8.10
C TYR A 1008 -2.58 23.37 -6.93
N GLU A 1009 -1.68 24.29 -7.26
CA GLU A 1009 -0.84 24.95 -6.26
C GLU A 1009 -1.65 25.88 -5.37
N GLN A 1010 -2.73 26.44 -5.91
CA GLN A 1010 -3.59 27.33 -5.14
C GLN A 1010 -4.29 26.56 -4.02
N LEU A 1011 -4.98 25.48 -4.38
CA LEU A 1011 -5.70 24.66 -3.42
C LEU A 1011 -4.75 23.97 -2.44
N LYS A 1012 -3.56 23.64 -2.92
CA LYS A 1012 -2.54 23.02 -2.07
C LYS A 1012 -2.08 23.98 -0.97
N HIS A 1013 -1.78 25.21 -1.37
CA HIS A 1013 -1.38 26.25 -0.42
C HIS A 1013 -2.57 26.70 0.42
N ASP A 1014 -3.74 26.76 -0.20
CA ASP A 1014 -4.96 27.15 0.48
C ASP A 1014 -5.28 26.18 1.61
N GLY A 1015 -4.90 24.92 1.42
CA GLY A 1015 -5.21 23.88 2.37
C GLY A 1015 -6.47 23.14 1.96
N THR A 1016 -7.10 23.63 0.90
CA THR A 1016 -8.30 23.00 0.36
C THR A 1016 -8.00 21.59 -0.09
N LEU A 1017 -6.91 21.43 -0.83
CA LEU A 1017 -6.42 20.13 -1.24
C LEU A 1017 -5.39 19.61 -0.24
N PRO A 1018 -5.81 18.72 0.66
CA PRO A 1018 -4.95 18.27 1.75
C PRO A 1018 -3.77 17.44 1.26
N ILE A 1019 -2.57 17.76 1.77
CA ILE A 1019 -1.38 16.97 1.51
C ILE A 1019 -0.75 16.60 2.84
N ILE A 1020 -0.83 15.31 3.18
CA ILE A 1020 -0.35 14.83 4.48
C ILE A 1020 1.15 15.05 4.65
N GLY A 1021 1.50 15.83 5.68
CA GLY A 1021 2.89 16.12 5.95
C GLY A 1021 3.32 17.48 5.43
N VAL A 1022 2.54 18.04 4.51
CA VAL A 1022 2.88 19.33 3.91
C VAL A 1022 1.98 20.44 4.45
N ASN A 1023 0.70 20.43 4.07
CA ASN A 1023 -0.21 21.47 4.53
C ASN A 1023 -1.12 20.99 5.66
N THR A 1024 -0.82 19.81 6.18
CA THR A 1024 -1.54 19.26 7.32
C THR A 1024 -0.75 18.11 7.93
N PHE A 1025 -1.00 17.82 9.19
CA PHE A 1025 -0.29 16.77 9.92
C PHE A 1025 1.22 17.01 9.85
N ARG A 1026 1.62 18.26 10.08
CA ARG A 1026 3.03 18.65 10.01
C ARG A 1026 3.78 18.17 11.24
N ASN A 1027 5.04 17.79 11.05
CA ASN A 1027 5.88 17.28 12.13
C ASN A 1027 6.20 18.36 13.15
N PRO A 1028 5.74 18.19 14.39
CA PRO A 1028 5.97 19.16 15.47
C PRO A 1028 7.44 19.38 15.78
N ASN A 1029 8.27 18.37 15.54
CA ASN A 1029 9.70 18.46 15.87
C ASN A 1029 10.54 19.04 14.74
N GLY A 1030 10.54 18.38 13.59
CA GLY A 1030 11.37 18.78 12.48
C GLY A 1030 10.66 19.65 11.45
N ASP A 1031 11.18 20.86 11.24
CA ASP A 1031 10.64 21.74 10.20
C ASP A 1031 11.16 21.34 8.81
N PRO A 1032 12.47 21.08 8.65
CA PRO A 1032 12.87 20.59 7.33
C PRO A 1032 12.96 19.06 7.28
N ARG A 1041 27.12 15.17 -9.17
CA ARG A 1041 26.91 13.75 -8.94
C ARG A 1041 27.72 12.93 -9.93
N SER A 1042 28.90 13.43 -10.28
CA SER A 1042 29.76 12.80 -11.27
C SER A 1042 31.23 13.01 -10.95
N SER A 1043 31.99 11.92 -10.97
CA SER A 1043 33.41 11.96 -10.64
C SER A 1043 34.20 12.86 -11.59
N GLU A 1044 35.19 13.54 -11.05
CA GLU A 1044 36.08 14.36 -11.85
C GLU A 1044 36.85 13.47 -12.83
N ASP A 1045 37.16 12.26 -12.39
CA ASP A 1045 37.83 11.26 -13.22
C ASP A 1045 36.95 10.86 -14.39
N GLU A 1046 35.67 10.64 -14.10
CA GLU A 1046 34.72 10.21 -15.10
C GLU A 1046 34.58 11.23 -16.23
N LYS A 1047 34.58 12.51 -15.87
CA LYS A 1047 34.53 13.58 -16.87
C LYS A 1047 35.78 13.54 -17.75
N GLN A 1048 36.94 13.44 -17.10
CA GLN A 1048 38.20 13.37 -17.81
C GLN A 1048 38.29 12.11 -18.65
N SER A 1049 37.64 11.05 -18.19
CA SER A 1049 37.55 9.81 -18.95
C SER A 1049 36.81 10.03 -20.26
N GLN A 1050 35.64 10.65 -20.17
CA GLN A 1050 34.82 10.91 -21.35
C GLN A 1050 35.54 11.79 -22.38
N LEU A 1051 36.29 12.77 -21.88
CA LEU A 1051 37.06 13.64 -22.77
C LEU A 1051 38.18 12.86 -23.45
N HIS A 1052 38.83 12.01 -22.67
CA HIS A 1052 39.92 11.18 -23.19
C HIS A 1052 39.41 10.19 -24.24
N ARG A 1053 38.30 9.52 -23.91
CA ARG A 1053 37.71 8.55 -24.82
C ARG A 1053 37.23 9.22 -26.11
N LEU A 1054 36.69 10.43 -25.98
CA LEU A 1054 36.16 11.15 -27.13
C LEU A 1054 37.26 11.56 -28.09
N THR A 1055 38.31 12.20 -27.57
CA THR A 1055 39.42 12.65 -28.41
C THR A 1055 40.15 11.45 -29.01
N GLU A 1056 40.02 10.30 -28.36
CA GLU A 1056 40.59 9.06 -28.87
C GLU A 1056 39.73 8.53 -30.01
N PHE A 1057 38.41 8.59 -29.83
CA PHE A 1057 37.46 8.16 -30.85
C PHE A 1057 37.62 9.02 -32.10
N HIS A 1058 37.74 10.33 -31.90
CA HIS A 1058 37.91 11.27 -33.00
C HIS A 1058 39.18 11.00 -33.78
N GLY A 1059 40.25 10.69 -33.05
CA GLY A 1059 41.53 10.40 -33.67
C GLY A 1059 41.49 9.12 -34.50
N ALA A 1060 40.76 8.14 -34.00
CA ALA A 1060 40.68 6.84 -34.66
C ALA A 1060 39.96 6.93 -36.01
N HIS A 1061 38.97 7.81 -36.09
CA HIS A 1061 38.18 7.97 -37.31
C HIS A 1061 38.40 9.33 -37.93
N GLN A 1062 39.60 9.87 -37.79
CA GLN A 1062 39.92 11.21 -38.29
C GLN A 1062 39.81 11.29 -39.81
N ALA A 1063 40.10 10.18 -40.49
CA ALA A 1063 40.08 10.15 -41.94
C ALA A 1063 38.66 10.06 -42.50
N ASP A 1064 37.84 9.22 -41.89
CA ASP A 1064 36.52 8.93 -42.41
C ASP A 1064 35.45 9.88 -41.87
N ALA A 1065 35.83 10.73 -40.93
CA ALA A 1065 34.89 11.62 -40.26
C ALA A 1065 34.18 12.57 -41.22
N GLU A 1066 34.97 13.37 -41.94
CA GLU A 1066 34.41 14.41 -42.80
C GLU A 1066 33.59 13.86 -43.95
N ALA A 1067 34.11 12.82 -44.61
CA ALA A 1067 33.44 12.21 -45.75
C ALA A 1067 32.08 11.65 -45.34
N MET A 1068 31.98 11.19 -44.09
CA MET A 1068 30.73 10.65 -43.57
C MET A 1068 29.74 11.76 -43.23
N LEU A 1069 30.22 12.80 -42.56
CA LEU A 1069 29.39 13.94 -42.20
C LEU A 1069 28.87 14.64 -43.45
N ALA A 1070 29.72 14.74 -44.47
CA ALA A 1070 29.31 15.34 -45.73
C ALA A 1070 28.22 14.50 -46.37
N ARG A 1071 28.37 13.18 -46.32
CA ARG A 1071 27.38 12.27 -46.85
C ARG A 1071 26.03 12.43 -46.13
N LEU A 1072 26.11 12.67 -44.82
CA LEU A 1072 24.92 12.86 -44.01
C LEU A 1072 24.16 14.12 -44.41
N ARG A 1073 24.88 15.21 -44.60
CA ARG A 1073 24.25 16.48 -44.98
C ARG A 1073 23.64 16.38 -46.37
N GLN A 1074 24.36 15.74 -47.28
CA GLN A 1074 23.88 15.57 -48.65
C GLN A 1074 22.60 14.76 -48.68
N ALA A 1075 22.45 13.87 -47.71
CA ALA A 1075 21.24 13.04 -47.61
C ALA A 1075 20.03 13.90 -47.27
N VAL A 1076 20.24 14.90 -46.43
CA VAL A 1076 19.17 15.82 -46.05
C VAL A 1076 18.80 16.72 -47.21
N ILE A 1077 19.81 17.18 -47.95
CA ILE A 1077 19.59 18.02 -49.10
C ILE A 1077 18.82 17.28 -50.19
N ASP A 1078 19.19 16.02 -50.42
CA ASP A 1078 18.56 15.21 -51.46
C ASP A 1078 17.29 14.53 -50.97
N ASN A 1079 16.87 14.88 -49.76
CA ASN A 1079 15.67 14.35 -49.13
C ASN A 1079 15.63 12.82 -49.05
N ARG A 1080 16.80 12.21 -48.99
CA ARG A 1080 16.90 10.76 -48.81
C ARG A 1080 16.70 10.42 -47.34
N ASN A 1081 16.72 9.12 -47.01
CA ASN A 1081 16.51 8.69 -45.64
C ASN A 1081 17.68 9.04 -44.73
N VAL A 1082 17.40 9.80 -43.68
CA VAL A 1082 18.44 10.28 -42.78
C VAL A 1082 18.92 9.20 -41.82
N PHE A 1083 17.99 8.41 -41.30
CA PHE A 1083 18.35 7.38 -40.34
C PHE A 1083 19.24 6.31 -40.96
N ALA A 1084 19.01 6.02 -42.23
CA ALA A 1084 19.81 5.03 -42.95
C ALA A 1084 21.28 5.43 -42.95
N VAL A 1085 21.54 6.72 -43.14
CA VAL A 1085 22.91 7.23 -43.12
C VAL A 1085 23.44 7.25 -41.69
N LEU A 1086 22.55 7.50 -40.73
CA LEU A 1086 22.94 7.53 -39.33
C LEU A 1086 23.42 6.16 -38.84
N MET A 1087 22.93 5.11 -39.50
CA MET A 1087 23.33 3.75 -39.16
C MET A 1087 24.79 3.50 -39.46
N ASP A 1088 25.35 4.30 -40.38
CA ASP A 1088 26.76 4.21 -40.71
C ASP A 1088 27.55 5.32 -40.03
N ALA A 1089 26.88 6.46 -39.84
CA ALA A 1089 27.53 7.66 -39.33
C ALA A 1089 28.05 7.48 -37.90
N VAL A 1090 27.28 6.78 -37.07
CA VAL A 1090 27.62 6.62 -35.66
C VAL A 1090 28.87 5.76 -35.45
N ARG A 1091 29.37 5.15 -36.52
CA ARG A 1091 30.55 4.30 -36.45
C ARG A 1091 31.86 5.07 -36.55
N VAL A 1092 31.81 6.25 -37.17
CA VAL A 1092 33.01 7.05 -37.35
C VAL A 1092 32.81 8.49 -36.88
N CYS A 1093 31.59 8.81 -36.43
CA CYS A 1093 31.29 10.15 -35.96
C CYS A 1093 30.69 10.13 -34.56
N SER A 1094 31.01 11.17 -33.78
CA SER A 1094 30.49 11.29 -32.43
C SER A 1094 29.13 11.96 -32.43
N LEU A 1095 28.48 12.00 -31.28
CA LEU A 1095 27.16 12.59 -31.13
C LEU A 1095 27.15 14.05 -31.56
N GLY A 1096 28.11 14.83 -31.04
CA GLY A 1096 28.22 16.24 -31.34
C GLY A 1096 28.49 16.50 -32.81
N GLN A 1097 29.40 15.73 -33.39
CA GLN A 1097 29.75 15.86 -34.80
C GLN A 1097 28.53 15.70 -35.70
N ILE A 1098 27.68 14.73 -35.35
CA ILE A 1098 26.49 14.45 -36.14
C ILE A 1098 25.45 15.56 -35.97
N THR A 1099 25.18 15.93 -34.73
CA THR A 1099 24.19 16.95 -34.43
C THR A 1099 24.48 18.27 -35.13
N HIS A 1100 25.72 18.74 -35.00
CA HIS A 1100 26.10 20.01 -35.59
C HIS A 1100 26.20 19.93 -37.11
N ALA A 1101 26.43 18.74 -37.64
CA ALA A 1101 26.39 18.54 -39.08
C ALA A 1101 24.94 18.73 -39.55
N LEU A 1102 24.00 18.24 -38.76
CA LEU A 1102 22.59 18.38 -39.07
C LEU A 1102 22.13 19.82 -38.87
N PHE A 1103 22.74 20.51 -37.91
CA PHE A 1103 22.46 21.93 -37.70
C PHE A 1103 22.74 22.73 -38.98
N GLU A 1104 23.87 22.40 -39.62
CA GLU A 1104 24.32 23.12 -40.81
C GLU A 1104 23.33 22.92 -41.97
N VAL A 1105 22.52 21.87 -41.86
CA VAL A 1105 21.64 21.45 -42.95
C VAL A 1105 20.18 21.19 -42.53
N GLY A 1106 19.90 21.24 -41.23
CA GLY A 1106 18.55 20.97 -40.75
C GLY A 1106 17.99 22.06 -39.85
N GLY A 1107 18.87 22.94 -39.38
CA GLY A 1107 18.46 24.11 -38.60
C GLY A 1107 18.17 23.83 -37.14
N GLN A 1108 18.44 24.83 -36.31
CA GLN A 1108 18.22 24.73 -34.87
C GLN A 1108 16.85 25.29 -34.51
N TYR A 1109 16.26 24.75 -33.44
CA TYR A 1109 14.98 25.21 -32.94
C TYR A 1109 15.05 26.67 -32.51
N ARG A 1110 14.06 27.45 -32.95
CA ARG A 1110 13.96 28.85 -32.54
C ARG A 1110 13.09 28.96 -31.30
N ARG A 1111 13.60 29.66 -30.29
CA ARG A 1111 12.89 29.77 -29.01
C ARG A 1111 11.55 30.45 -29.18
N ASN A 1112 10.50 29.63 -29.15
CA ASN A 1112 9.14 30.11 -29.31
C ASN A 1112 8.51 30.37 -27.95
N MET A 1113 7.18 30.38 -27.89
CA MET A 1113 6.46 30.57 -26.64
C MET A 1113 5.32 29.57 -26.49
N GLY B 42 19.80 -45.97 26.99
CA GLY B 42 19.38 -45.92 28.37
C GLY B 42 20.50 -45.50 29.30
N PRO B 43 20.14 -44.79 30.39
CA PRO B 43 21.11 -44.31 31.38
C PRO B 43 21.59 -45.42 32.33
N ALA B 44 22.37 -45.05 33.33
CA ALA B 44 22.81 -46.02 34.35
C ALA B 44 21.78 -46.10 35.48
N ASN B 45 21.60 -44.99 36.19
CA ASN B 45 20.58 -44.91 37.22
C ASN B 45 19.21 -44.64 36.59
N LYS B 46 18.18 -44.58 37.42
CA LYS B 46 16.86 -44.20 36.94
C LYS B 46 16.73 -42.68 36.98
N VAL B 47 16.94 -42.04 35.84
CA VAL B 47 16.96 -40.59 35.75
C VAL B 47 15.56 -40.00 35.62
N ARG B 48 15.23 -39.06 36.50
CA ARG B 48 13.93 -38.41 36.50
C ARG B 48 14.07 -36.90 36.25
N PHE B 49 13.17 -36.36 35.43
CA PHE B 49 13.18 -34.95 35.10
C PHE B 49 11.88 -34.26 35.48
N VAL B 50 11.94 -32.95 35.65
CA VAL B 50 10.73 -32.13 35.76
C VAL B 50 10.77 -31.06 34.68
N THR B 51 9.86 -31.16 33.72
CA THR B 51 9.83 -30.21 32.61
C THR B 51 8.64 -29.26 32.73
N ALA B 52 8.88 -27.99 32.39
CA ALA B 52 7.84 -26.98 32.44
C ALA B 52 8.25 -25.76 31.62
N ALA B 53 7.27 -24.93 31.27
CA ALA B 53 7.55 -23.64 30.66
C ALA B 53 7.44 -22.58 31.74
N SER B 54 8.23 -21.52 31.60
CA SER B 54 8.31 -20.47 32.63
C SER B 54 6.95 -19.81 32.88
N LEU B 55 6.90 -18.96 33.91
CA LEU B 55 5.66 -18.30 34.29
C LEU B 55 5.12 -17.41 33.16
N PHE B 56 3.80 -17.44 32.99
CA PHE B 56 3.12 -16.64 31.97
C PHE B 56 3.59 -16.97 30.56
N ASP B 57 4.27 -18.10 30.40
CA ASP B 57 4.75 -18.54 29.10
C ASP B 57 3.89 -19.70 28.61
N GLY B 58 3.07 -19.43 27.59
CA GLY B 58 2.18 -20.43 27.05
C GLY B 58 2.83 -21.32 26.02
N HIS B 59 3.96 -20.88 25.49
CA HIS B 59 4.64 -21.65 24.44
C HIS B 59 5.28 -22.91 25.00
N ASP B 60 4.53 -24.01 24.96
CA ASP B 60 5.04 -25.29 25.40
C ASP B 60 5.31 -26.21 24.22
N ALA B 61 5.29 -25.61 23.03
CA ALA B 61 5.53 -26.35 21.79
C ALA B 61 6.90 -27.01 21.77
N SER B 62 7.90 -26.28 22.27
CA SER B 62 9.27 -26.75 22.22
C SER B 62 9.59 -27.70 23.38
N ILE B 63 9.13 -27.35 24.59
CA ILE B 63 9.43 -28.16 25.77
C ILE B 63 8.78 -29.55 25.65
N ASN B 64 7.72 -29.64 24.85
CA ASN B 64 7.09 -30.92 24.58
C ASN B 64 7.94 -31.78 23.65
N ILE B 65 8.47 -31.18 22.59
CA ILE B 65 9.40 -31.86 21.70
C ILE B 65 10.59 -32.40 22.48
N MET B 66 11.09 -31.59 23.42
CA MET B 66 12.20 -31.98 24.27
C MET B 66 11.87 -33.19 25.12
N ARG B 67 10.79 -33.12 25.88
CA ARG B 67 10.47 -34.15 26.86
C ARG B 67 10.12 -35.47 26.20
N ARG B 68 9.87 -35.46 24.90
CA ARG B 68 9.62 -36.70 24.17
C ARG B 68 10.93 -37.41 23.85
N ILE B 69 11.96 -36.64 23.57
CA ILE B 69 13.30 -37.20 23.35
C ILE B 69 13.86 -37.70 24.67
N LEU B 70 13.56 -37.00 25.76
CA LEU B 70 13.99 -37.40 27.09
C LEU B 70 13.40 -38.75 27.46
N GLN B 71 12.12 -38.92 27.18
CA GLN B 71 11.42 -40.17 27.48
C GLN B 71 11.97 -41.32 26.66
N SER B 72 12.23 -41.06 25.37
CA SER B 72 12.69 -42.12 24.48
C SER B 72 14.11 -42.57 24.81
N GLN B 73 14.81 -41.77 25.62
CA GLN B 73 16.16 -42.12 26.03
C GLN B 73 16.18 -42.75 27.42
N GLY B 74 15.00 -43.07 27.94
CA GLY B 74 14.87 -43.84 29.18
C GLY B 74 14.69 -43.02 30.44
N CYS B 75 14.18 -41.80 30.31
CA CYS B 75 13.98 -40.94 31.47
C CYS B 75 12.52 -40.85 31.87
N GLU B 76 12.28 -40.78 33.17
CA GLU B 76 10.92 -40.58 33.68
C GLU B 76 10.66 -39.08 33.83
N VAL B 77 9.88 -38.53 32.91
CA VAL B 77 9.62 -37.09 32.88
C VAL B 77 8.31 -36.71 33.57
N ILE B 78 8.41 -36.00 34.68
CA ILE B 78 7.23 -35.42 35.31
C ILE B 78 6.93 -34.09 34.64
N HIS B 79 6.07 -34.13 33.62
CA HIS B 79 5.75 -32.92 32.85
C HIS B 79 4.73 -32.06 33.58
N LEU B 80 5.06 -30.78 33.73
CA LEU B 80 4.20 -29.83 34.44
C LEU B 80 3.44 -28.91 33.50
N GLY B 81 3.71 -29.03 32.21
CA GLY B 81 3.06 -28.19 31.21
C GLY B 81 3.64 -26.80 31.14
N HIS B 82 2.77 -25.80 30.98
CA HIS B 82 3.20 -24.42 30.80
C HIS B 82 2.75 -23.54 31.96
N ASN B 83 3.15 -22.27 31.91
CA ASN B 83 2.74 -21.26 32.89
C ASN B 83 3.01 -21.70 34.33
N ARG B 84 4.26 -22.06 34.61
CA ARG B 84 4.63 -22.53 35.95
C ARG B 84 5.54 -21.55 36.66
N SER B 85 5.18 -21.20 37.89
CA SER B 85 6.02 -20.37 38.73
C SER B 85 7.23 -21.17 39.19
N VAL B 86 8.25 -20.48 39.70
CA VAL B 86 9.42 -21.16 40.24
C VAL B 86 8.99 -22.00 41.44
N GLN B 87 8.16 -21.42 42.29
CA GLN B 87 7.64 -22.11 43.47
C GLN B 87 6.99 -23.45 43.10
N GLU B 88 6.30 -23.48 41.97
CA GLU B 88 5.64 -24.69 41.51
C GLU B 88 6.64 -25.73 41.03
N VAL B 89 7.53 -25.32 40.12
CA VAL B 89 8.54 -26.23 39.57
C VAL B 89 9.44 -26.81 40.67
N VAL B 90 9.85 -25.97 41.62
CA VAL B 90 10.73 -26.40 42.69
C VAL B 90 10.02 -27.38 43.62
N THR B 91 8.81 -27.02 44.04
CA THR B 91 8.02 -27.90 44.91
C THR B 91 7.82 -29.27 44.26
N ALA B 92 7.61 -29.26 42.95
CA ALA B 92 7.47 -30.49 42.18
C ALA B 92 8.78 -31.28 42.19
N ALA B 93 9.87 -30.60 41.88
CA ALA B 93 11.18 -31.24 41.80
C ALA B 93 11.60 -31.85 43.13
N LEU B 94 11.34 -31.14 44.22
CA LEU B 94 11.74 -31.59 45.54
C LEU B 94 10.93 -32.80 46.01
N GLN B 95 9.66 -32.84 45.65
CA GLN B 95 8.79 -33.95 46.05
C GLN B 95 9.04 -35.17 45.17
N GLU B 96 9.16 -34.94 43.86
CA GLU B 96 9.42 -36.03 42.92
C GLU B 96 10.84 -36.57 43.10
N ASP B 97 11.70 -35.75 43.69
CA ASP B 97 13.12 -36.06 43.88
C ASP B 97 13.78 -36.41 42.54
N VAL B 98 13.95 -35.39 41.70
CA VAL B 98 14.52 -35.57 40.37
C VAL B 98 15.99 -35.17 40.33
N GLN B 99 16.69 -35.62 39.30
CA GLN B 99 18.08 -35.28 39.11
C GLN B 99 18.25 -34.00 38.30
N GLY B 100 17.21 -33.66 37.52
CA GLY B 100 17.30 -32.53 36.62
C GLY B 100 16.00 -31.79 36.37
N ILE B 101 16.11 -30.52 36.00
CA ILE B 101 14.96 -29.69 35.68
C ILE B 101 15.16 -29.00 34.33
N ALA B 102 14.17 -29.12 33.45
CA ALA B 102 14.25 -28.48 32.14
C ALA B 102 13.16 -27.41 31.98
N ILE B 103 13.58 -26.17 31.85
CA ILE B 103 12.63 -25.06 31.70
C ILE B 103 12.82 -24.34 30.38
N SER B 104 11.72 -24.09 29.67
CA SER B 104 11.78 -23.33 28.43
C SER B 104 11.14 -21.94 28.61
N SER B 105 11.95 -20.90 28.42
CA SER B 105 11.49 -19.53 28.63
C SER B 105 11.54 -18.73 27.33
N TYR B 106 10.38 -18.39 26.80
CA TYR B 106 10.30 -17.71 25.51
C TYR B 106 9.67 -16.32 25.59
N GLN B 107 9.27 -15.91 26.79
CA GLN B 107 8.62 -14.62 26.98
C GLN B 107 9.55 -13.61 27.65
N GLY B 108 10.79 -14.00 27.87
CA GLY B 108 11.75 -13.14 28.54
C GLY B 108 11.64 -13.25 30.05
N GLY B 109 12.40 -12.41 30.76
CA GLY B 109 12.42 -12.46 32.22
C GLY B 109 13.06 -13.76 32.70
N HIS B 110 13.89 -14.34 31.85
CA HIS B 110 14.50 -15.64 32.10
C HIS B 110 15.57 -15.58 33.18
N VAL B 111 16.39 -14.52 33.15
CA VAL B 111 17.48 -14.37 34.11
C VAL B 111 16.97 -14.37 35.54
N GLU B 112 16.00 -13.51 35.82
CA GLU B 112 15.41 -13.43 37.15
C GLU B 112 14.74 -14.74 37.54
N TYR B 113 14.17 -15.42 36.55
CA TYR B 113 13.47 -16.67 36.78
C TYR B 113 14.41 -17.78 37.22
N PHE B 114 15.50 -17.95 36.49
CA PHE B 114 16.45 -19.03 36.79
C PHE B 114 17.24 -18.76 38.06
N LYS B 115 17.57 -17.50 38.31
CA LYS B 115 18.25 -17.12 39.55
C LYS B 115 17.40 -17.49 40.75
N TYR B 116 16.10 -17.17 40.65
CA TYR B 116 15.16 -17.49 41.71
C TYR B 116 15.09 -19.00 41.95
N MET B 117 15.08 -19.77 40.86
CA MET B 117 14.98 -21.21 40.95
C MET B 117 16.22 -21.82 41.60
N ILE B 118 17.38 -21.25 41.29
CA ILE B 118 18.63 -21.71 41.88
C ILE B 118 18.67 -21.39 43.38
N ASP B 119 18.20 -20.19 43.72
CA ASP B 119 18.12 -19.78 45.12
C ASP B 119 17.18 -20.67 45.91
N LEU B 120 15.97 -20.83 45.39
CA LEU B 120 14.93 -21.58 46.09
C LEU B 120 15.30 -23.04 46.23
N LEU B 121 16.05 -23.56 45.25
CA LEU B 121 16.49 -24.95 45.29
C LEU B 121 17.52 -25.18 46.38
N ARG B 122 18.50 -24.28 46.46
CA ARG B 122 19.57 -24.41 47.43
C ARG B 122 19.05 -24.24 48.85
N GLU B 123 18.01 -23.44 49.01
CA GLU B 123 17.45 -23.16 50.33
C GLU B 123 16.72 -24.37 50.91
N HIS B 124 16.05 -25.13 50.05
CA HIS B 124 15.23 -26.25 50.52
C HIS B 124 15.76 -27.62 50.08
N GLY B 125 17.08 -27.78 50.15
CA GLY B 125 17.71 -29.07 49.93
C GLY B 125 17.57 -29.65 48.54
N GLY B 126 17.82 -28.82 47.53
CA GLY B 126 17.75 -29.27 46.15
C GLY B 126 18.92 -28.74 45.34
N GLU B 127 20.04 -28.54 46.01
CA GLU B 127 21.22 -27.96 45.37
C GLU B 127 21.92 -28.93 44.42
N HIS B 128 21.63 -30.22 44.57
CA HIS B 128 22.23 -31.23 43.68
C HIS B 128 21.36 -31.49 42.46
N ILE B 129 20.19 -30.85 42.43
CA ILE B 129 19.32 -30.91 41.26
C ILE B 129 19.83 -29.95 40.20
N GLN B 130 19.98 -30.43 38.96
CA GLN B 130 20.56 -29.61 37.90
C GLN B 130 19.49 -28.96 37.05
N VAL B 131 19.62 -27.65 36.85
CA VAL B 131 18.64 -26.88 36.07
C VAL B 131 19.15 -26.60 34.67
N PHE B 132 18.31 -26.88 33.66
CA PHE B 132 18.67 -26.62 32.27
C PHE B 132 17.68 -25.65 31.64
N GLY B 133 18.09 -24.98 30.58
CA GLY B 133 17.22 -23.98 29.99
C GLY B 133 17.41 -23.75 28.50
N GLY B 134 16.33 -23.28 27.87
CA GLY B 134 16.35 -22.90 26.47
C GLY B 134 15.30 -21.83 26.25
N GLY B 135 15.42 -21.11 25.13
CA GLY B 135 14.47 -20.08 24.80
C GLY B 135 14.69 -19.54 23.40
N GLY B 136 15.44 -20.29 22.60
CA GLY B 136 15.82 -19.83 21.28
C GLY B 136 16.78 -18.67 21.39
N GLY B 137 16.43 -17.56 20.74
CA GLY B 137 17.31 -16.40 20.73
C GLY B 137 16.99 -15.37 21.79
N VAL B 138 16.07 -15.71 22.69
CA VAL B 138 15.68 -14.80 23.76
C VAL B 138 16.82 -14.67 24.79
N ILE B 139 17.60 -15.73 24.92
CA ILE B 139 18.70 -15.75 25.89
C ILE B 139 20.05 -15.54 25.20
N VAL B 140 20.56 -14.31 25.28
CA VAL B 140 21.81 -13.92 24.63
C VAL B 140 23.03 -14.50 25.36
N PRO B 141 24.17 -14.63 24.65
CA PRO B 141 25.41 -15.18 25.20
C PRO B 141 25.80 -14.68 26.60
N ASP B 142 25.72 -13.37 26.83
CA ASP B 142 26.08 -12.82 28.14
C ASP B 142 25.17 -13.33 29.24
N GLU B 143 23.88 -13.46 28.92
CA GLU B 143 22.92 -13.95 29.89
C GLU B 143 23.11 -15.44 30.16
N ILE B 144 23.69 -16.15 29.20
CA ILE B 144 23.98 -17.56 29.38
C ILE B 144 25.12 -17.76 30.36
N ARG B 145 26.23 -17.05 30.12
CA ARG B 145 27.41 -17.17 30.98
C ARG B 145 27.11 -16.65 32.39
N GLU B 146 26.19 -15.72 32.49
CA GLU B 146 25.81 -15.17 33.79
C GLU B 146 25.05 -16.20 34.62
N LEU B 147 24.08 -16.85 33.98
CA LEU B 147 23.25 -17.82 34.67
C LEU B 147 24.00 -19.13 34.93
N GLN B 148 24.82 -19.55 33.97
CA GLN B 148 25.59 -20.78 34.13
C GLN B 148 26.56 -20.65 35.29
N ALA B 149 27.03 -19.43 35.53
CA ALA B 149 27.93 -19.16 36.64
C ALA B 149 27.15 -19.02 37.95
N TYR B 150 25.88 -18.66 37.84
CA TYR B 150 25.05 -18.43 39.03
C TYR B 150 24.71 -19.74 39.71
N GLY B 151 24.47 -20.78 38.93
CA GLY B 151 24.11 -22.08 39.47
C GLY B 151 23.39 -22.97 38.48
N VAL B 152 23.04 -22.41 37.32
CA VAL B 152 22.37 -23.17 36.28
C VAL B 152 23.35 -24.14 35.63
N ALA B 153 22.92 -25.38 35.46
CA ALA B 153 23.77 -26.41 34.86
C ALA B 153 24.18 -26.05 33.44
N ARG B 154 23.20 -25.94 32.55
CA ARG B 154 23.45 -25.55 31.17
C ARG B 154 22.30 -24.72 30.61
N ILE B 155 22.63 -23.79 29.73
CA ILE B 155 21.62 -23.09 28.96
C ILE B 155 22.02 -23.14 27.49
N TYR B 156 21.29 -23.94 26.73
CA TYR B 156 21.66 -24.25 25.36
C TYR B 156 21.29 -23.12 24.40
N SER B 157 22.30 -22.54 23.77
CA SER B 157 22.11 -21.51 22.75
C SER B 157 21.71 -22.16 21.43
N PRO B 158 21.10 -21.38 20.53
CA PRO B 158 20.80 -21.89 19.19
C PRO B 158 22.06 -22.35 18.45
N GLU B 159 23.21 -21.82 18.86
CA GLU B 159 24.50 -22.27 18.34
C GLU B 159 24.74 -23.73 18.74
N ASP B 160 24.26 -24.10 19.92
CA ASP B 160 24.36 -25.49 20.38
C ASP B 160 23.34 -26.37 19.67
N GLY B 161 22.26 -25.74 19.20
CA GLY B 161 21.21 -26.47 18.51
C GLY B 161 21.68 -27.05 17.19
N GLN B 162 22.25 -26.20 16.34
CA GLN B 162 22.74 -26.62 15.04
C GLN B 162 23.94 -27.55 15.17
N ARG B 163 24.79 -27.26 16.13
CA ARG B 163 26.02 -28.03 16.33
C ARG B 163 25.76 -29.41 16.92
N MET B 164 25.19 -29.45 18.12
CA MET B 164 24.96 -30.70 18.84
C MET B 164 23.80 -31.50 18.24
N GLY B 165 22.81 -30.79 17.74
CA GLY B 165 21.59 -31.43 17.29
C GLY B 165 20.56 -31.47 18.42
N LEU B 166 19.29 -31.57 18.06
CA LEU B 166 18.22 -31.55 19.06
C LEU B 166 18.35 -32.73 20.01
N ALA B 167 18.52 -33.92 19.45
CA ALA B 167 18.71 -35.12 20.26
C ALA B 167 20.06 -35.06 20.98
N GLY B 168 21.01 -34.35 20.38
CA GLY B 168 22.33 -34.19 20.97
C GLY B 168 22.29 -33.46 22.30
N MET B 169 21.55 -32.35 22.34
CA MET B 169 21.40 -31.58 23.57
C MET B 169 20.73 -32.43 24.66
N ILE B 170 19.66 -33.12 24.28
CA ILE B 170 18.93 -33.96 25.21
C ILE B 170 19.83 -35.07 25.77
N THR B 171 20.61 -35.69 24.89
CA THR B 171 21.53 -36.73 25.29
C THR B 171 22.54 -36.20 26.30
N ASP B 172 23.10 -35.03 26.01
CA ASP B 172 24.06 -34.39 26.90
C ASP B 172 23.42 -34.07 28.25
N MET B 173 22.19 -33.58 28.21
CA MET B 173 21.46 -33.21 29.43
C MET B 173 21.11 -34.45 30.26
N ALA B 174 20.73 -35.53 29.57
CA ALA B 174 20.32 -36.75 30.25
C ALA B 174 21.50 -37.46 30.89
N GLN B 175 22.68 -37.29 30.30
CA GLN B 175 23.89 -37.92 30.81
C GLN B 175 24.41 -37.20 32.05
N ARG B 176 24.20 -35.88 32.10
CA ARG B 176 24.63 -35.08 33.24
C ARG B 176 23.82 -35.41 34.49
N CYS B 177 22.57 -35.79 34.30
CA CYS B 177 21.68 -36.10 35.41
C CYS B 177 21.66 -37.59 35.71
N ASP B 178 22.60 -38.33 35.12
CA ASP B 178 22.71 -39.75 35.36
C ASP B 178 23.44 -40.01 36.68
N ILE B 179 22.81 -39.64 37.78
CA ILE B 179 23.41 -39.81 39.10
C ILE B 179 22.45 -40.55 40.04
N ASP B 180 23.02 -41.19 41.07
CA ASP B 180 22.23 -41.91 42.06
C ASP B 180 21.74 -40.97 43.16
N LEU B 181 20.45 -41.02 43.46
CA LEU B 181 19.88 -40.14 44.47
C LEU B 181 19.57 -40.88 45.77
N THR B 182 19.86 -42.18 45.80
CA THR B 182 19.58 -42.98 46.98
C THR B 182 20.64 -42.76 48.05
N ARG B 183 21.73 -42.10 47.68
CA ARG B 183 22.79 -41.79 48.63
C ARG B 183 22.45 -40.54 49.43
N TYR B 184 21.40 -39.83 49.02
CA TYR B 184 20.91 -38.68 49.76
C TYR B 184 19.76 -39.09 50.68
N ALA B 185 19.31 -40.33 50.51
CA ALA B 185 18.19 -40.86 51.27
C ALA B 185 18.56 -41.10 52.73
N PRO B 186 17.62 -40.88 53.66
CA PRO B 186 17.83 -41.14 55.08
C PRO B 186 17.99 -42.62 55.40
N THR B 187 18.79 -42.93 56.42
CA THR B 187 18.98 -44.30 56.86
C THR B 187 18.21 -44.57 58.15
N THR B 188 17.57 -43.53 58.67
CA THR B 188 16.69 -43.65 59.82
C THR B 188 15.36 -42.95 59.56
N LEU B 189 14.31 -43.42 60.21
CA LEU B 189 12.96 -42.89 59.98
C LEU B 189 12.68 -41.64 60.79
N ASP B 190 13.67 -41.19 61.57
CA ASP B 190 13.50 -40.06 62.47
C ASP B 190 13.07 -38.79 61.76
N THR B 191 13.74 -38.49 60.64
CA THR B 191 13.45 -37.28 59.88
C THR B 191 12.09 -37.33 59.21
N VAL B 192 11.76 -38.47 58.60
CA VAL B 192 10.50 -38.62 57.88
C VAL B 192 9.30 -38.54 58.82
N VAL B 193 9.40 -39.26 59.94
CA VAL B 193 8.34 -39.25 60.95
C VAL B 193 8.13 -37.86 61.54
N ALA B 194 9.23 -37.13 61.72
CA ALA B 194 9.18 -35.79 62.27
C ALA B 194 8.33 -34.85 61.42
N GLY B 195 8.25 -35.13 60.12
CA GLY B 195 7.42 -34.35 59.22
C GLY B 195 8.16 -33.79 58.02
N ASP B 196 9.47 -34.06 57.97
CA ASP B 196 10.31 -33.59 56.86
C ASP B 196 9.91 -34.26 55.56
N ARG B 197 9.38 -33.48 54.63
CA ARG B 197 8.86 -34.02 53.38
C ARG B 197 9.98 -34.28 52.37
N ARG B 198 11.03 -33.48 52.43
CA ARG B 198 12.17 -33.67 51.53
C ARG B 198 12.88 -34.97 51.86
N ALA B 199 12.83 -35.36 53.13
CA ALA B 199 13.38 -36.63 53.56
C ALA B 199 12.48 -37.78 53.11
N LEU B 200 11.17 -37.55 53.18
CA LEU B 200 10.19 -38.51 52.71
C LEU B 200 10.37 -38.76 51.22
N ALA B 201 10.56 -37.69 50.46
CA ALA B 201 10.72 -37.77 49.01
C ALA B 201 11.96 -38.57 48.63
N GLN B 202 13.01 -38.44 49.43
CA GLN B 202 14.25 -39.14 49.16
C GLN B 202 14.21 -40.58 49.69
N LEU B 203 13.49 -40.78 50.78
CA LEU B 203 13.29 -42.13 51.33
C LEU B 203 12.55 -43.00 50.32
N ILE B 204 11.60 -42.40 49.62
CA ILE B 204 10.83 -43.08 48.61
C ILE B 204 11.73 -43.54 47.46
N THR B 205 12.64 -42.67 47.04
CA THR B 205 13.57 -42.98 45.96
C THR B 205 14.37 -44.24 46.28
N ALA B 206 14.82 -44.35 47.52
CA ALA B 206 15.59 -45.51 47.97
C ALA B 206 14.71 -46.77 47.93
N LEU B 207 13.46 -46.63 48.34
CA LEU B 207 12.54 -47.76 48.35
C LEU B 207 12.12 -48.17 46.95
N GLU B 208 11.96 -47.19 46.07
CA GLU B 208 11.57 -47.44 44.68
C GLU B 208 12.71 -48.13 43.93
N ASN B 209 13.94 -47.86 44.35
CA ASN B 209 15.11 -48.44 43.71
C ASN B 209 15.57 -49.72 44.41
N GLY B 210 14.96 -50.00 45.55
CA GLY B 210 15.32 -51.19 46.33
C GLY B 210 16.69 -51.08 46.93
N LYS B 211 17.11 -49.84 47.23
CA LYS B 211 18.42 -49.59 47.82
C LYS B 211 18.31 -49.23 49.29
N ALA B 212 17.20 -49.60 49.90
CA ALA B 212 16.98 -49.35 51.33
C ALA B 212 17.28 -50.59 52.15
N ASP B 213 17.84 -50.39 53.33
CA ASP B 213 18.18 -51.51 54.22
C ASP B 213 16.93 -52.25 54.67
N PRO B 214 16.97 -53.60 54.60
CA PRO B 214 15.83 -54.45 54.98
C PRO B 214 15.31 -54.21 56.39
N GLU B 215 16.22 -53.96 57.33
CA GLU B 215 15.82 -53.71 58.72
C GLU B 215 15.12 -52.35 58.84
N LEU B 216 15.44 -51.44 57.91
CA LEU B 216 14.80 -50.13 57.89
C LEU B 216 13.39 -50.23 57.33
N VAL B 217 13.22 -51.11 56.33
CA VAL B 217 11.94 -51.31 55.68
C VAL B 217 10.93 -51.93 56.65
N SER B 218 11.38 -52.94 57.39
CA SER B 218 10.51 -53.62 58.35
C SER B 218 10.12 -52.68 59.48
N ALA B 219 11.03 -51.78 59.85
CA ALA B 219 10.73 -50.77 60.86
C ALA B 219 9.76 -49.74 60.32
N LEU B 220 9.81 -49.54 59.00
CA LEU B 220 8.94 -48.58 58.34
C LEU B 220 7.50 -49.09 58.30
N HIS B 221 7.34 -50.37 57.95
CA HIS B 221 6.03 -51.00 57.90
C HIS B 221 5.42 -51.12 59.29
N ALA B 222 6.26 -51.38 60.29
CA ALA B 222 5.82 -51.47 61.66
C ALA B 222 5.32 -50.11 62.14
N GLN B 223 6.00 -49.06 61.70
CA GLN B 223 5.61 -47.70 62.04
C GLN B 223 4.30 -47.32 61.35
N ALA B 224 4.09 -47.86 60.16
CA ALA B 224 2.91 -47.54 59.36
C ALA B 224 1.67 -48.27 59.88
N LYS B 225 1.86 -49.50 60.36
CA LYS B 225 0.75 -50.27 60.91
C LYS B 225 0.23 -49.64 62.19
N ALA B 226 1.14 -49.02 62.95
CA ALA B 226 0.78 -48.38 64.20
C ALA B 226 0.18 -46.99 63.95
N ALA B 227 0.49 -46.43 62.79
CA ALA B 227 -0.01 -45.10 62.43
C ALA B 227 -1.52 -45.13 62.19
N ALA B 228 -2.00 -46.22 61.60
CA ALA B 228 -3.43 -46.41 61.34
C ALA B 228 -4.03 -45.24 60.57
N VAL B 229 -3.61 -45.08 59.31
CA VAL B 229 -4.19 -44.06 58.44
C VAL B 229 -4.78 -44.71 57.19
N PRO B 230 -5.94 -44.21 56.72
CA PRO B 230 -6.65 -44.79 55.58
C PRO B 230 -5.93 -44.59 54.25
N VAL B 231 -5.91 -45.62 53.42
CA VAL B 231 -5.31 -45.51 52.09
C VAL B 231 -6.35 -45.74 51.01
N LEU B 232 -6.63 -44.70 50.23
CA LEU B 232 -7.62 -44.79 49.16
C LEU B 232 -6.97 -45.11 47.82
N GLY B 233 -7.44 -46.18 47.19
CA GLY B 233 -6.95 -46.57 45.88
C GLY B 233 -7.91 -46.11 44.78
N ILE B 234 -7.35 -45.53 43.73
CA ILE B 234 -8.15 -45.12 42.58
C ILE B 234 -7.60 -45.76 41.32
N THR B 235 -8.37 -46.66 40.73
CA THR B 235 -7.95 -47.35 39.52
C THR B 235 -9.00 -47.20 38.43
N GLY B 236 -8.66 -47.63 37.23
CA GLY B 236 -9.59 -47.53 36.11
C GLY B 236 -8.90 -47.53 34.77
N THR B 237 -9.71 -47.40 33.72
CA THR B 237 -9.23 -47.44 32.35
C THR B 237 -8.50 -46.16 31.98
N GLY B 238 -7.67 -46.26 30.94
CA GLY B 238 -6.86 -45.14 30.51
C GLY B 238 -7.67 -43.98 29.96
N GLY B 239 -7.30 -42.77 30.36
CA GLY B 239 -7.94 -41.57 29.87
C GLY B 239 -9.33 -41.32 30.42
N ALA B 240 -9.74 -42.11 31.40
CA ALA B 240 -11.08 -42.01 31.95
C ALA B 240 -11.26 -40.74 32.78
N GLY B 241 -10.19 -40.30 33.44
CA GLY B 241 -10.25 -39.08 34.24
C GLY B 241 -9.89 -39.29 35.68
N LYS B 242 -9.09 -40.32 35.95
CA LYS B 242 -8.67 -40.65 37.31
C LYS B 242 -7.93 -39.48 37.96
N SER B 243 -6.93 -38.96 37.25
CA SER B 243 -6.14 -37.85 37.75
C SER B 243 -7.01 -36.62 37.99
N SER B 244 -7.85 -36.31 37.01
CA SER B 244 -8.76 -35.17 37.12
C SER B 244 -9.72 -35.32 38.29
N LEU B 245 -10.32 -36.51 38.41
CA LEU B 245 -11.25 -36.79 39.48
C LEU B 245 -10.55 -36.76 40.83
N THR B 246 -9.31 -37.26 40.85
CA THR B 246 -8.51 -37.27 42.07
C THR B 246 -8.27 -35.85 42.55
N ASP B 247 -7.92 -34.97 41.62
CA ASP B 247 -7.71 -33.56 41.90
C ASP B 247 -8.99 -32.94 42.49
N GLU B 248 -10.10 -33.17 41.80
CA GLU B 248 -11.39 -32.64 42.24
C GLU B 248 -11.78 -33.16 43.62
N LEU B 249 -11.50 -34.43 43.88
CA LEU B 249 -11.79 -35.00 45.20
C LEU B 249 -10.93 -34.35 46.27
N ILE B 250 -9.67 -34.07 45.93
CA ILE B 250 -8.78 -33.38 46.85
C ILE B 250 -9.28 -31.98 47.13
N ARG B 251 -9.73 -31.30 46.08
CA ARG B 251 -10.26 -29.95 46.24
C ARG B 251 -11.50 -29.98 47.14
N ARG B 252 -12.30 -31.03 47.00
CA ARG B 252 -13.45 -31.21 47.89
C ARG B 252 -12.99 -31.34 49.33
N PHE B 253 -11.97 -32.17 49.55
CA PHE B 253 -11.41 -32.38 50.88
C PHE B 253 -10.97 -31.07 51.52
N ARG B 254 -10.25 -30.26 50.74
CA ARG B 254 -9.71 -29.00 51.23
C ARG B 254 -10.83 -28.04 51.62
N LEU B 255 -11.79 -27.84 50.70
CA LEU B 255 -12.90 -26.93 50.96
C LEU B 255 -13.79 -27.41 52.11
N ASP B 256 -13.98 -28.73 52.19
CA ASP B 256 -14.88 -29.30 53.18
C ASP B 256 -14.29 -29.27 54.59
N GLN B 257 -12.98 -29.45 54.68
CA GLN B 257 -12.31 -29.54 55.98
C GLN B 257 -11.45 -28.33 56.28
N ASP B 258 -11.53 -27.31 55.41
CA ASP B 258 -10.77 -26.07 55.55
C ASP B 258 -9.27 -26.34 55.62
N ASP B 259 -8.78 -27.14 54.68
CA ASP B 259 -7.35 -27.46 54.55
C ASP B 259 -6.72 -27.99 55.84
N ALA B 260 -7.52 -28.67 56.65
CA ALA B 260 -7.01 -29.21 57.92
C ALA B 260 -6.39 -30.58 57.71
N LEU B 261 -6.69 -31.21 56.57
CA LEU B 261 -6.21 -32.56 56.30
C LEU B 261 -4.86 -32.58 55.59
N SER B 262 -3.97 -33.44 56.05
CA SER B 262 -2.71 -33.70 55.37
C SER B 262 -2.86 -34.89 54.44
N ILE B 263 -2.83 -34.63 53.14
CA ILE B 263 -3.09 -35.67 52.15
C ILE B 263 -1.88 -35.96 51.27
N ALA B 264 -1.49 -37.23 51.22
CA ALA B 264 -0.40 -37.67 50.36
C ALA B 264 -0.96 -38.34 49.12
N VAL B 265 -0.38 -38.04 47.96
CA VAL B 265 -0.86 -38.57 46.70
C VAL B 265 0.23 -39.31 45.94
N ILE B 266 -0.03 -40.59 45.64
CA ILE B 266 0.92 -41.41 44.90
C ILE B 266 0.34 -41.84 43.56
N SER B 267 0.66 -41.09 42.50
CA SER B 267 0.13 -41.39 41.17
C SER B 267 1.12 -42.24 40.37
N ILE B 268 0.58 -43.21 39.63
CA ILE B 268 1.41 -44.12 38.86
C ILE B 268 1.02 -44.10 37.38
N ASP B 269 2.02 -43.93 36.51
CA ASP B 269 1.81 -44.01 35.06
C ASP B 269 2.73 -45.05 34.46
N PRO B 270 2.33 -45.64 33.32
CA PRO B 270 3.13 -46.74 32.77
C PRO B 270 4.44 -46.27 32.16
N SER B 271 5.46 -47.11 32.22
CA SER B 271 6.73 -46.82 31.58
C SER B 271 6.85 -47.63 30.30
N ARG B 272 7.09 -46.95 29.18
CA ARG B 272 7.12 -47.63 27.90
C ARG B 272 8.36 -48.51 27.79
N ARG B 273 8.13 -49.79 27.51
CA ARG B 273 9.18 -50.79 27.60
C ARG B 273 10.26 -50.62 26.54
N LYS B 274 9.89 -50.09 25.38
CA LYS B 274 10.86 -49.88 24.31
C LYS B 274 11.86 -48.81 24.72
N SER B 275 11.34 -47.68 25.21
CA SER B 275 12.17 -46.57 25.66
C SER B 275 12.84 -46.88 26.98
N GLY B 276 12.05 -47.35 27.94
CA GLY B 276 12.52 -47.52 29.31
C GLY B 276 12.05 -46.32 30.11
N GLY B 277 11.69 -45.26 29.39
CA GLY B 277 11.27 -44.01 30.01
C GLY B 277 9.79 -44.02 30.33
N ALA B 278 9.25 -42.85 30.66
CA ALA B 278 7.85 -42.71 31.06
C ALA B 278 7.40 -41.26 31.09
N LEU B 279 6.20 -41.01 30.58
CA LEU B 279 5.57 -39.71 30.76
C LEU B 279 4.72 -39.74 32.02
N LEU B 280 5.27 -39.27 33.12
CA LEU B 280 4.50 -39.17 34.35
C LEU B 280 3.58 -37.96 34.27
N GLY B 281 2.46 -38.13 33.59
CA GLY B 281 1.55 -37.03 33.33
C GLY B 281 0.29 -37.05 34.18
N ASP B 282 0.45 -37.25 35.48
CA ASP B 282 -0.68 -37.18 36.41
C ASP B 282 -0.64 -35.87 37.18
N ARG B 283 0.56 -35.39 37.45
CA ARG B 283 0.75 -34.16 38.23
C ARG B 283 0.24 -32.95 37.46
N ILE B 284 0.32 -33.02 36.14
CA ILE B 284 -0.07 -31.89 35.29
C ILE B 284 -1.56 -31.54 35.42
N ARG B 285 -2.34 -32.46 35.96
CA ARG B 285 -3.78 -32.26 36.10
C ARG B 285 -4.14 -31.74 37.48
N MET B 286 -3.26 -31.99 38.45
CA MET B 286 -3.53 -31.66 39.84
C MET B 286 -3.44 -30.16 40.12
N ASN B 287 -4.59 -29.50 40.13
CA ASN B 287 -4.65 -28.05 40.40
C ASN B 287 -4.86 -27.75 41.87
N ALA B 288 -5.21 -28.77 42.65
CA ALA B 288 -5.59 -28.55 44.04
C ALA B 288 -4.53 -29.03 45.03
N ILE B 289 -3.38 -29.47 44.53
CA ILE B 289 -2.33 -29.98 45.39
C ILE B 289 -1.35 -28.90 45.85
N ASN B 290 -1.48 -27.70 45.28
CA ASN B 290 -0.57 -26.62 45.62
C ASN B 290 -0.84 -26.08 47.03
N HIS B 291 -0.35 -26.80 48.02
CA HIS B 291 -0.57 -26.45 49.42
C HIS B 291 0.40 -27.25 50.28
N PRO B 292 0.90 -26.66 51.38
CA PRO B 292 1.84 -27.34 52.27
C PRO B 292 1.30 -28.63 52.91
N ASN B 293 -0.02 -28.80 52.91
CA ASN B 293 -0.61 -30.01 53.49
C ASN B 293 -0.78 -31.14 52.47
N ILE B 294 -0.53 -30.82 51.20
CA ILE B 294 -0.63 -31.82 50.14
C ILE B 294 0.75 -32.19 49.62
N PHE B 295 0.98 -33.49 49.48
CA PHE B 295 2.24 -34.02 48.98
C PHE B 295 1.96 -35.00 47.86
N MET B 296 2.72 -34.93 46.77
CA MET B 296 2.52 -35.84 45.66
C MET B 296 3.81 -36.38 45.07
N ARG B 297 3.82 -37.66 44.76
CA ARG B 297 4.97 -38.32 44.14
C ARG B 297 4.50 -39.18 42.97
N SER B 298 5.09 -38.95 41.80
CA SER B 298 4.73 -39.70 40.61
C SER B 298 5.68 -40.87 40.37
N LEU B 299 5.12 -42.08 40.33
CA LEU B 299 5.91 -43.29 40.08
C LEU B 299 5.61 -43.87 38.70
N ALA B 300 6.63 -44.44 38.08
CA ALA B 300 6.44 -45.22 36.87
C ALA B 300 6.26 -46.68 37.24
N THR B 301 5.41 -47.40 36.51
CA THR B 301 5.12 -48.79 36.84
C THR B 301 6.39 -49.63 36.86
N ARG B 302 7.29 -49.36 35.91
CA ARG B 302 8.55 -50.07 35.79
C ARG B 302 8.34 -51.57 35.74
N GLU B 303 7.27 -51.97 35.06
CA GLU B 303 6.93 -53.38 34.91
C GLU B 303 6.07 -53.55 33.66
N ALA B 304 6.19 -54.71 33.02
CA ALA B 304 5.56 -54.96 31.73
C ALA B 304 4.04 -54.82 31.75
N GLY B 305 3.37 -55.72 32.47
CA GLY B 305 1.92 -55.77 32.45
C GLY B 305 1.27 -55.41 33.77
N SER B 306 1.95 -54.58 34.56
CA SER B 306 1.43 -54.14 35.84
C SER B 306 0.91 -52.71 35.77
N GLU B 307 -0.04 -52.39 36.65
CA GLU B 307 -0.61 -51.04 36.67
C GLU B 307 -0.12 -50.26 37.88
N ILE B 308 0.65 -50.93 38.73
CA ILE B 308 1.23 -50.28 39.91
C ILE B 308 2.75 -50.47 39.95
N SER B 309 3.43 -49.62 40.70
CA SER B 309 4.86 -49.77 40.90
C SER B 309 5.14 -50.94 41.83
N GLN B 310 6.17 -51.71 41.50
CA GLN B 310 6.54 -52.88 42.29
C GLN B 310 6.91 -52.53 43.74
N ALA B 311 7.23 -51.26 43.98
CA ALA B 311 7.65 -50.81 45.30
C ALA B 311 6.57 -49.98 46.00
N LEU B 312 5.34 -50.11 45.54
CA LEU B 312 4.20 -49.37 46.09
C LEU B 312 3.95 -49.60 47.59
N PRO B 313 3.98 -50.86 48.07
CA PRO B 313 3.74 -51.05 49.50
C PRO B 313 4.69 -50.29 50.42
N ASP B 314 5.93 -50.09 49.97
CA ASP B 314 6.91 -49.36 50.76
C ASP B 314 6.65 -47.85 50.73
N VAL B 315 6.33 -47.34 49.54
CA VAL B 315 6.07 -45.92 49.37
C VAL B 315 4.83 -45.51 50.17
N ILE B 316 3.83 -46.38 50.19
CA ILE B 316 2.62 -46.13 50.97
C ILE B 316 2.96 -46.10 52.46
N ALA B 317 3.67 -47.12 52.93
CA ALA B 317 4.07 -47.21 54.33
C ALA B 317 4.91 -46.01 54.76
N ALA B 318 5.66 -45.45 53.82
CA ALA B 318 6.48 -44.28 54.09
C ALA B 318 5.61 -43.06 54.36
N CYS B 319 4.55 -42.91 53.57
CA CYS B 319 3.63 -41.79 53.73
C CYS B 319 2.80 -41.92 54.99
N LYS B 320 2.41 -43.16 55.29
CA LYS B 320 1.63 -43.45 56.49
C LYS B 320 2.42 -43.07 57.74
N ALA B 321 3.71 -43.37 57.72
CA ALA B 321 4.58 -43.11 58.85
C ALA B 321 4.91 -41.62 58.98
N ALA B 322 4.69 -40.89 57.89
CA ALA B 322 4.95 -39.46 57.86
C ALA B 322 3.79 -38.66 58.45
N ARG B 323 2.92 -39.37 59.17
CA ARG B 323 1.79 -38.77 59.88
C ARG B 323 0.83 -38.01 58.96
N PHE B 324 0.54 -38.57 57.80
CA PHE B 324 -0.50 -38.03 56.92
C PHE B 324 -1.86 -38.49 57.41
N ASP B 325 -2.90 -37.72 57.12
CA ASP B 325 -4.25 -38.07 57.52
C ASP B 325 -4.87 -39.06 56.55
N LEU B 326 -4.47 -38.97 55.28
CA LEU B 326 -5.01 -39.79 54.22
C LEU B 326 -4.01 -39.97 53.10
N VAL B 327 -3.89 -41.21 52.60
CA VAL B 327 -3.01 -41.49 51.47
C VAL B 327 -3.83 -41.94 50.27
N ILE B 328 -3.65 -41.26 49.15
CA ILE B 328 -4.40 -41.58 47.94
C ILE B 328 -3.48 -42.12 46.85
N VAL B 329 -3.86 -43.26 46.28
CA VAL B 329 -3.05 -43.91 45.25
C VAL B 329 -3.80 -44.04 43.94
N GLU B 330 -3.21 -43.53 42.87
CA GLU B 330 -3.75 -43.69 41.53
C GLU B 330 -2.89 -44.66 40.71
N THR B 331 -3.53 -45.68 40.15
CA THR B 331 -2.82 -46.64 39.29
C THR B 331 -2.76 -46.12 37.86
N SER B 332 -2.14 -46.87 36.97
CA SER B 332 -2.12 -46.50 35.56
C SER B 332 -3.37 -47.07 34.88
N GLY B 333 -3.53 -46.80 33.59
CA GLY B 333 -4.71 -47.26 32.87
C GLY B 333 -4.79 -48.77 32.79
N ILE B 334 -5.74 -49.36 33.52
CA ILE B 334 -5.86 -50.82 33.60
C ILE B 334 -6.75 -51.39 32.50
N GLY B 335 -6.82 -52.72 32.45
CA GLY B 335 -7.70 -53.40 31.52
C GLY B 335 -8.91 -54.01 32.23
N GLN B 336 -9.42 -55.12 31.68
CA GLN B 336 -10.53 -55.81 32.29
C GLN B 336 -10.05 -56.71 33.43
N GLY B 337 -9.08 -57.57 33.11
CA GLY B 337 -8.57 -58.52 34.07
C GLY B 337 -7.76 -57.91 35.21
N ASP B 338 -7.23 -56.71 34.99
CA ASP B 338 -6.36 -56.05 35.97
C ASP B 338 -7.14 -55.61 37.22
N ALA B 339 -6.53 -55.84 38.39
CA ALA B 339 -7.06 -55.36 39.65
C ALA B 339 -6.00 -55.49 40.76
N ALA B 340 -4.87 -54.82 40.57
CA ALA B 340 -3.72 -55.01 41.44
C ALA B 340 -3.68 -54.06 42.63
N ILE B 341 -4.57 -53.07 42.63
CA ILE B 341 -4.56 -52.04 43.66
C ILE B 341 -5.28 -52.50 44.92
N VAL B 342 -6.16 -53.49 44.76
CA VAL B 342 -7.05 -53.92 45.84
C VAL B 342 -6.38 -54.33 47.15
N PRO B 343 -5.32 -55.18 47.11
CA PRO B 343 -4.79 -55.60 48.40
C PRO B 343 -3.98 -54.52 49.13
N HIS B 344 -3.57 -53.49 48.40
CA HIS B 344 -2.67 -52.48 48.95
C HIS B 344 -3.40 -51.28 49.55
N VAL B 345 -4.72 -51.23 49.40
CA VAL B 345 -5.49 -50.09 49.89
C VAL B 345 -6.63 -50.51 50.80
N ASP B 346 -7.22 -49.54 51.48
CA ASP B 346 -8.35 -49.80 52.37
C ASP B 346 -9.66 -49.65 51.62
N LEU B 347 -9.70 -48.69 50.69
CA LEU B 347 -10.87 -48.49 49.83
C LEU B 347 -10.43 -48.39 48.38
N SER B 348 -11.25 -48.90 47.47
CA SER B 348 -10.93 -48.84 46.06
C SER B 348 -12.03 -48.15 45.26
N LEU B 349 -11.62 -47.32 44.31
CA LEU B 349 -12.56 -46.58 43.47
C LEU B 349 -12.28 -46.85 41.99
N TYR B 350 -13.22 -47.52 41.33
CA TYR B 350 -13.10 -47.81 39.91
C TYR B 350 -13.62 -46.64 39.10
N VAL B 351 -12.77 -46.07 38.26
CA VAL B 351 -13.16 -44.94 37.42
C VAL B 351 -13.31 -45.40 35.98
N MET B 352 -14.46 -45.10 35.38
CA MET B 352 -14.72 -45.50 34.00
C MET B 352 -15.55 -44.46 33.27
N THR B 353 -15.70 -44.66 31.96
CA THR B 353 -16.47 -43.76 31.11
C THR B 353 -17.71 -44.49 30.62
N PRO B 354 -18.71 -43.76 30.12
CA PRO B 354 -19.90 -44.40 29.54
C PRO B 354 -19.59 -45.34 28.36
N GLU B 355 -18.36 -45.31 27.87
CA GLU B 355 -17.94 -46.20 26.79
C GLU B 355 -17.21 -47.43 27.34
N PHE B 356 -17.92 -48.56 27.42
CA PHE B 356 -17.34 -49.80 27.92
C PHE B 356 -17.70 -50.98 27.03
N GLY B 357 -18.47 -50.70 25.99
CA GLY B 357 -18.95 -51.73 25.09
C GLY B 357 -20.35 -52.18 25.49
N ALA B 358 -20.71 -53.41 25.11
CA ALA B 358 -22.02 -53.96 25.44
C ALA B 358 -22.22 -54.05 26.95
N ALA B 359 -23.47 -54.23 27.37
CA ALA B 359 -23.77 -54.35 28.80
C ALA B 359 -23.15 -55.61 29.37
N SER B 360 -22.94 -56.61 28.51
CA SER B 360 -22.37 -57.89 28.91
C SER B 360 -20.87 -57.78 29.18
N GLN B 361 -20.25 -56.71 28.69
CA GLN B 361 -18.82 -56.50 28.89
C GLN B 361 -18.50 -56.26 30.37
N LEU B 362 -19.49 -55.80 31.12
CA LEU B 362 -19.32 -55.51 32.54
C LEU B 362 -19.11 -56.79 33.36
N GLU B 363 -19.50 -57.93 32.77
CA GLU B 363 -19.33 -59.22 33.43
C GLU B 363 -17.90 -59.73 33.27
N LYS B 364 -17.06 -58.92 32.62
CA LYS B 364 -15.67 -59.30 32.40
C LYS B 364 -14.73 -58.46 33.26
N ILE B 365 -15.20 -57.28 33.68
CA ILE B 365 -14.37 -56.36 34.43
C ILE B 365 -14.17 -56.83 35.87
N ASP B 366 -12.97 -57.35 36.14
CA ASP B 366 -12.64 -57.93 37.43
C ASP B 366 -12.78 -56.91 38.58
N MET B 367 -12.59 -55.64 38.25
CA MET B 367 -12.56 -54.61 39.29
C MET B 367 -13.95 -54.27 39.83
N LEU B 368 -14.99 -54.63 39.08
CA LEU B 368 -16.37 -54.40 39.54
C LEU B 368 -16.75 -55.40 40.62
N ASP B 369 -15.81 -56.26 40.99
CA ASP B 369 -16.03 -57.24 42.04
C ASP B 369 -15.43 -56.80 43.37
N PHE B 370 -14.50 -55.84 43.31
CA PHE B 370 -13.76 -55.43 44.51
C PHE B 370 -13.96 -53.96 44.85
N ALA B 371 -14.36 -53.17 43.86
CA ALA B 371 -14.50 -51.73 44.03
C ALA B 371 -15.51 -51.39 45.12
N ASP B 372 -15.08 -50.60 46.10
CA ASP B 372 -15.97 -50.12 47.15
C ASP B 372 -16.85 -49.01 46.58
N PHE B 373 -16.29 -48.26 45.63
CA PHE B 373 -17.02 -47.22 44.94
C PHE B 373 -16.76 -47.31 43.44
N VAL B 374 -17.75 -46.93 42.64
CA VAL B 374 -17.57 -46.88 41.20
C VAL B 374 -17.98 -45.52 40.68
N ALA B 375 -17.06 -44.87 39.96
CA ALA B 375 -17.34 -43.56 39.40
C ALA B 375 -17.41 -43.64 37.88
N ILE B 376 -18.57 -43.36 37.33
CA ILE B 376 -18.72 -43.26 35.88
C ILE B 376 -18.46 -41.82 35.48
N ASN B 377 -17.19 -41.50 35.27
CA ASN B 377 -16.78 -40.15 34.94
C ASN B 377 -17.18 -39.80 33.50
N LYS B 378 -16.95 -38.54 33.12
CA LYS B 378 -17.35 -38.05 31.81
C LYS B 378 -18.83 -38.31 31.57
N PHE B 379 -19.63 -37.99 32.57
CA PHE B 379 -21.07 -38.21 32.51
C PHE B 379 -21.75 -37.24 31.57
N ASP B 380 -20.95 -36.36 30.97
CA ASP B 380 -21.44 -35.40 29.99
C ASP B 380 -21.59 -36.07 28.63
N ARG B 381 -21.03 -37.27 28.51
CA ARG B 381 -21.01 -38.02 27.26
C ARG B 381 -22.39 -38.58 26.91
N LYS B 382 -22.52 -39.06 25.68
CA LYS B 382 -23.73 -39.75 25.25
C LYS B 382 -23.80 -41.12 25.91
N GLY B 383 -25.00 -41.53 26.29
CA GLY B 383 -25.23 -42.85 26.84
C GLY B 383 -24.75 -43.00 28.27
N ALA B 384 -24.49 -41.87 28.94
CA ALA B 384 -24.04 -41.87 30.31
C ALA B 384 -25.11 -42.40 31.26
N GLN B 385 -26.36 -41.98 31.05
CA GLN B 385 -27.46 -42.42 31.89
C GLN B 385 -27.64 -43.93 31.82
N ASP B 386 -27.68 -44.46 30.60
CA ASP B 386 -27.82 -45.90 30.40
C ASP B 386 -26.61 -46.65 30.95
N ALA B 387 -25.43 -46.05 30.83
CA ALA B 387 -24.21 -46.64 31.35
C ALA B 387 -24.31 -46.82 32.85
N TRP B 388 -24.98 -45.88 33.52
CA TRP B 388 -25.13 -45.94 34.97
C TRP B 388 -26.06 -47.09 35.36
N ARG B 389 -27.16 -47.25 34.63
CA ARG B 389 -28.09 -48.34 34.87
C ARG B 389 -27.38 -49.69 34.84
N ASP B 390 -26.59 -49.88 33.79
CA ASP B 390 -25.92 -51.16 33.55
C ASP B 390 -24.89 -51.48 34.62
N VAL B 391 -24.10 -50.48 35.00
CA VAL B 391 -23.06 -50.68 36.00
C VAL B 391 -23.67 -50.88 37.40
N ALA B 392 -24.65 -50.07 37.74
CA ALA B 392 -25.34 -50.20 39.02
C ALA B 392 -25.95 -51.59 39.16
N LYS B 393 -26.55 -52.05 38.07
CA LYS B 393 -27.17 -53.38 38.02
C LYS B 393 -26.12 -54.46 38.19
N GLN B 394 -24.97 -54.27 37.56
CA GLN B 394 -23.90 -55.25 37.61
C GLN B 394 -23.26 -55.32 38.99
N VAL B 395 -23.05 -54.17 39.60
CA VAL B 395 -22.49 -54.10 40.94
C VAL B 395 -23.48 -54.72 41.93
N GLN B 396 -24.76 -54.50 41.70
CA GLN B 396 -25.82 -55.08 42.52
C GLN B 396 -25.77 -56.60 42.42
N ARG B 397 -25.47 -57.11 41.23
CA ARG B 397 -25.39 -58.55 41.02
C ARG B 397 -24.12 -59.12 41.61
N ASN B 398 -23.02 -58.40 41.46
CA ASN B 398 -21.73 -58.84 42.01
C ASN B 398 -21.77 -58.92 43.54
N ARG B 399 -22.52 -58.03 44.16
CA ARG B 399 -22.63 -57.99 45.61
C ARG B 399 -23.80 -58.83 46.09
N GLU B 400 -24.62 -59.32 45.16
CA GLU B 400 -25.79 -60.11 45.46
C GLU B 400 -26.74 -59.38 46.41
N GLN B 401 -26.88 -58.07 46.21
CA GLN B 401 -27.77 -57.26 47.04
C GLN B 401 -29.09 -57.02 46.32
N TRP B 402 -29.89 -58.07 46.20
CA TRP B 402 -31.17 -57.96 45.51
C TRP B 402 -32.26 -57.51 46.48
N HIS B 403 -31.86 -57.21 47.71
CA HIS B 403 -32.75 -56.65 48.71
C HIS B 403 -32.64 -55.13 48.73
N SER B 404 -31.97 -54.57 47.73
CA SER B 404 -31.75 -53.14 47.64
C SER B 404 -32.01 -52.61 46.24
N ARG B 405 -32.19 -51.30 46.14
CA ARG B 405 -32.40 -50.66 44.85
C ARG B 405 -31.06 -50.38 44.18
N ALA B 406 -31.03 -50.49 42.85
CA ALA B 406 -29.81 -50.25 42.09
C ALA B 406 -29.33 -48.80 42.28
N GLU B 407 -30.26 -47.91 42.57
CA GLU B 407 -29.96 -46.51 42.82
C GLU B 407 -29.30 -46.29 44.18
N ASP B 408 -29.23 -47.36 44.97
CA ASP B 408 -28.60 -47.29 46.29
C ASP B 408 -27.18 -47.86 46.26
N MET B 409 -26.76 -48.31 45.09
CA MET B 409 -25.40 -48.83 44.94
C MET B 409 -24.40 -47.69 44.91
N PRO B 410 -23.16 -47.94 45.35
CA PRO B 410 -22.12 -46.92 45.38
C PRO B 410 -21.61 -46.53 43.99
N VAL B 411 -22.50 -46.52 43.01
CA VAL B 411 -22.14 -46.13 41.66
C VAL B 411 -22.57 -44.70 41.40
N TYR B 412 -21.59 -43.82 41.17
CA TYR B 412 -21.86 -42.41 40.95
C TYR B 412 -21.59 -42.00 39.51
N GLY B 413 -22.28 -40.96 39.07
CA GLY B 413 -22.03 -40.38 37.76
C GLY B 413 -21.37 -39.03 37.95
N THR B 414 -20.11 -38.91 37.53
CA THR B 414 -19.35 -37.70 37.80
C THR B 414 -18.87 -37.00 36.53
N GLN B 415 -18.63 -35.70 36.65
CA GLN B 415 -18.04 -34.93 35.56
C GLN B 415 -16.96 -34.01 36.14
N ALA B 416 -15.73 -34.53 36.21
CA ALA B 416 -14.61 -33.81 36.81
C ALA B 416 -14.24 -32.55 36.03
N SER B 417 -14.55 -32.54 34.73
CA SER B 417 -14.24 -31.40 33.89
C SER B 417 -15.07 -30.18 34.27
N ARG B 418 -16.22 -30.40 34.90
CA ARG B 418 -17.05 -29.30 35.32
C ARG B 418 -16.71 -28.83 36.73
N PHE B 419 -16.42 -27.54 36.86
CA PHE B 419 -16.19 -26.95 38.17
C PHE B 419 -17.44 -27.14 39.03
N ASN B 420 -17.23 -27.37 40.32
CA ASN B 420 -18.32 -27.48 41.27
C ASN B 420 -19.36 -28.52 40.84
N ASP B 421 -18.90 -29.62 40.24
CA ASP B 421 -19.84 -30.64 39.80
C ASP B 421 -20.49 -31.31 41.00
N ASP B 422 -21.82 -31.29 41.04
CA ASP B 422 -22.55 -31.90 42.14
C ASP B 422 -22.36 -33.42 42.16
N GLY B 423 -22.12 -34.00 40.99
CA GLY B 423 -21.85 -35.42 40.89
C GLY B 423 -20.61 -35.82 41.66
N VAL B 424 -19.53 -35.07 41.45
CA VAL B 424 -18.27 -35.33 42.15
C VAL B 424 -18.44 -35.16 43.65
N THR B 425 -19.22 -34.15 44.04
CA THR B 425 -19.49 -33.90 45.45
C THR B 425 -20.25 -35.07 46.08
N MET B 426 -21.20 -35.63 45.33
CA MET B 426 -21.95 -36.80 45.79
C MET B 426 -21.01 -37.97 46.05
N LEU B 427 -20.08 -38.18 45.14
CA LEU B 427 -19.07 -39.23 45.29
C LEU B 427 -18.19 -38.94 46.49
N TYR B 428 -17.80 -37.67 46.64
CA TYR B 428 -16.98 -37.25 47.77
C TYR B 428 -17.69 -37.50 49.09
N GLN B 429 -18.96 -37.11 49.17
CA GLN B 429 -19.76 -37.34 50.36
C GLN B 429 -19.79 -38.81 50.74
N GLY B 430 -19.89 -39.67 49.73
CA GLY B 430 -19.90 -41.10 49.93
C GLY B 430 -18.57 -41.63 50.44
N LEU B 431 -17.48 -41.13 49.86
CA LEU B 431 -16.14 -41.56 50.25
C LEU B 431 -15.81 -41.18 51.69
N VAL B 432 -16.25 -40.00 52.09
CA VAL B 432 -15.99 -39.51 53.44
C VAL B 432 -16.67 -40.40 54.49
N GLY B 433 -17.94 -40.71 54.24
CA GLY B 433 -18.68 -41.58 55.14
C GLY B 433 -18.02 -42.94 55.28
N ALA B 434 -17.44 -43.42 54.18
CA ALA B 434 -16.74 -44.70 54.16
C ALA B 434 -15.43 -44.60 54.94
N LEU B 435 -14.68 -43.54 54.67
CA LEU B 435 -13.42 -43.29 55.37
C LEU B 435 -13.66 -42.92 56.83
N GLY B 436 -14.85 -42.39 57.11
CA GLY B 436 -15.21 -42.00 58.45
C GLY B 436 -15.25 -43.18 59.40
N ALA B 437 -15.84 -44.27 58.95
CA ALA B 437 -15.91 -45.50 59.73
C ALA B 437 -14.62 -46.31 59.58
N ARG B 438 -13.74 -45.85 58.68
CA ARG B 438 -12.47 -46.51 58.43
C ARG B 438 -11.36 -45.93 59.32
N GLY B 439 -11.76 -45.39 60.47
CA GLY B 439 -10.82 -44.83 61.42
C GLY B 439 -10.15 -43.56 60.92
N MET B 440 -10.95 -42.55 60.63
CA MET B 440 -10.41 -41.26 60.20
C MET B 440 -11.20 -40.12 60.83
N SER B 441 -10.58 -39.44 61.79
CA SER B 441 -11.21 -38.31 62.45
C SER B 441 -11.21 -37.09 61.52
N LEU B 442 -12.39 -36.50 61.34
CA LEU B 442 -12.54 -35.32 60.51
C LEU B 442 -13.76 -34.51 60.91
N LYS B 443 -13.63 -33.19 60.81
CA LYS B 443 -14.69 -32.27 61.20
C LYS B 443 -15.93 -32.45 60.33
N PRO B 444 -17.12 -32.08 60.86
CA PRO B 444 -18.32 -32.06 60.02
C PRO B 444 -18.15 -31.12 58.83
N GLY B 445 -18.65 -31.53 57.68
CA GLY B 445 -18.39 -30.84 56.43
C GLY B 445 -18.91 -29.41 56.32
N THR B 446 -18.23 -28.62 55.49
CA THR B 446 -18.69 -27.28 55.16
C THR B 446 -19.36 -27.30 53.79
N LEU B 447 -19.12 -28.38 53.04
CA LEU B 447 -19.75 -28.58 51.76
C LEU B 447 -21.21 -28.97 51.92
N PRO B 448 -22.06 -28.57 50.95
CA PRO B 448 -23.47 -28.99 50.93
C PRO B 448 -23.60 -30.50 50.83
N ASN B 449 -24.30 -31.11 51.78
CA ASN B 449 -24.43 -32.56 51.79
C ASN B 449 -25.49 -33.01 50.79
N LEU B 450 -25.09 -33.11 49.53
CA LEU B 450 -26.02 -33.45 48.46
C LEU B 450 -26.35 -34.94 48.45
N GLU B 451 -27.62 -35.27 48.22
CA GLU B 451 -27.99 -36.67 48.03
C GLU B 451 -28.16 -36.96 46.54
N GLY B 452 -27.99 -38.23 46.18
CA GLY B 452 -28.08 -38.65 44.79
C GLY B 452 -26.82 -39.35 44.35
N ARG B 453 -26.86 -39.93 43.15
CA ARG B 453 -25.70 -40.64 42.62
C ARG B 453 -25.25 -40.02 41.31
N ILE B 454 -26.18 -39.29 40.68
CA ILE B 454 -25.98 -38.82 39.32
C ILE B 454 -25.69 -37.32 39.25
N SER B 455 -24.73 -36.95 38.42
CA SER B 455 -24.45 -35.54 38.14
C SER B 455 -25.61 -34.91 37.39
N THR B 456 -26.00 -33.71 37.79
CA THR B 456 -27.11 -33.02 37.14
C THR B 456 -26.64 -32.20 35.94
N GLY B 457 -25.40 -32.43 35.52
CA GLY B 457 -24.83 -31.74 34.38
C GLY B 457 -24.96 -30.24 34.48
N GLN B 458 -24.78 -29.72 35.69
CA GLN B 458 -24.99 -28.30 35.96
C GLN B 458 -23.97 -27.42 35.25
N ASN B 459 -24.33 -26.17 35.03
CA ASN B 459 -23.44 -25.16 34.45
C ASN B 459 -22.83 -25.52 33.10
N VAL B 460 -23.53 -26.37 32.35
CA VAL B 460 -23.25 -26.50 30.93
C VAL B 460 -23.55 -25.14 30.31
N ILE B 461 -22.65 -24.65 29.47
CA ILE B 461 -22.81 -23.29 28.96
C ILE B 461 -23.74 -23.28 27.75
N VAL B 462 -23.39 -24.08 26.74
CA VAL B 462 -24.22 -24.30 25.58
C VAL B 462 -24.89 -25.66 25.70
N PRO B 463 -26.19 -25.67 25.98
CA PRO B 463 -26.95 -26.91 26.20
C PRO B 463 -26.86 -27.86 25.00
N PRO B 464 -26.73 -29.17 25.27
CA PRO B 464 -26.55 -30.22 24.26
C PRO B 464 -27.59 -30.20 23.15
N ALA B 465 -28.79 -29.70 23.45
CA ALA B 465 -29.82 -29.53 22.45
C ALA B 465 -29.41 -28.52 21.39
N ARG B 466 -28.57 -27.56 21.78
CA ARG B 466 -28.14 -26.51 20.86
C ARG B 466 -26.73 -26.78 20.34
N SER B 467 -26.23 -27.99 20.57
CA SER B 467 -24.87 -28.36 20.21
C SER B 467 -24.51 -28.06 18.75
N ARG B 468 -25.46 -28.28 17.84
CA ARG B 468 -25.16 -28.11 16.42
C ARG B 468 -25.54 -26.73 15.91
N TYR B 469 -25.45 -25.72 16.77
CA TYR B 469 -25.88 -24.37 16.43
C TYR B 469 -25.14 -23.81 15.21
N LEU B 470 -23.85 -24.11 15.10
CA LEU B 470 -23.07 -23.64 13.96
C LEU B 470 -23.55 -24.25 12.66
N ALA B 471 -24.01 -25.50 12.74
CA ALA B 471 -24.53 -26.19 11.57
C ALA B 471 -25.85 -25.57 11.14
N GLU B 472 -26.70 -25.24 12.11
CA GLU B 472 -27.98 -24.60 11.83
C GLU B 472 -27.77 -23.25 11.17
N LEU B 473 -26.75 -22.52 11.62
CA LEU B 473 -26.43 -21.22 11.05
C LEU B 473 -25.99 -21.38 9.60
N ALA B 474 -25.17 -22.39 9.34
CA ALA B 474 -24.72 -22.66 7.98
C ALA B 474 -25.89 -22.97 7.07
N ASP B 475 -26.87 -23.68 7.62
CA ASP B 475 -28.09 -24.01 6.87
C ASP B 475 -28.90 -22.76 6.57
N THR B 476 -28.92 -21.83 7.53
CA THR B 476 -29.70 -20.61 7.42
C THR B 476 -29.18 -19.72 6.29
N VAL B 477 -27.87 -19.59 6.20
CA VAL B 477 -27.26 -18.76 5.16
C VAL B 477 -27.49 -19.38 3.78
N ARG B 478 -27.25 -20.68 3.67
CA ARG B 478 -27.46 -21.38 2.39
C ARG B 478 -28.91 -21.33 1.97
N ALA B 479 -29.81 -21.38 2.95
CA ALA B 479 -31.24 -21.26 2.68
C ALA B 479 -31.57 -19.89 2.11
N TYR B 480 -30.91 -18.86 2.64
CA TYR B 480 -31.08 -17.50 2.15
C TYR B 480 -30.68 -17.40 0.68
N HIS B 481 -29.53 -17.98 0.35
CA HIS B 481 -29.03 -17.94 -1.02
C HIS B 481 -29.91 -18.73 -1.98
N ARG B 482 -30.50 -19.81 -1.50
CA ARG B 482 -31.40 -20.59 -2.35
C ARG B 482 -32.62 -19.75 -2.70
N ARG B 483 -33.07 -18.92 -1.76
CA ARG B 483 -34.19 -18.04 -1.99
C ARG B 483 -33.81 -16.93 -2.96
N VAL B 484 -32.58 -16.43 -2.83
CA VAL B 484 -32.08 -15.40 -3.72
C VAL B 484 -32.16 -15.86 -5.18
N VAL B 485 -31.70 -17.07 -5.44
CA VAL B 485 -31.76 -17.64 -6.78
C VAL B 485 -33.21 -17.77 -7.26
N ALA B 486 -34.05 -18.33 -6.39
CA ALA B 486 -35.45 -18.59 -6.72
C ALA B 486 -36.22 -17.30 -7.03
N GLN B 487 -36.10 -16.32 -6.16
CA GLN B 487 -36.80 -15.05 -6.33
C GLN B 487 -36.24 -14.26 -7.53
N SER B 488 -34.93 -14.34 -7.73
CA SER B 488 -34.29 -13.67 -8.86
C SER B 488 -34.82 -14.21 -10.18
N LYS B 489 -34.96 -15.54 -10.25
CA LYS B 489 -35.48 -16.18 -11.45
C LYS B 489 -36.91 -15.74 -11.72
N LEU B 490 -37.69 -15.59 -10.66
CA LEU B 490 -39.09 -15.18 -10.78
C LEU B 490 -39.20 -13.71 -11.21
N ALA B 491 -38.32 -12.88 -10.67
CA ALA B 491 -38.31 -11.46 -11.01
C ALA B 491 -37.98 -11.26 -12.49
N ARG B 492 -37.09 -12.12 -12.99
CA ARG B 492 -36.70 -12.09 -14.39
C ARG B 492 -37.85 -12.52 -15.29
N GLU B 493 -38.44 -13.67 -14.96
CA GLU B 493 -39.55 -14.20 -15.73
C GLU B 493 -40.73 -13.24 -15.76
N ARG B 494 -41.00 -12.60 -14.62
CA ARG B 494 -42.08 -11.62 -14.54
C ARG B 494 -41.84 -10.46 -15.49
N GLN B 495 -40.59 -10.00 -15.53
CA GLN B 495 -40.21 -8.90 -16.40
C GLN B 495 -40.22 -9.31 -17.87
N GLN B 496 -39.70 -10.50 -18.15
CA GLN B 496 -39.64 -11.02 -19.52
C GLN B 496 -41.02 -11.14 -20.15
N LEU B 497 -42.00 -11.57 -19.36
CA LEU B 497 -43.36 -11.73 -19.85
C LEU B 497 -43.99 -10.39 -20.16
N ARG B 498 -44.01 -9.50 -19.18
CA ARG B 498 -44.64 -8.19 -19.33
C ARG B 498 -43.97 -7.35 -20.40
N ALA B 499 -42.67 -7.58 -20.61
CA ALA B 499 -41.94 -6.89 -21.66
C ALA B 499 -42.39 -7.42 -23.03
N ALA B 500 -42.45 -8.74 -23.15
CA ALA B 500 -42.85 -9.38 -24.39
C ALA B 500 -44.31 -9.09 -24.73
N HIS B 501 -45.13 -8.88 -23.69
CA HIS B 501 -46.53 -8.58 -23.88
C HIS B 501 -46.72 -7.19 -24.49
N ASP B 502 -45.88 -6.25 -24.07
CA ASP B 502 -45.93 -4.90 -24.60
C ASP B 502 -45.46 -4.84 -26.04
N MET B 503 -44.51 -5.72 -26.37
CA MET B 503 -43.96 -5.78 -27.72
C MET B 503 -44.97 -6.36 -28.71
N LEU B 504 -45.82 -7.25 -28.23
CA LEU B 504 -46.90 -7.78 -29.05
C LEU B 504 -48.03 -6.77 -29.19
N GLN B 505 -48.44 -6.19 -28.07
CA GLN B 505 -49.55 -5.24 -28.05
C GLN B 505 -49.22 -3.99 -28.86
N GLY B 506 -47.93 -3.70 -28.99
CA GLY B 506 -47.48 -2.57 -29.79
C GLY B 506 -47.30 -2.95 -31.25
N ALA B 507 -47.36 -4.24 -31.54
CA ALA B 507 -47.23 -4.73 -32.90
C ALA B 507 -48.58 -5.15 -33.47
N GLY B 508 -49.65 -4.70 -32.82
CA GLY B 508 -50.99 -5.00 -33.26
C GLY B 508 -51.63 -6.16 -32.51
N HIS B 509 -51.52 -7.35 -33.08
CA HIS B 509 -52.08 -8.56 -32.48
C HIS B 509 -51.52 -8.80 -31.09
N GLU B 510 -52.41 -9.11 -30.14
CA GLU B 510 -52.00 -9.31 -28.76
C GLU B 510 -52.29 -10.72 -28.26
N SER B 511 -51.75 -11.02 -27.08
CA SER B 511 -51.96 -12.30 -26.42
C SER B 511 -52.03 -12.09 -24.91
N ALA B 512 -53.25 -12.00 -24.39
CA ALA B 512 -53.46 -11.72 -22.96
C ALA B 512 -53.07 -12.90 -22.08
N ALA B 513 -52.74 -14.02 -22.72
CA ALA B 513 -52.30 -15.21 -22.00
C ALA B 513 -51.00 -14.96 -21.27
N LEU B 514 -50.17 -14.07 -21.83
CA LEU B 514 -48.90 -13.70 -21.20
C LEU B 514 -49.12 -13.05 -19.84
N GLU B 515 -50.14 -12.21 -19.75
CA GLU B 515 -50.44 -11.50 -18.51
C GLU B 515 -50.80 -12.46 -17.39
N THR B 516 -51.47 -13.54 -17.74
CA THR B 516 -51.87 -14.56 -16.76
C THR B 516 -50.64 -15.18 -16.09
N LEU B 517 -49.62 -15.46 -16.88
CA LEU B 517 -48.38 -16.02 -16.37
C LEU B 517 -47.60 -14.99 -15.56
N ALA B 518 -47.68 -13.73 -15.98
CA ALA B 518 -46.99 -12.64 -15.30
C ALA B 518 -47.60 -12.38 -13.93
N SER B 519 -48.93 -12.41 -13.87
CA SER B 519 -49.66 -12.20 -12.62
C SER B 519 -49.37 -13.34 -11.64
N GLU B 520 -49.10 -14.52 -12.19
CA GLU B 520 -48.76 -15.68 -11.38
C GLU B 520 -47.41 -15.49 -10.68
N ARG B 521 -46.53 -14.73 -11.31
CA ARG B 521 -45.22 -14.43 -10.75
C ARG B 521 -45.32 -13.45 -9.59
N ASP B 522 -46.31 -12.57 -9.65
CA ASP B 522 -46.51 -11.57 -8.60
C ASP B 522 -46.83 -12.22 -7.26
N VAL B 523 -47.62 -13.29 -7.29
CA VAL B 523 -47.96 -14.03 -6.09
C VAL B 523 -46.77 -14.85 -5.63
N SER B 524 -46.00 -15.37 -6.58
CA SER B 524 -44.83 -16.18 -6.29
C SER B 524 -43.72 -15.34 -5.64
N LEU B 525 -43.51 -14.13 -6.16
CA LEU B 525 -42.54 -13.21 -5.57
C LEU B 525 -42.96 -12.82 -4.16
N GLY B 526 -42.03 -12.94 -3.22
CA GLY B 526 -42.32 -12.60 -1.83
C GLY B 526 -42.67 -11.14 -1.64
N ALA B 527 -43.28 -10.83 -0.50
CA ALA B 527 -43.68 -9.47 -0.20
C ALA B 527 -42.47 -8.57 0.00
N VAL B 528 -41.41 -9.14 0.57
CA VAL B 528 -40.18 -8.40 0.81
C VAL B 528 -39.43 -8.16 -0.49
N GLU B 529 -39.34 -9.19 -1.33
CA GLU B 529 -38.67 -9.09 -2.61
C GLU B 529 -39.38 -8.13 -3.56
N ARG B 530 -40.71 -8.12 -3.49
CA ARG B 530 -41.51 -7.27 -4.36
C ARG B 530 -41.30 -5.80 -4.01
N LYS B 531 -41.15 -5.52 -2.72
CA LYS B 531 -40.93 -4.15 -2.26
C LYS B 531 -39.56 -3.66 -2.70
N LEU B 532 -38.58 -4.57 -2.69
CA LEU B 532 -37.22 -4.25 -3.09
C LEU B 532 -37.17 -3.69 -4.52
N LEU B 533 -37.84 -4.38 -5.43
CA LEU B 533 -37.86 -3.97 -6.83
C LEU B 533 -38.71 -2.71 -7.03
N ALA B 534 -39.66 -2.50 -6.12
CA ALA B 534 -40.54 -1.34 -6.21
C ALA B 534 -39.84 -0.07 -5.77
N MET B 535 -38.93 -0.20 -4.81
CA MET B 535 -38.21 0.96 -4.28
C MET B 535 -36.97 1.29 -5.10
N TRP B 536 -36.58 0.36 -5.98
CA TRP B 536 -35.37 0.53 -6.79
C TRP B 536 -35.33 1.81 -7.65
N PRO B 537 -36.44 2.14 -8.35
CA PRO B 537 -36.35 3.40 -9.10
C PRO B 537 -36.23 4.61 -8.17
N GLN B 538 -36.95 4.58 -7.06
CA GLN B 538 -36.89 5.66 -6.07
C GLN B 538 -35.52 5.69 -5.41
N MET B 539 -34.90 4.51 -5.33
CA MET B 539 -33.57 4.37 -4.74
C MET B 539 -32.52 5.03 -5.64
N GLN B 540 -32.70 4.88 -6.95
CA GLN B 540 -31.77 5.47 -7.90
C GLN B 540 -31.87 7.00 -7.89
N GLN B 541 -33.09 7.50 -7.72
CA GLN B 541 -33.31 8.95 -7.69
C GLN B 541 -32.69 9.56 -6.44
N ALA B 542 -32.61 8.78 -5.38
CA ALA B 542 -32.01 9.23 -4.12
C ALA B 542 -30.51 9.41 -4.29
N TYR B 543 -29.86 8.37 -4.80
CA TYR B 543 -28.40 8.33 -4.94
C TYR B 543 -27.91 8.99 -6.23
N SER B 544 -28.71 9.90 -6.79
CA SER B 544 -28.35 10.54 -8.06
C SER B 544 -27.97 12.00 -7.86
N GLY B 545 -28.69 12.69 -6.98
CA GLY B 545 -28.46 14.10 -6.77
C GLY B 545 -27.14 14.40 -6.09
N ASP B 546 -26.93 15.68 -5.76
CA ASP B 546 -25.72 16.09 -5.06
C ASP B 546 -25.88 15.88 -3.56
N GLU B 547 -27.13 15.79 -3.11
CA GLU B 547 -27.42 15.57 -1.71
C GLU B 547 -28.32 14.36 -1.49
N TYR B 548 -28.28 13.81 -0.28
CA TYR B 548 -29.10 12.69 0.10
C TYR B 548 -30.21 13.14 1.04
N VAL B 549 -31.31 13.62 0.47
CA VAL B 549 -32.45 14.07 1.27
C VAL B 549 -33.23 12.87 1.82
N VAL B 550 -33.16 12.70 3.14
CA VAL B 550 -33.84 11.60 3.81
C VAL B 550 -34.08 11.91 5.29
N ILE B 557 -32.12 15.43 7.69
CA ILE B 557 -30.68 15.63 7.64
C ILE B 557 -30.14 15.35 6.25
N ARG B 558 -29.64 16.40 5.58
CA ARG B 558 -29.07 16.28 4.25
C ARG B 558 -27.62 15.78 4.32
N THR B 559 -27.20 15.06 3.30
CA THR B 559 -25.85 14.52 3.24
C THR B 559 -25.29 14.59 1.83
N GLY B 560 -24.07 15.10 1.70
CA GLY B 560 -23.41 15.23 0.41
C GLY B 560 -23.11 13.89 -0.22
N LEU B 561 -23.50 13.73 -1.49
CA LEU B 561 -23.31 12.48 -2.20
C LEU B 561 -22.08 12.52 -3.11
N ILE B 562 -21.58 13.72 -3.37
CA ILE B 562 -20.56 13.92 -4.38
C ILE B 562 -19.33 14.66 -3.86
N SER B 563 -18.15 14.16 -4.21
CA SER B 563 -16.90 14.89 -4.00
C SER B 563 -16.24 15.16 -5.35
N THR B 564 -15.99 16.43 -5.64
CA THR B 564 -15.48 16.84 -6.94
C THR B 564 -13.95 16.85 -6.98
N THR B 565 -13.38 16.33 -8.05
CA THR B 565 -11.93 16.22 -8.18
C THR B 565 -11.30 17.51 -8.71
N LEU B 566 -9.98 17.50 -8.85
CA LEU B 566 -9.24 18.61 -9.45
C LEU B 566 -9.60 18.77 -10.92
N SER B 567 -9.88 17.65 -11.58
CA SER B 567 -10.23 17.64 -12.99
C SER B 567 -11.66 18.11 -13.20
N GLY B 568 -12.45 18.09 -12.13
CA GLY B 568 -13.83 18.53 -12.19
C GLY B 568 -14.82 17.38 -12.16
N THR B 569 -14.29 16.15 -12.25
CA THR B 569 -15.13 14.96 -12.23
C THR B 569 -15.87 14.80 -10.91
N LYS B 570 -17.15 14.45 -11.00
CA LYS B 570 -17.96 14.23 -9.81
C LYS B 570 -17.95 12.76 -9.39
N ILE B 571 -17.29 12.48 -8.28
CA ILE B 571 -17.20 11.11 -7.76
C ILE B 571 -18.27 10.86 -6.71
N ARG B 572 -19.23 10.00 -7.04
CA ARG B 572 -20.32 9.67 -6.12
C ARG B 572 -19.83 8.75 -5.00
N LYS B 573 -20.29 9.01 -3.78
CA LYS B 573 -19.91 8.20 -2.62
C LYS B 573 -20.35 6.75 -2.80
N VAL B 574 -21.60 6.57 -3.17
CA VAL B 574 -22.14 5.24 -3.42
C VAL B 574 -22.58 5.12 -4.87
N VAL B 575 -21.94 4.21 -5.61
CA VAL B 575 -22.22 4.04 -7.03
C VAL B 575 -23.19 2.88 -7.26
N LEU B 576 -24.33 3.17 -7.85
CA LEU B 576 -25.34 2.16 -8.12
C LEU B 576 -25.13 1.49 -9.48
N PRO B 577 -25.50 0.20 -9.58
CA PRO B 577 -25.41 -0.54 -10.85
C PRO B 577 -26.43 -0.04 -11.87
N ARG B 578 -26.13 -0.21 -13.15
CA ARG B 578 -27.04 0.22 -14.20
C ARG B 578 -27.66 -1.00 -14.91
N PHE B 579 -28.03 -2.00 -14.12
CA PHE B 579 -28.66 -3.19 -14.65
C PHE B 579 -30.04 -2.90 -15.22
N GLU B 580 -30.41 -3.61 -16.28
CA GLU B 580 -31.73 -3.49 -16.86
C GLU B 580 -32.59 -4.69 -16.47
N ASP B 581 -31.94 -5.84 -16.32
CA ASP B 581 -32.61 -7.06 -15.89
C ASP B 581 -33.01 -6.96 -14.43
N GLU B 582 -34.31 -7.11 -14.15
CA GLU B 582 -34.81 -7.04 -12.79
C GLU B 582 -34.40 -8.27 -11.98
N GLY B 583 -33.90 -9.29 -12.68
CA GLY B 583 -33.34 -10.45 -12.02
C GLY B 583 -32.03 -10.09 -11.37
N GLU B 584 -31.20 -9.34 -12.09
CA GLU B 584 -29.91 -8.89 -11.59
C GLU B 584 -30.09 -7.85 -10.48
N ILE B 585 -31.10 -6.99 -10.64
CA ILE B 585 -31.39 -5.97 -9.63
C ILE B 585 -31.75 -6.62 -8.30
N LEU B 586 -32.72 -7.53 -8.32
CA LEU B 586 -33.17 -8.21 -7.12
C LEU B 586 -32.04 -9.04 -6.51
N LYS B 587 -31.28 -9.71 -7.36
CA LYS B 587 -30.16 -10.52 -6.91
C LYS B 587 -29.13 -9.67 -6.18
N TRP B 588 -28.82 -8.51 -6.75
CA TRP B 588 -27.86 -7.60 -6.14
C TRP B 588 -28.40 -6.98 -4.86
N LEU B 589 -29.69 -6.66 -4.86
CA LEU B 589 -30.30 -6.04 -3.69
C LEU B 589 -30.38 -6.99 -2.50
N MET B 590 -30.40 -8.29 -2.77
CA MET B 590 -30.50 -9.28 -1.71
C MET B 590 -29.14 -9.75 -1.22
N ARG B 591 -28.17 -9.82 -2.13
CA ARG B 591 -26.85 -10.34 -1.80
C ARG B 591 -25.88 -9.24 -1.36
N GLU B 592 -25.96 -8.08 -2.01
CA GLU B 592 -25.10 -6.95 -1.69
C GLU B 592 -25.80 -5.63 -1.87
N ASN B 593 -26.63 -5.23 -0.91
CA ASN B 593 -27.35 -3.97 -1.02
C ASN B 593 -26.39 -2.79 -0.82
N VAL B 594 -26.91 -1.57 -0.96
CA VAL B 594 -26.13 -0.37 -0.68
C VAL B 594 -25.66 -0.36 0.77
N PRO B 595 -24.59 0.40 1.08
CA PRO B 595 -24.17 0.50 2.47
C PRO B 595 -25.29 1.02 3.37
N GLY B 596 -25.53 0.35 4.49
CA GLY B 596 -26.56 0.75 5.42
C GLY B 596 -27.91 0.14 5.13
N SER B 597 -27.93 -0.96 4.40
CA SER B 597 -29.17 -1.69 4.10
C SER B 597 -28.90 -3.19 4.03
N PHE B 598 -29.85 -3.97 4.53
CA PHE B 598 -29.73 -5.43 4.61
C PHE B 598 -29.35 -6.05 3.26
N PRO B 599 -28.40 -7.00 3.26
CA PRO B 599 -27.71 -7.55 4.43
C PRO B 599 -26.45 -6.80 4.85
N TYR B 600 -26.38 -5.50 4.56
CA TYR B 600 -25.26 -4.66 4.98
C TYR B 600 -23.90 -5.18 4.54
N THR B 601 -23.85 -5.80 3.35
CA THR B 601 -22.61 -6.36 2.85
C THR B 601 -21.58 -5.26 2.60
N ALA B 602 -22.04 -4.13 2.08
CA ALA B 602 -21.16 -3.02 1.74
C ALA B 602 -20.97 -2.07 2.91
N GLY B 603 -21.41 -2.50 4.10
CA GLY B 603 -21.28 -1.69 5.29
C GLY B 603 -22.58 -1.55 6.05
N VAL B 604 -22.50 -1.27 7.35
CA VAL B 604 -23.67 -1.20 8.20
C VAL B 604 -24.28 0.19 8.22
N PHE B 605 -23.50 1.19 7.81
CA PHE B 605 -23.99 2.56 7.82
C PHE B 605 -24.16 3.08 6.39
N ALA B 606 -25.11 3.99 6.22
CA ALA B 606 -25.42 4.52 4.89
C ALA B 606 -24.22 5.20 4.26
N PHE B 607 -23.53 6.01 5.03
CA PHE B 607 -22.34 6.70 4.55
C PHE B 607 -21.27 6.73 5.63
N LYS B 608 -20.02 6.92 5.21
CA LYS B 608 -18.91 6.99 6.15
C LYS B 608 -18.97 8.30 6.95
N ARG B 609 -18.53 8.24 8.20
CA ARG B 609 -18.52 9.41 9.08
C ARG B 609 -17.67 10.53 8.51
N GLU B 610 -18.30 11.64 8.17
CA GLU B 610 -17.61 12.78 7.57
C GLU B 610 -16.63 13.43 8.54
N GLY B 611 -16.85 13.22 9.83
CA GLY B 611 -15.96 13.75 10.85
C GLY B 611 -14.64 13.02 10.88
N GLU B 612 -13.60 13.71 11.36
CA GLU B 612 -12.27 13.14 11.47
C GLU B 612 -12.29 11.91 12.39
N ASP B 613 -11.58 10.86 11.97
CA ASP B 613 -11.51 9.63 12.75
C ASP B 613 -10.90 9.88 14.12
N PRO B 614 -11.58 9.41 15.18
CA PRO B 614 -11.09 9.57 16.56
C PRO B 614 -9.82 8.78 16.81
N THR B 615 -8.67 9.45 16.75
CA THR B 615 -7.38 8.81 16.98
C THR B 615 -7.32 8.21 18.38
N ARG B 616 -7.45 6.89 18.45
CA ARG B 616 -7.40 6.18 19.72
C ARG B 616 -6.08 6.46 20.44
N MET B 617 -6.16 6.52 21.77
CA MET B 617 -5.00 6.88 22.58
C MET B 617 -4.64 5.74 23.53
N PHE B 618 -3.78 4.84 23.06
CA PHE B 618 -3.42 3.65 23.81
C PHE B 618 -2.21 3.88 24.70
N ALA B 619 -2.46 3.99 26.00
CA ALA B 619 -1.40 4.16 26.99
C ALA B 619 -1.49 3.13 28.09
N GLY B 620 -0.34 2.66 28.57
CA GLY B 620 -0.31 1.65 29.61
C GLY B 620 1.08 1.13 29.89
N GLU B 621 1.72 1.70 30.91
CA GLU B 621 3.04 1.26 31.33
C GLU B 621 3.33 1.76 32.74
N GLY B 622 4.12 0.99 33.49
CA GLY B 622 4.43 1.35 34.86
C GLY B 622 3.25 1.18 35.78
N ASP B 623 3.06 2.15 36.69
CA ASP B 623 1.96 2.10 37.64
C ASP B 623 0.81 3.00 37.19
N ALA B 624 -0.23 3.07 38.01
CA ALA B 624 -1.45 3.78 37.64
C ALA B 624 -1.21 5.26 37.40
N PHE B 625 -0.22 5.82 38.09
CA PHE B 625 0.08 7.24 37.98
C PHE B 625 0.70 7.59 36.64
N ARG B 626 1.68 6.81 36.21
CA ARG B 626 2.38 7.08 34.94
C ARG B 626 1.45 6.90 33.74
N THR B 627 0.57 5.90 33.81
CA THR B 627 -0.38 5.66 32.74
C THR B 627 -1.42 6.77 32.68
N ASN B 628 -1.89 7.19 33.85
CA ASN B 628 -2.86 8.28 33.95
C ASN B 628 -2.31 9.58 33.39
N ARG B 629 -1.01 9.80 33.58
CA ARG B 629 -0.37 11.01 33.09
C ARG B 629 -0.38 11.00 31.56
N ARG B 630 0.10 9.90 30.98
CA ARG B 630 0.14 9.76 29.52
C ARG B 630 -1.25 9.89 28.91
N PHE B 631 -2.25 9.36 29.59
CA PHE B 631 -3.63 9.54 29.17
C PHE B 631 -3.99 11.03 29.12
N LYS B 632 -3.72 11.72 30.23
CA LYS B 632 -4.02 13.14 30.34
C LYS B 632 -3.23 13.98 29.37
N LEU B 633 -2.00 13.57 29.10
CA LEU B 633 -1.12 14.34 28.22
C LEU B 633 -1.57 14.24 26.76
N VAL B 634 -1.85 13.02 26.31
CA VAL B 634 -2.26 12.78 24.94
C VAL B 634 -3.67 13.33 24.67
N SER B 635 -4.56 13.13 25.64
CA SER B 635 -5.94 13.60 25.52
C SER B 635 -6.10 15.04 25.98
N GLU B 636 -5.17 15.90 25.59
CA GLU B 636 -5.20 17.30 26.00
C GLU B 636 -6.05 18.15 25.05
N GLY B 637 -7.07 18.79 25.61
CA GLY B 637 -7.88 19.73 24.85
C GLY B 637 -8.87 19.10 23.88
N MET B 638 -8.94 17.77 23.87
CA MET B 638 -9.85 17.06 22.97
C MET B 638 -11.17 16.74 23.64
N GLU B 639 -12.26 16.92 22.90
CA GLU B 639 -13.59 16.62 23.41
C GLU B 639 -13.87 15.13 23.35
N ALA B 640 -13.23 14.46 22.39
CA ALA B 640 -13.41 13.02 22.20
C ALA B 640 -12.39 12.22 23.00
N LYS B 641 -12.60 12.13 24.31
CA LYS B 641 -11.71 11.37 25.17
C LYS B 641 -12.01 9.87 25.11
N ARG B 642 -11.26 9.16 24.27
CA ARG B 642 -11.42 7.73 24.10
C ARG B 642 -10.14 6.98 24.47
N LEU B 643 -10.13 6.39 25.66
CA LEU B 643 -8.92 5.76 26.20
C LEU B 643 -8.86 4.27 25.91
N SER B 644 -7.64 3.76 25.78
CA SER B 644 -7.41 2.34 25.57
C SER B 644 -6.33 1.83 26.53
N THR B 645 -6.73 1.05 27.52
CA THR B 645 -5.82 0.64 28.59
C THR B 645 -5.13 -0.68 28.30
N ALA B 646 -3.84 -0.75 28.59
CA ALA B 646 -3.07 -1.99 28.47
C ALA B 646 -2.50 -2.39 29.81
N PHE B 647 -2.76 -3.64 30.23
CA PHE B 647 -2.31 -4.10 31.55
C PHE B 647 -1.06 -4.96 31.46
N ASP B 648 -0.26 -4.96 32.52
CA ASP B 648 0.95 -5.78 32.55
C ASP B 648 0.61 -7.26 32.72
N SER B 649 1.57 -8.11 32.38
CA SER B 649 1.35 -9.56 32.38
C SER B 649 0.95 -10.09 33.76
N VAL B 650 1.29 -9.37 34.81
CA VAL B 650 0.90 -9.77 36.16
C VAL B 650 -0.60 -9.58 36.36
N THR B 651 -1.11 -8.43 35.92
CA THR B 651 -2.54 -8.13 36.04
C THR B 651 -3.33 -8.96 35.04
N LEU B 652 -2.74 -9.26 33.89
CA LEU B 652 -3.39 -10.06 32.87
C LEU B 652 -3.71 -11.47 33.35
N TYR B 653 -2.94 -11.95 34.31
CA TYR B 653 -3.15 -13.28 34.88
C TYR B 653 -3.84 -13.21 36.24
N GLY B 654 -4.37 -12.04 36.58
CA GLY B 654 -5.13 -11.86 37.80
C GLY B 654 -4.31 -12.02 39.07
N GLU B 655 -3.06 -11.57 39.03
CA GLU B 655 -2.17 -11.71 40.16
C GLU B 655 -1.78 -10.36 40.76
N ASP B 656 -1.57 -10.34 42.08
CA ASP B 656 -1.01 -9.17 42.75
C ASP B 656 0.50 -9.15 42.55
N PRO B 657 1.09 -7.95 42.49
CA PRO B 657 2.55 -7.84 42.40
C PRO B 657 3.22 -8.37 43.66
N HIS B 658 4.41 -8.96 43.52
CA HIS B 658 5.08 -9.55 44.67
C HIS B 658 6.60 -9.39 44.60
N GLU B 659 7.24 -9.58 45.75
CA GLU B 659 8.69 -9.47 45.85
C GLU B 659 9.39 -10.59 45.07
N ARG B 660 8.69 -11.70 44.89
CA ARG B 660 9.19 -12.85 44.14
C ARG B 660 9.78 -12.45 42.80
N PRO B 661 10.99 -12.95 42.49
CA PRO B 661 11.61 -12.73 41.18
C PRO B 661 10.74 -13.23 40.03
N ASP B 662 9.86 -14.19 40.32
CA ASP B 662 8.85 -14.66 39.38
C ASP B 662 8.05 -13.52 38.79
N ILE B 663 7.55 -12.68 39.69
CA ILE B 663 6.55 -11.68 39.38
C ILE B 663 7.12 -10.27 39.33
N TYR B 664 8.00 -9.97 40.28
CA TYR B 664 8.55 -8.62 40.46
C TYR B 664 9.11 -8.03 39.17
N GLY B 665 9.85 -8.84 38.43
CA GLY B 665 10.48 -8.38 37.21
C GLY B 665 9.50 -8.07 36.10
N LYS B 666 8.23 -8.44 36.29
CA LYS B 666 7.22 -8.28 35.25
C LYS B 666 6.21 -7.21 35.60
N VAL B 667 6.26 -6.72 36.84
CA VAL B 667 5.34 -5.68 37.29
C VAL B 667 5.65 -4.35 36.63
N GLY B 668 4.80 -3.92 35.70
CA GLY B 668 4.95 -2.62 35.08
C GLY B 668 5.37 -2.66 33.63
N ASN B 669 5.94 -3.78 33.20
CA ASN B 669 6.30 -3.95 31.79
C ASN B 669 5.10 -4.30 30.93
N SER B 670 5.09 -3.79 29.71
CA SER B 670 4.09 -4.13 28.70
C SER B 670 2.66 -3.77 29.12
N GLY B 671 2.51 -3.00 30.19
CA GLY B 671 1.20 -2.58 30.63
C GLY B 671 1.18 -2.03 32.05
N VAL B 672 0.07 -1.37 32.41
CA VAL B 672 -0.08 -0.78 33.73
C VAL B 672 -0.36 -1.86 34.76
N SER B 673 0.24 -1.71 35.94
CA SER B 673 0.01 -2.65 37.04
C SER B 673 -1.15 -2.19 37.92
N ILE B 674 -2.29 -2.85 37.76
CA ILE B 674 -3.48 -2.54 38.57
C ILE B 674 -3.84 -3.72 39.46
N ALA B 675 -3.70 -3.53 40.78
CA ALA B 675 -3.91 -4.62 41.72
C ALA B 675 -5.11 -4.40 42.63
N THR B 676 -5.41 -3.14 42.93
CA THR B 676 -6.54 -2.82 43.80
C THR B 676 -7.44 -1.76 43.18
N LEU B 677 -8.65 -1.62 43.74
CA LEU B 677 -9.59 -0.60 43.29
C LEU B 677 -8.98 0.80 43.39
N GLU B 678 -8.13 1.00 44.40
CA GLU B 678 -7.46 2.28 44.57
C GLU B 678 -6.55 2.59 43.38
N ASP B 679 -5.88 1.56 42.87
CA ASP B 679 -5.03 1.71 41.70
C ASP B 679 -5.88 2.04 40.48
N MET B 680 -7.04 1.42 40.38
CA MET B 680 -7.97 1.65 39.27
C MET B 680 -8.50 3.08 39.29
N LYS B 681 -8.73 3.61 40.50
CA LYS B 681 -9.22 4.97 40.66
C LYS B 681 -8.18 5.97 40.18
N VAL B 682 -6.92 5.74 40.57
CA VAL B 682 -5.81 6.58 40.14
C VAL B 682 -5.67 6.53 38.62
N LEU B 683 -5.88 5.35 38.05
CA LEU B 683 -5.73 5.13 36.61
C LEU B 683 -6.63 6.03 35.79
N TYR B 684 -7.86 6.25 36.26
CA TYR B 684 -8.80 7.07 35.52
C TYR B 684 -9.20 8.33 36.28
N ASP B 685 -8.32 8.81 37.13
CA ASP B 685 -8.55 10.06 37.84
C ASP B 685 -8.54 11.21 36.85
N GLY B 686 -9.49 12.12 36.99
CA GLY B 686 -9.59 13.26 36.11
C GLY B 686 -10.51 13.03 34.94
N PHE B 687 -10.64 11.78 34.52
CA PHE B 687 -11.53 11.43 33.42
C PHE B 687 -12.92 11.08 33.94
N ASP B 688 -13.91 11.87 33.54
CA ASP B 688 -15.28 11.60 33.93
C ASP B 688 -15.80 10.38 33.18
N LEU B 689 -15.80 9.23 33.84
CA LEU B 689 -16.17 7.97 33.18
C LEU B 689 -17.64 7.94 32.78
N THR B 690 -18.46 8.68 33.51
CA THR B 690 -19.90 8.72 33.27
C THR B 690 -20.26 9.75 32.18
N ASN B 691 -19.31 10.63 31.88
CA ASN B 691 -19.51 11.64 30.84
C ASN B 691 -19.78 11.02 29.48
N PRO B 692 -20.78 11.53 28.76
CA PRO B 692 -21.21 10.98 27.47
C PRO B 692 -20.14 11.00 26.39
N SER B 693 -19.13 11.86 26.54
CA SER B 693 -18.08 11.98 25.55
C SER B 693 -16.82 11.25 25.97
N THR B 694 -16.94 10.39 26.99
CA THR B 694 -15.80 9.64 27.49
C THR B 694 -16.07 8.14 27.54
N SER B 695 -15.27 7.39 26.78
CA SER B 695 -15.39 5.94 26.75
C SER B 695 -14.03 5.29 27.02
N VAL B 696 -14.03 4.30 27.90
CA VAL B 696 -12.78 3.64 28.28
C VAL B 696 -12.70 2.20 27.79
N SER B 697 -11.70 1.91 26.97
CA SER B 697 -11.42 0.55 26.54
C SER B 697 -10.28 -0.05 27.34
N MET B 698 -10.38 -1.34 27.65
CA MET B 698 -9.33 -2.01 28.41
C MET B 698 -9.23 -3.48 28.04
N THR B 699 -8.07 -3.88 27.55
CA THR B 699 -7.87 -5.26 27.10
C THR B 699 -7.47 -6.19 28.24
N ILE B 700 -8.45 -6.96 28.72
CA ILE B 700 -8.24 -7.93 29.78
C ILE B 700 -9.18 -9.12 29.54
N ASN B 701 -8.69 -10.34 29.75
CA ASN B 701 -9.47 -11.52 29.43
C ASN B 701 -9.87 -12.34 30.67
N GLY B 702 -8.96 -13.20 31.10
CA GLY B 702 -9.20 -14.06 32.26
C GLY B 702 -9.82 -13.35 33.47
N PRO B 703 -9.14 -12.32 33.99
CA PRO B 703 -9.62 -11.59 35.17
C PRO B 703 -10.57 -10.44 34.84
N ALA B 704 -11.16 -10.45 33.65
CA ALA B 704 -12.01 -9.35 33.21
C ALA B 704 -13.18 -9.02 34.15
N PRO B 705 -13.90 -10.04 34.66
CA PRO B 705 -15.01 -9.67 35.55
C PRO B 705 -14.55 -8.91 36.81
N THR B 706 -13.37 -9.24 37.32
CA THR B 706 -12.85 -8.55 38.48
C THR B 706 -12.45 -7.11 38.14
N ILE B 707 -11.75 -6.95 37.02
CA ILE B 707 -11.33 -5.63 36.54
C ILE B 707 -12.54 -4.77 36.20
N LEU B 708 -13.52 -5.37 35.55
CA LEU B 708 -14.76 -4.67 35.21
C LEU B 708 -15.45 -4.17 36.48
N ALA B 709 -15.42 -5.00 37.53
CA ALA B 709 -16.02 -4.64 38.81
C ALA B 709 -15.32 -3.43 39.41
N MET B 710 -14.00 -3.39 39.29
CA MET B 710 -13.21 -2.26 39.77
C MET B 710 -13.58 -1.00 39.01
N PHE B 711 -13.67 -1.12 37.69
CA PHE B 711 -14.03 0.00 36.83
C PHE B 711 -15.40 0.58 37.19
N MET B 712 -16.36 -0.31 37.42
CA MET B 712 -17.72 0.11 37.76
C MET B 712 -17.75 0.86 39.10
N ASN B 713 -17.02 0.35 40.08
CA ASN B 713 -16.92 1.02 41.37
C ASN B 713 -16.19 2.36 41.25
N THR B 714 -15.23 2.44 40.34
CA THR B 714 -14.50 3.67 40.09
C THR B 714 -15.44 4.71 39.49
N ALA B 715 -16.23 4.30 38.53
CA ALA B 715 -17.19 5.18 37.87
C ALA B 715 -18.25 5.67 38.85
N ILE B 716 -18.70 4.78 39.73
CA ILE B 716 -19.69 5.12 40.74
C ILE B 716 -19.13 6.11 41.76
N ASP B 717 -17.91 5.82 42.24
CA ASP B 717 -17.28 6.66 43.26
C ASP B 717 -16.97 8.06 42.73
N GLN B 718 -16.81 8.19 41.42
CA GLN B 718 -16.57 9.49 40.82
C GLN B 718 -17.76 10.42 41.02
N GLN B 719 -18.96 9.86 40.92
CA GLN B 719 -20.18 10.64 41.08
C GLN B 719 -20.51 10.87 42.55
N ILE B 720 -20.17 9.90 43.39
CA ILE B 720 -20.35 10.05 44.84
C ILE B 720 -19.46 11.18 45.33
N ASP B 721 -18.25 11.26 44.79
CA ASP B 721 -17.32 12.34 45.11
C ASP B 721 -17.80 13.67 44.52
N ARG B 722 -18.45 13.59 43.35
CA ARG B 722 -18.99 14.77 42.70
C ARG B 722 -20.16 15.33 43.49
N PHE B 723 -20.86 14.47 44.21
CA PHE B 723 -22.00 14.88 45.02
C PHE B 723 -21.53 15.45 46.35
N ARG B 724 -20.52 14.82 46.94
CA ARG B 724 -19.96 15.28 48.21
C ARG B 724 -19.24 16.61 48.05
N ALA B 725 -18.99 16.99 46.80
CA ALA B 725 -18.33 18.26 46.50
C ALA B 725 -19.35 19.34 46.16
N ASP B 726 -20.25 19.03 45.22
CA ASP B 726 -21.24 20.00 44.76
C ASP B 726 -22.26 20.35 45.84
N ASN B 727 -22.56 19.39 46.70
CA ASN B 727 -23.55 19.61 47.76
C ASN B 727 -22.92 19.79 49.13
N GLY B 728 -21.62 19.52 49.22
CA GLY B 728 -20.90 19.70 50.47
C GLY B 728 -21.34 18.76 51.57
N ARG B 729 -22.02 17.68 51.20
CA ARG B 729 -22.49 16.69 52.16
C ARG B 729 -22.59 15.32 51.50
N ASP B 730 -22.40 14.27 52.30
CA ASP B 730 -22.54 12.91 51.79
C ASP B 730 -23.99 12.61 51.43
N PRO B 731 -24.21 11.95 50.30
CA PRO B 731 -25.57 11.59 49.87
C PRO B 731 -26.23 10.62 50.85
N THR B 732 -27.55 10.75 51.00
CA THR B 732 -28.30 9.86 51.88
C THR B 732 -28.36 8.46 51.32
N ALA B 733 -28.96 7.55 52.07
CA ALA B 733 -29.12 6.17 51.63
C ALA B 733 -29.97 6.10 50.36
N ASP B 734 -30.95 6.99 50.26
CA ASP B 734 -31.84 7.04 49.11
C ASP B 734 -31.15 7.72 47.92
N GLU B 735 -30.40 8.79 48.22
CA GLU B 735 -29.71 9.54 47.18
C GLU B 735 -28.62 8.72 46.51
N GLU B 736 -27.84 8.00 47.32
CA GLU B 736 -26.75 7.18 46.82
C GLU B 736 -27.26 6.08 45.89
N ALA B 737 -28.41 5.51 46.25
CA ALA B 737 -29.03 4.46 45.45
C ALA B 737 -29.39 4.97 44.06
N LYS B 738 -29.87 6.20 44.00
CA LYS B 738 -30.24 6.81 42.73
C LYS B 738 -29.00 7.11 41.89
N ILE B 739 -27.89 7.40 42.57
CA ILE B 739 -26.63 7.70 41.90
C ILE B 739 -26.03 6.46 41.25
N ARG B 740 -25.86 5.40 42.04
CA ARG B 740 -25.30 4.15 41.56
C ARG B 740 -26.08 3.63 40.35
N ALA B 741 -27.40 3.75 40.43
CA ALA B 741 -28.28 3.30 39.35
C ALA B 741 -28.02 4.09 38.07
N TRP B 742 -27.91 5.40 38.21
CA TRP B 742 -27.68 6.26 37.05
C TRP B 742 -26.33 5.99 36.42
N VAL B 743 -25.30 5.79 37.25
CA VAL B 743 -23.95 5.54 36.77
C VAL B 743 -23.90 4.31 35.88
N LEU B 744 -24.47 3.21 36.37
CA LEU B 744 -24.47 1.94 35.64
C LEU B 744 -25.14 2.08 34.27
N GLN B 745 -26.21 2.86 34.21
CA GLN B 745 -26.95 3.03 32.97
C GLN B 745 -26.18 3.83 31.92
N ASN B 746 -25.47 4.86 32.36
CA ASN B 746 -24.85 5.82 31.45
C ASN B 746 -23.36 5.60 31.20
N VAL B 747 -22.72 4.76 31.99
CA VAL B 747 -21.29 4.54 31.86
C VAL B 747 -20.94 3.92 30.50
N ARG B 748 -19.98 4.53 29.81
CA ARG B 748 -19.58 4.04 28.50
C ARG B 748 -18.21 3.39 28.60
N GLY B 749 -17.99 2.34 27.83
CA GLY B 749 -16.72 1.65 27.82
C GLY B 749 -16.80 0.24 27.26
N THR B 750 -15.65 -0.43 27.19
CA THR B 750 -15.58 -1.76 26.61
C THR B 750 -14.47 -2.60 27.25
N VAL B 751 -14.81 -3.81 27.66
CA VAL B 751 -13.80 -4.76 28.07
C VAL B 751 -13.51 -5.69 26.89
N GLN B 752 -12.24 -5.81 26.52
CA GLN B 752 -11.87 -6.65 25.39
C GLN B 752 -11.77 -8.11 25.79
N ALA B 753 -12.76 -8.57 26.57
CA ALA B 753 -12.76 -9.92 27.09
C ALA B 753 -13.23 -10.92 26.05
N ASP B 754 -12.42 -11.95 25.83
CA ASP B 754 -12.76 -13.02 24.92
C ASP B 754 -12.06 -14.29 25.38
N ILE B 755 -12.74 -15.05 26.22
CA ILE B 755 -12.18 -16.27 26.78
C ILE B 755 -11.91 -17.32 25.71
N LEU B 756 -12.82 -17.41 24.74
CA LEU B 756 -12.72 -18.42 23.70
C LEU B 756 -11.46 -18.27 22.87
N LYS B 757 -11.05 -17.03 22.60
CA LYS B 757 -9.85 -16.79 21.80
C LYS B 757 -8.60 -17.22 22.54
N GLU B 758 -8.69 -17.28 23.87
CA GLU B 758 -7.54 -17.56 24.73
C GLU B 758 -7.04 -18.99 24.60
N ASP B 759 -7.94 -19.94 24.77
CA ASP B 759 -7.58 -21.35 24.75
C ASP B 759 -7.18 -21.78 23.34
N GLN B 760 -7.81 -21.18 22.34
CA GLN B 760 -7.66 -21.62 20.96
C GLN B 760 -6.32 -21.25 20.36
N GLY B 761 -6.05 -19.96 20.21
CA GLY B 761 -4.81 -19.51 19.61
C GLY B 761 -3.71 -19.21 20.62
N GLN B 762 -4.09 -18.57 21.72
CA GLN B 762 -3.13 -18.02 22.67
C GLN B 762 -2.57 -19.02 23.68
N ASN B 763 -3.43 -19.84 24.28
CA ASN B 763 -3.07 -20.70 25.41
C ASN B 763 -2.58 -19.85 26.58
N THR B 764 -3.53 -19.14 27.21
CA THR B 764 -3.20 -18.10 28.18
C THR B 764 -4.24 -18.02 29.30
N CYS B 765 -5.10 -19.04 29.38
CA CYS B 765 -6.22 -19.02 30.31
C CYS B 765 -5.78 -19.18 31.76
N ILE B 766 -6.49 -18.54 32.69
CA ILE B 766 -6.21 -18.76 34.11
C ILE B 766 -7.37 -19.49 34.78
N PHE B 767 -8.56 -19.37 34.20
CA PHE B 767 -9.73 -20.11 34.66
C PHE B 767 -10.14 -21.15 33.65
N SER B 768 -10.86 -22.18 34.09
CA SER B 768 -11.42 -23.15 33.17
C SER B 768 -12.43 -22.43 32.27
N THR B 769 -12.40 -22.76 30.98
CA THR B 769 -13.23 -22.07 29.98
C THR B 769 -14.70 -22.08 30.37
N GLU B 770 -15.15 -23.18 30.95
CA GLU B 770 -16.54 -23.30 31.38
C GLU B 770 -16.86 -22.30 32.49
N PHE B 771 -15.94 -22.15 33.43
CA PHE B 771 -16.16 -21.24 34.55
C PHE B 771 -16.15 -19.79 34.10
N SER B 772 -15.24 -19.46 33.18
CA SER B 772 -15.16 -18.11 32.66
C SER B 772 -16.43 -17.74 31.91
N LEU B 773 -16.97 -18.71 31.17
CA LEU B 773 -18.19 -18.49 30.40
C LEU B 773 -19.39 -18.30 31.32
N LYS B 774 -19.39 -19.00 32.45
CA LYS B 774 -20.46 -18.85 33.43
C LYS B 774 -20.45 -17.43 33.98
N VAL B 775 -19.29 -16.99 34.45
CA VAL B 775 -19.14 -15.66 35.04
C VAL B 775 -19.40 -14.59 33.99
N MET B 776 -18.94 -14.84 32.77
CA MET B 776 -19.18 -13.94 31.65
C MET B 776 -20.68 -13.75 31.43
N GLY B 777 -21.43 -14.84 31.57
CA GLY B 777 -22.87 -14.80 31.49
C GLY B 777 -23.48 -14.08 32.69
N ASP B 778 -22.87 -14.27 33.86
CA ASP B 778 -23.31 -13.59 35.07
C ASP B 778 -23.20 -12.09 34.90
N ILE B 779 -22.15 -11.65 34.22
CA ILE B 779 -21.94 -10.25 33.91
C ILE B 779 -23.07 -9.72 33.04
N GLN B 780 -23.36 -10.44 31.97
CA GLN B 780 -24.37 -10.03 31.01
C GLN B 780 -25.74 -9.94 31.67
N GLU B 781 -26.00 -10.88 32.58
CA GLU B 781 -27.24 -10.90 33.34
C GLU B 781 -27.34 -9.67 34.22
N TYR B 782 -26.21 -9.27 34.81
CA TYR B 782 -26.15 -8.11 35.69
C TYR B 782 -26.42 -6.83 34.91
N PHE B 783 -25.86 -6.74 33.69
CA PHE B 783 -26.07 -5.59 32.83
C PHE B 783 -27.54 -5.40 32.49
N VAL B 784 -28.23 -6.50 32.22
CA VAL B 784 -29.64 -6.45 31.89
C VAL B 784 -30.46 -5.94 33.07
N HIS B 785 -30.21 -6.49 34.25
CA HIS B 785 -30.98 -6.15 35.43
C HIS B 785 -30.81 -4.70 35.85
N HIS B 786 -29.66 -4.12 35.55
CA HIS B 786 -29.38 -2.74 35.94
C HIS B 786 -29.36 -1.80 34.73
N GLN B 787 -29.79 -2.32 33.59
CA GLN B 787 -29.93 -1.54 32.37
C GLN B 787 -28.64 -0.85 31.94
N VAL B 788 -27.53 -1.57 32.04
CA VAL B 788 -26.24 -1.06 31.56
C VAL B 788 -26.22 -1.08 30.04
N ARG B 789 -26.77 -0.04 29.43
CA ARG B 789 -26.99 -0.01 27.99
C ARG B 789 -25.79 0.54 27.21
N ASN B 790 -24.87 1.20 27.91
CA ASN B 790 -23.77 1.89 27.24
C ASN B 790 -22.41 1.23 27.38
N PHE B 791 -22.32 0.10 28.09
CA PHE B 791 -21.06 -0.59 28.22
C PHE B 791 -21.05 -1.90 27.43
N TYR B 792 -19.91 -2.19 26.78
CA TYR B 792 -19.77 -3.40 25.99
C TYR B 792 -18.86 -4.40 26.71
N SER B 793 -19.42 -5.55 27.08
CA SER B 793 -18.70 -6.51 27.91
C SER B 793 -17.96 -7.58 27.10
N VAL B 794 -18.19 -7.63 25.79
CA VAL B 794 -17.58 -8.66 24.96
C VAL B 794 -16.98 -8.08 23.68
N SER B 795 -15.72 -8.40 23.42
CA SER B 795 -15.10 -8.04 22.15
C SER B 795 -14.50 -9.28 21.51
N ILE B 796 -15.32 -9.99 20.74
CA ILE B 796 -14.89 -11.20 20.04
C ILE B 796 -13.75 -10.91 19.07
N SER B 797 -12.56 -11.42 19.39
CA SER B 797 -11.36 -11.11 18.62
C SER B 797 -10.78 -12.33 17.93
N GLY B 798 -10.22 -12.13 16.74
CA GLY B 798 -9.55 -13.20 16.02
C GLY B 798 -8.14 -12.80 15.61
N TYR B 799 -7.64 -11.71 16.19
CA TYR B 799 -6.32 -11.21 15.83
C TYR B 799 -5.23 -12.16 16.30
N HIS B 800 -5.32 -12.57 17.56
CA HIS B 800 -4.32 -13.46 18.16
C HIS B 800 -4.36 -14.83 17.50
N ILE B 801 -5.55 -15.24 17.04
CA ILE B 801 -5.69 -16.47 16.30
C ILE B 801 -4.92 -16.40 14.99
N ALA B 802 -5.09 -15.29 14.27
CA ALA B 802 -4.40 -15.08 13.00
C ALA B 802 -2.91 -14.92 13.22
N GLU B 803 -2.56 -14.38 14.38
CA GLU B 803 -1.18 -14.13 14.73
C GLU B 803 -0.43 -15.44 14.97
N ALA B 804 -1.18 -16.48 15.34
CA ALA B 804 -0.61 -17.78 15.63
C ALA B 804 -0.36 -18.59 14.35
N GLY B 805 -0.76 -18.04 13.22
CA GLY B 805 -0.49 -18.67 11.93
C GLY B 805 -1.74 -19.07 11.16
N ALA B 806 -2.90 -18.76 11.72
CA ALA B 806 -4.17 -19.14 11.10
C ALA B 806 -4.43 -18.34 9.82
N ASN B 807 -4.75 -19.06 8.74
CA ASN B 807 -5.11 -18.41 7.48
C ASN B 807 -6.45 -17.69 7.61
N PRO B 808 -6.72 -16.69 6.74
CA PRO B 808 -7.92 -15.85 6.87
C PRO B 808 -9.23 -16.62 7.06
N ILE B 809 -9.43 -17.69 6.30
CA ILE B 809 -10.69 -18.44 6.39
C ILE B 809 -10.88 -19.03 7.78
N SER B 810 -9.83 -19.63 8.32
CA SER B 810 -9.90 -20.22 9.66
C SER B 810 -10.10 -19.13 10.73
N GLN B 811 -9.45 -17.99 10.54
CA GLN B 811 -9.60 -16.88 11.47
C GLN B 811 -11.03 -16.36 11.50
N LEU B 812 -11.56 -16.09 10.31
CA LEU B 812 -12.92 -15.59 10.19
C LEU B 812 -13.92 -16.61 10.72
N ALA B 813 -13.71 -17.87 10.36
CA ALA B 813 -14.63 -18.95 10.75
C ALA B 813 -14.65 -19.16 12.25
N PHE B 814 -13.47 -19.21 12.87
CA PHE B 814 -13.40 -19.43 14.31
C PHE B 814 -13.98 -18.26 15.08
N THR B 815 -13.64 -17.05 14.65
CA THR B 815 -14.09 -15.85 15.35
C THR B 815 -15.60 -15.71 15.32
N LEU B 816 -16.19 -15.90 14.14
CA LEU B 816 -17.65 -15.89 14.01
C LEU B 816 -18.27 -17.02 14.84
N ALA B 817 -17.62 -18.18 14.81
CA ALA B 817 -18.07 -19.32 15.60
C ALA B 817 -18.04 -19.00 17.08
N ASN B 818 -16.92 -18.42 17.53
CA ASN B 818 -16.80 -18.01 18.92
C ASN B 818 -17.79 -16.92 19.28
N GLY B 819 -18.10 -16.07 18.31
CA GLY B 819 -19.10 -15.04 18.49
C GLY B 819 -20.48 -15.65 18.67
N PHE B 820 -20.79 -16.64 17.85
CA PHE B 820 -22.08 -17.31 17.92
C PHE B 820 -22.22 -18.14 19.19
N THR B 821 -21.08 -18.61 19.70
CA THR B 821 -21.07 -19.36 20.95
C THR B 821 -21.55 -18.49 22.10
N TYR B 822 -21.09 -17.23 22.09
CA TYR B 822 -21.52 -16.27 23.10
C TYR B 822 -23.02 -16.02 23.01
N VAL B 823 -23.50 -15.85 21.78
CA VAL B 823 -24.92 -15.65 21.54
C VAL B 823 -25.73 -16.79 22.12
N GLU B 824 -25.33 -18.02 21.80
CA GLU B 824 -26.00 -19.21 22.30
C GLU B 824 -25.92 -19.31 23.82
N ALA B 825 -24.81 -18.83 24.38
CA ALA B 825 -24.61 -18.86 25.82
C ALA B 825 -25.59 -17.94 26.53
N TYR B 826 -25.70 -16.71 26.04
CA TYR B 826 -26.59 -15.72 26.63
C TYR B 826 -28.05 -16.08 26.42
N LEU B 827 -28.34 -16.74 25.30
CA LEU B 827 -29.69 -17.16 25.00
C LEU B 827 -30.14 -18.25 25.95
N ALA B 828 -29.23 -19.17 26.25
CA ALA B 828 -29.52 -20.26 27.17
C ALA B 828 -29.77 -19.76 28.59
N ARG B 829 -29.24 -18.58 28.91
CA ARG B 829 -29.51 -17.98 30.21
C ARG B 829 -30.90 -17.35 30.22
N GLY B 830 -31.52 -17.28 29.05
CA GLY B 830 -32.88 -16.79 28.93
C GLY B 830 -32.97 -15.30 28.62
N MET B 831 -31.94 -14.76 28.00
CA MET B 831 -31.93 -13.34 27.67
C MET B 831 -32.42 -13.10 26.24
N HIS B 832 -32.95 -11.91 25.99
CA HIS B 832 -33.45 -11.56 24.67
C HIS B 832 -32.31 -11.17 23.75
N ILE B 833 -32.46 -11.51 22.48
CA ILE B 833 -31.39 -11.32 21.50
C ILE B 833 -31.10 -9.84 21.23
N ASP B 834 -32.14 -9.02 21.26
CA ASP B 834 -31.99 -7.60 20.96
C ASP B 834 -31.35 -6.84 22.11
N ASP B 835 -31.18 -7.52 23.25
CA ASP B 835 -30.62 -6.88 24.43
C ASP B 835 -29.10 -6.88 24.42
N PHE B 836 -28.50 -7.97 23.94
CA PHE B 836 -27.05 -8.11 24.02
C PHE B 836 -26.32 -8.08 22.68
N ALA B 837 -27.05 -8.35 21.60
CA ALA B 837 -26.43 -8.41 20.27
C ALA B 837 -25.83 -7.08 19.78
N PRO B 838 -26.52 -5.94 20.02
CA PRO B 838 -25.86 -4.70 19.60
C PRO B 838 -24.61 -4.35 20.43
N ASN B 839 -24.45 -5.01 21.57
CA ASN B 839 -23.29 -4.79 22.43
C ASN B 839 -22.11 -5.68 22.05
N LEU B 840 -22.21 -6.34 20.90
CA LEU B 840 -21.16 -7.25 20.45
C LEU B 840 -20.24 -6.58 19.43
N SER B 841 -18.95 -6.60 19.72
CA SER B 841 -17.95 -6.01 18.85
C SER B 841 -16.96 -7.07 18.37
N PHE B 842 -16.42 -6.87 17.17
CA PHE B 842 -15.48 -7.84 16.61
C PHE B 842 -14.10 -7.24 16.36
N PHE B 843 -13.13 -8.11 16.12
CA PHE B 843 -11.74 -7.70 15.98
C PHE B 843 -11.03 -8.69 15.08
N PHE B 844 -10.79 -8.29 13.83
CA PHE B 844 -10.14 -9.16 12.85
C PHE B 844 -8.77 -8.66 12.45
N SER B 845 -7.92 -9.58 12.02
CA SER B 845 -6.60 -9.23 11.49
C SER B 845 -6.62 -9.27 9.98
N ASN B 846 -6.11 -8.23 9.33
CA ASN B 846 -5.95 -8.23 7.89
C ASN B 846 -4.60 -8.84 7.52
N GLY B 847 -4.30 -8.86 6.22
CA GLY B 847 -3.06 -9.47 5.76
C GLY B 847 -2.95 -9.42 4.25
N MET B 848 -2.03 -10.20 3.70
CA MET B 848 -1.74 -10.16 2.27
C MET B 848 -2.61 -11.11 1.46
N ASP B 849 -3.08 -12.18 2.11
CA ASP B 849 -3.92 -13.17 1.44
C ASP B 849 -5.16 -12.53 0.80
N PRO B 850 -5.58 -13.06 -0.36
CA PRO B 850 -6.72 -12.51 -1.12
C PRO B 850 -8.01 -12.46 -0.31
N GLU B 851 -8.22 -13.47 0.53
CA GLU B 851 -9.47 -13.58 1.29
C GLU B 851 -9.68 -12.40 2.23
N TYR B 852 -8.59 -11.72 2.60
CA TYR B 852 -8.68 -10.59 3.52
C TYR B 852 -9.45 -9.43 2.89
N SER B 853 -9.45 -9.37 1.57
CA SER B 853 -10.12 -8.29 0.87
C SER B 853 -11.63 -8.34 1.03
N VAL B 854 -12.15 -9.53 1.34
CA VAL B 854 -13.57 -9.73 1.48
C VAL B 854 -13.96 -10.28 2.85
N LEU B 855 -13.06 -10.16 3.83
CA LEU B 855 -13.31 -10.70 5.16
C LEU B 855 -14.44 -9.96 5.85
N GLY B 856 -14.39 -8.63 5.83
CA GLY B 856 -15.37 -7.80 6.52
C GLY B 856 -16.77 -7.96 5.97
N ARG B 857 -16.90 -7.92 4.65
CA ARG B 857 -18.20 -8.01 4.01
C ARG B 857 -18.84 -9.37 4.24
N VAL B 858 -18.03 -10.43 4.24
CA VAL B 858 -18.54 -11.78 4.50
C VAL B 858 -19.01 -11.88 5.94
N ALA B 859 -18.22 -11.34 6.86
CA ALA B 859 -18.58 -11.36 8.28
C ALA B 859 -19.88 -10.62 8.52
N ARG B 860 -20.09 -9.53 7.78
CA ARG B 860 -21.31 -8.74 7.94
C ARG B 860 -22.54 -9.47 7.44
N ARG B 861 -22.43 -10.12 6.28
CA ARG B 861 -23.59 -10.76 5.67
C ARG B 861 -24.01 -12.02 6.43
N ILE B 862 -23.02 -12.83 6.82
CA ILE B 862 -23.30 -14.03 7.61
C ILE B 862 -24.02 -13.65 8.89
N TRP B 863 -23.57 -12.57 9.51
CA TRP B 863 -24.18 -12.07 10.74
C TRP B 863 -25.59 -11.53 10.46
N ALA B 864 -25.71 -10.67 9.47
CA ALA B 864 -26.99 -10.03 9.15
C ALA B 864 -28.08 -11.06 8.84
N VAL B 865 -27.74 -12.03 8.01
CA VAL B 865 -28.71 -13.05 7.59
C VAL B 865 -29.13 -13.92 8.76
N THR B 866 -28.16 -14.44 9.51
CA THR B 866 -28.46 -15.34 10.61
C THR B 866 -29.20 -14.64 11.74
N MET B 867 -28.79 -13.42 12.07
CA MET B 867 -29.43 -12.67 13.15
C MET B 867 -30.88 -12.36 12.83
N ARG B 868 -31.18 -12.20 11.54
CA ARG B 868 -32.54 -11.87 11.11
C ARG B 868 -33.38 -13.12 10.95
N ASP B 869 -32.82 -14.14 10.31
CA ASP B 869 -33.56 -15.34 9.98
C ASP B 869 -33.57 -16.36 11.11
N LYS B 870 -32.40 -16.66 11.67
CA LYS B 870 -32.28 -17.69 12.69
C LYS B 870 -32.71 -17.20 14.08
N TYR B 871 -32.23 -16.02 14.46
CA TYR B 871 -32.48 -15.52 15.81
C TYR B 871 -33.58 -14.47 15.86
N GLY B 872 -34.02 -14.01 14.69
CA GLY B 872 -35.10 -13.05 14.60
C GLY B 872 -34.85 -11.80 15.41
N ALA B 873 -33.74 -11.12 15.14
CA ALA B 873 -33.36 -9.95 15.89
C ALA B 873 -33.57 -8.68 15.07
N ASN B 874 -33.59 -7.53 15.74
CA ASN B 874 -33.84 -6.26 15.07
C ASN B 874 -32.69 -5.82 14.17
N ASP B 875 -32.86 -4.69 13.51
CA ASP B 875 -31.88 -4.19 12.56
C ASP B 875 -30.56 -3.85 13.24
N ARG B 876 -30.64 -3.37 14.48
CA ARG B 876 -29.43 -2.98 15.23
C ARG B 876 -28.57 -4.19 15.55
N SER B 877 -29.19 -5.35 15.64
CA SER B 877 -28.49 -6.58 15.97
C SER B 877 -27.88 -7.23 14.74
N GLN B 878 -28.49 -6.99 13.58
CA GLN B 878 -28.02 -7.58 12.33
C GLN B 878 -26.77 -6.88 11.82
N LYS B 879 -26.47 -5.72 12.38
CA LYS B 879 -25.32 -4.93 11.95
C LYS B 879 -24.06 -5.32 12.73
N LEU B 880 -23.15 -6.01 12.06
CA LEU B 880 -21.90 -6.41 12.67
C LEU B 880 -20.85 -5.31 12.52
N LYS B 881 -20.40 -4.76 13.65
CA LYS B 881 -19.33 -3.77 13.66
C LYS B 881 -18.04 -4.49 14.05
N TYR B 882 -16.93 -4.09 13.43
CA TYR B 882 -15.65 -4.71 13.76
C TYR B 882 -14.48 -3.74 13.70
N HIS B 883 -13.35 -4.17 14.25
CA HIS B 883 -12.10 -3.42 14.19
C HIS B 883 -11.07 -4.26 13.46
N ILE B 884 -10.36 -3.65 12.52
CA ILE B 884 -9.30 -4.33 11.80
C ILE B 884 -7.94 -3.78 12.17
N GLN B 885 -7.04 -4.67 12.58
CA GLN B 885 -5.65 -4.30 12.75
C GLN B 885 -4.81 -5.06 11.74
N THR B 886 -3.81 -4.41 11.16
CA THR B 886 -2.99 -5.03 10.12
C THR B 886 -2.21 -6.22 10.68
N SER B 887 -1.73 -7.07 9.78
CA SER B 887 -1.02 -8.28 10.18
C SER B 887 0.31 -7.98 10.86
N GLY B 888 0.51 -8.53 12.05
CA GLY B 888 1.79 -8.44 12.73
C GLY B 888 2.69 -9.54 12.20
N ARG B 889 2.06 -10.59 11.69
CA ARG B 889 2.76 -11.72 11.09
C ARG B 889 3.49 -11.28 9.83
N SER B 890 2.90 -10.32 9.13
CA SER B 890 3.40 -9.88 7.83
C SER B 890 4.51 -8.85 7.97
N LEU B 891 4.75 -8.41 9.19
CA LEU B 891 5.85 -7.48 9.47
C LEU B 891 7.10 -8.26 9.81
N HIS B 892 8.14 -8.11 8.99
CA HIS B 892 9.35 -8.89 9.16
C HIS B 892 10.49 -8.07 9.74
N ALA B 893 11.48 -8.77 10.29
CA ALA B 893 12.61 -8.11 10.92
C ALA B 893 13.65 -7.67 9.90
N GLN B 894 13.72 -8.37 8.78
CA GLN B 894 14.63 -8.00 7.71
C GLN B 894 13.99 -6.98 6.78
N GLU B 895 14.72 -5.88 6.52
CA GLU B 895 14.23 -4.79 5.68
C GLU B 895 12.90 -4.24 6.20
N ILE B 896 12.93 -3.64 7.39
CA ILE B 896 11.71 -3.18 8.04
C ILE B 896 11.07 -1.99 7.32
N ASP B 897 11.81 -1.37 6.42
CA ASP B 897 11.27 -0.25 5.65
C ASP B 897 10.20 -0.73 4.67
N PHE B 898 10.27 -2.01 4.30
CA PHE B 898 9.31 -2.57 3.36
C PHE B 898 7.94 -2.78 4.01
N ASN B 899 7.93 -2.82 5.33
CA ASN B 899 6.69 -3.09 6.07
C ASN B 899 5.63 -2.02 5.85
N ASP B 900 6.06 -0.78 5.63
CA ASP B 900 5.12 0.30 5.38
C ASP B 900 4.35 0.06 4.08
N ILE B 901 4.97 -0.63 3.14
CA ILE B 901 4.30 -1.00 1.89
C ILE B 901 3.18 -1.99 2.18
N ARG B 902 3.50 -3.00 2.99
CA ARG B 902 2.54 -4.04 3.32
C ARG B 902 1.39 -3.49 4.15
N THR B 903 1.72 -2.63 5.12
CA THR B 903 0.70 -2.07 6.00
C THR B 903 -0.23 -1.14 5.23
N THR B 904 0.29 -0.51 4.18
CA THR B 904 -0.52 0.36 3.34
C THR B 904 -1.59 -0.43 2.59
N LEU B 905 -1.17 -1.53 1.97
CA LEU B 905 -2.07 -2.38 1.20
C LEU B 905 -3.18 -2.98 2.09
N GLN B 906 -2.80 -3.37 3.30
CA GLN B 906 -3.76 -3.97 4.23
C GLN B 906 -4.73 -2.91 4.75
N ALA B 907 -4.22 -1.70 4.97
CA ALA B 907 -5.06 -0.60 5.41
C ALA B 907 -6.05 -0.20 4.32
N LEU B 908 -5.63 -0.32 3.06
CA LEU B 908 -6.46 0.09 1.94
C LEU B 908 -7.71 -0.78 1.79
N ILE B 909 -7.52 -2.10 1.75
CA ILE B 909 -8.66 -3.00 1.61
C ILE B 909 -9.57 -2.92 2.83
N ALA B 910 -8.98 -2.58 3.97
CA ALA B 910 -9.74 -2.41 5.20
C ALA B 910 -10.70 -1.24 5.07
N ILE B 911 -10.21 -0.15 4.50
CA ILE B 911 -11.01 1.06 4.32
C ILE B 911 -11.98 0.90 3.13
N TYR B 912 -11.52 0.23 2.08
CA TYR B 912 -12.38 -0.09 0.94
C TYR B 912 -13.61 -0.83 1.41
N ASP B 913 -13.39 -1.87 2.21
CA ASP B 913 -14.47 -2.74 2.67
C ASP B 913 -15.21 -2.16 3.86
N ASN B 914 -15.16 -0.84 4.00
CA ASN B 914 -15.95 -0.10 4.98
C ASN B 914 -15.82 -0.62 6.41
N CYS B 915 -14.59 -0.74 6.90
CA CYS B 915 -14.36 -1.17 8.28
C CYS B 915 -14.83 -0.10 9.25
N ASN B 916 -15.14 -0.51 10.48
CA ASN B 916 -15.64 0.41 11.49
C ASN B 916 -14.52 1.06 12.29
N SER B 917 -13.36 0.40 12.31
CA SER B 917 -12.23 0.88 13.08
C SER B 917 -10.95 0.23 12.56
N LEU B 918 -9.88 1.03 12.46
CA LEU B 918 -8.64 0.55 11.87
C LEU B 918 -7.41 0.97 12.67
N HIS B 919 -6.56 -0.01 12.99
CA HIS B 919 -5.28 0.27 13.60
C HIS B 919 -4.15 -0.17 12.68
N THR B 920 -3.22 0.74 12.40
CA THR B 920 -2.13 0.46 11.49
C THR B 920 -0.82 0.30 12.25
N ASN B 921 -0.13 -0.81 12.01
CA ASN B 921 1.13 -1.10 12.69
C ASN B 921 2.30 -0.26 12.19
N ALA B 922 3.22 0.05 13.10
CA ALA B 922 4.46 0.73 12.73
C ALA B 922 5.41 -0.24 12.06
N TYR B 923 6.33 0.28 11.27
CA TYR B 923 7.21 -0.59 10.48
C TYR B 923 8.27 -1.29 11.33
N ASP B 924 8.58 -0.74 12.50
CA ASP B 924 9.65 -1.28 13.32
C ASP B 924 9.14 -2.09 14.51
N GLU B 925 7.83 -2.32 14.56
CA GLU B 925 7.24 -3.09 15.67
C GLU B 925 7.69 -4.55 15.60
N ALA B 926 8.23 -4.95 14.46
CA ALA B 926 8.79 -6.27 14.28
C ALA B 926 9.98 -6.49 15.20
N ILE B 927 10.71 -5.40 15.46
CA ILE B 927 11.91 -5.47 16.30
C ILE B 927 11.71 -4.73 17.62
N THR B 928 12.03 -3.44 17.63
CA THR B 928 11.96 -2.64 18.85
C THR B 928 10.55 -2.09 19.08
N THR B 929 10.38 -1.36 20.18
CA THR B 929 9.12 -0.68 20.48
C THR B 929 8.95 0.51 19.54
N PRO B 930 7.70 0.77 19.12
CA PRO B 930 7.42 1.80 18.10
C PRO B 930 7.84 3.20 18.54
N THR B 931 8.72 3.82 17.76
CA THR B 931 9.16 5.17 18.04
C THR B 931 8.05 6.16 17.73
N ALA B 932 8.20 7.39 18.19
CA ALA B 932 7.21 8.44 17.92
C ALA B 932 7.18 8.77 16.44
N GLU B 933 8.31 8.60 15.77
CA GLU B 933 8.41 8.81 14.34
C GLU B 933 7.78 7.63 13.59
N SER B 934 8.06 6.43 14.05
CA SER B 934 7.55 5.22 13.42
C SER B 934 6.03 5.13 13.53
N VAL B 935 5.48 5.69 14.61
CA VAL B 935 4.04 5.67 14.82
C VAL B 935 3.35 6.73 13.97
N ARG B 936 4.11 7.73 13.51
CA ARG B 936 3.54 8.75 12.63
C ARG B 936 3.50 8.27 11.19
N ARG B 937 4.45 7.42 10.82
CA ARG B 937 4.43 6.78 9.51
C ARG B 937 3.28 5.79 9.43
N ALA B 938 2.98 5.14 10.55
CA ALA B 938 1.86 4.21 10.62
C ALA B 938 0.53 4.96 10.58
N LEU B 939 0.54 6.17 11.14
CA LEU B 939 -0.68 6.96 11.19
C LEU B 939 -0.90 7.70 9.88
N ALA B 940 0.19 7.96 9.15
CA ALA B 940 0.11 8.65 7.88
C ALA B 940 -0.52 7.77 6.81
N ILE B 941 -0.37 6.46 6.97
CA ILE B 941 -0.98 5.50 6.05
C ILE B 941 -2.48 5.70 5.99
N GLN B 942 -3.11 5.80 7.15
CA GLN B 942 -4.55 6.00 7.21
C GLN B 942 -4.93 7.40 6.73
N LEU B 943 -4.11 8.38 7.09
CA LEU B 943 -4.38 9.76 6.72
C LEU B 943 -4.33 9.98 5.22
N ILE B 944 -3.29 9.42 4.58
CA ILE B 944 -3.12 9.59 3.15
C ILE B 944 -4.25 8.90 2.37
N ILE B 945 -4.60 7.69 2.77
CA ILE B 945 -5.70 6.97 2.12
C ILE B 945 -7.02 7.71 2.27
N ASN B 946 -7.34 8.12 3.50
CA ASN B 946 -8.61 8.78 3.79
C ASN B 946 -8.72 10.17 3.17
N ARG B 947 -7.58 10.85 3.00
CA ARG B 947 -7.59 12.24 2.56
C ARG B 947 -7.11 12.41 1.11
N GLU B 948 -5.97 11.81 0.79
CA GLU B 948 -5.33 12.03 -0.51
C GLU B 948 -5.77 11.05 -1.59
N TRP B 949 -5.97 9.79 -1.21
CA TRP B 949 -6.27 8.74 -2.17
C TRP B 949 -7.64 8.92 -2.81
N GLY B 950 -7.64 8.99 -4.15
CA GLY B 950 -8.83 9.36 -4.90
C GLY B 950 -9.93 8.32 -4.97
N VAL B 951 -9.54 7.05 -5.08
CA VAL B 951 -10.52 5.97 -5.16
C VAL B 951 -11.33 5.88 -3.87
N ALA B 952 -10.70 6.23 -2.76
CA ALA B 952 -11.34 6.17 -1.45
C ALA B 952 -12.42 7.24 -1.28
N LYS B 953 -12.47 8.21 -2.19
CA LYS B 953 -13.52 9.23 -2.18
C LYS B 953 -14.87 8.57 -2.44
N CYS B 954 -14.83 7.41 -3.10
CA CYS B 954 -15.99 6.55 -3.26
C CYS B 954 -16.04 5.55 -2.10
N GLU B 955 -17.23 5.29 -1.59
CA GLU B 955 -17.36 4.49 -0.37
C GLU B 955 -17.75 3.04 -0.62
N ASN B 956 -18.03 2.69 -1.87
CA ASN B 956 -18.26 1.29 -2.22
C ASN B 956 -17.52 0.85 -3.49
N PRO B 957 -16.19 1.02 -3.51
CA PRO B 957 -15.44 0.69 -4.73
C PRO B 957 -15.33 -0.82 -4.95
N ASN B 958 -15.63 -1.59 -3.91
CA ASN B 958 -15.59 -3.05 -4.02
C ASN B 958 -16.79 -3.60 -4.79
N GLN B 959 -17.93 -2.95 -4.60
CA GLN B 959 -19.19 -3.46 -5.17
C GLN B 959 -19.19 -3.48 -6.68
N GLY B 960 -19.64 -4.59 -7.24
CA GLY B 960 -19.68 -4.77 -8.68
C GLY B 960 -18.56 -5.68 -9.19
N SER B 961 -17.38 -5.53 -8.60
CA SER B 961 -16.20 -6.29 -9.02
C SER B 961 -16.48 -7.80 -9.07
N PHE B 962 -16.26 -8.39 -10.23
CA PHE B 962 -16.50 -9.81 -10.43
C PHE B 962 -15.63 -10.64 -9.50
N LEU B 963 -14.42 -10.13 -9.23
CA LEU B 963 -13.51 -10.79 -8.30
C LEU B 963 -14.03 -10.71 -6.87
N ILE B 964 -14.47 -9.52 -6.47
CA ILE B 964 -14.95 -9.30 -5.10
C ILE B 964 -16.14 -10.20 -4.78
N GLU B 965 -17.13 -10.21 -5.68
CA GLU B 965 -18.34 -10.98 -5.47
C GLU B 965 -18.06 -12.49 -5.44
N GLU B 966 -17.20 -12.94 -6.35
CA GLU B 966 -16.83 -14.36 -6.38
C GLU B 966 -16.07 -14.76 -5.12
N LEU B 967 -15.11 -13.93 -4.72
CA LEU B 967 -14.36 -14.18 -3.50
C LEU B 967 -15.26 -14.15 -2.28
N THR B 968 -16.20 -13.21 -2.27
CA THR B 968 -17.18 -13.11 -1.20
C THR B 968 -17.98 -14.40 -1.10
N ASP B 969 -18.49 -14.88 -2.22
CA ASP B 969 -19.24 -16.13 -2.27
C ASP B 969 -18.40 -17.31 -1.82
N LEU B 970 -17.16 -17.36 -2.29
CA LEU B 970 -16.23 -18.45 -1.96
C LEU B 970 -15.92 -18.48 -0.46
N VAL B 971 -15.38 -17.37 0.04
CA VAL B 971 -14.99 -17.25 1.44
C VAL B 971 -16.15 -17.58 2.37
N GLU B 972 -17.32 -17.03 2.06
CA GLU B 972 -18.53 -17.26 2.85
C GLU B 972 -18.85 -18.74 2.97
N GLU B 973 -18.80 -19.45 1.84
CA GLU B 973 -19.08 -20.88 1.84
C GLU B 973 -18.05 -21.66 2.64
N ALA B 974 -16.78 -21.29 2.47
CA ALA B 974 -15.69 -21.96 3.19
C ALA B 974 -15.87 -21.84 4.69
N VAL B 975 -16.33 -20.67 5.13
CA VAL B 975 -16.61 -20.43 6.54
C VAL B 975 -17.73 -21.34 7.03
N LEU B 976 -18.80 -21.42 6.24
CA LEU B 976 -19.95 -22.26 6.59
C LEU B 976 -19.57 -23.72 6.74
N GLN B 977 -18.68 -24.19 5.87
CA GLN B 977 -18.23 -25.58 5.94
C GLN B 977 -17.43 -25.80 7.21
N GLU B 978 -16.69 -24.79 7.63
CA GLU B 978 -15.93 -24.87 8.87
C GLU B 978 -16.89 -24.86 10.07
N PHE B 979 -18.00 -24.12 9.93
CA PHE B 979 -19.05 -24.14 10.95
C PHE B 979 -19.55 -25.55 11.14
N GLU B 980 -19.65 -26.30 10.05
CA GLU B 980 -20.17 -27.65 10.08
C GLU B 980 -19.18 -28.63 10.72
N ARG B 981 -17.88 -28.40 10.48
CA ARG B 981 -16.86 -29.24 11.08
C ARG B 981 -16.78 -29.05 12.60
N ILE B 982 -17.01 -27.81 13.04
CA ILE B 982 -17.00 -27.52 14.46
C ILE B 982 -18.28 -28.03 15.12
N ALA B 983 -19.39 -27.93 14.40
CA ALA B 983 -20.69 -28.37 14.90
C ALA B 983 -20.73 -29.89 15.12
N GLU B 984 -20.10 -30.63 14.22
CA GLU B 984 -20.08 -32.09 14.35
C GLU B 984 -19.03 -32.55 15.35
N ARG B 985 -18.42 -31.59 16.04
CA ARG B 985 -17.51 -31.88 17.13
C ARG B 985 -18.10 -31.43 18.44
N GLY B 986 -19.31 -30.87 18.38
CA GLY B 986 -20.03 -30.46 19.57
C GLY B 986 -20.04 -28.96 19.80
N GLY B 987 -19.86 -28.19 18.73
CA GLY B 987 -19.75 -26.76 18.84
C GLY B 987 -18.34 -26.34 19.23
N VAL B 988 -18.13 -25.04 19.42
CA VAL B 988 -16.81 -24.51 19.77
C VAL B 988 -16.29 -25.16 21.05
N LEU B 989 -17.14 -25.25 22.07
CA LEU B 989 -16.75 -25.85 23.34
C LEU B 989 -16.36 -27.31 23.17
N GLY B 990 -17.10 -28.01 22.32
CA GLY B 990 -16.83 -29.42 22.07
C GLY B 990 -15.52 -29.61 21.35
N ALA B 991 -15.30 -28.82 20.30
CA ALA B 991 -14.06 -28.88 19.54
C ALA B 991 -12.87 -28.50 20.41
N MET B 992 -13.08 -27.55 21.32
CA MET B 992 -12.02 -27.10 22.21
C MET B 992 -11.55 -28.22 23.12
N GLU B 993 -12.47 -29.12 23.45
CA GLU B 993 -12.18 -30.29 24.28
C GLU B 993 -11.18 -31.22 23.60
N THR B 994 -11.25 -31.30 22.29
CA THR B 994 -10.32 -32.13 21.51
C THR B 994 -9.15 -31.32 20.97
N GLY B 995 -9.09 -30.04 21.35
CA GLY B 995 -8.06 -29.15 20.87
C GLY B 995 -8.07 -29.02 19.35
N TYR B 996 -9.27 -28.89 18.78
CA TYR B 996 -9.43 -28.83 17.33
C TYR B 996 -8.93 -27.51 16.77
N GLN B 997 -9.38 -26.40 17.36
CA GLN B 997 -8.97 -25.07 16.90
C GLN B 997 -7.47 -24.90 17.03
N ARG B 998 -6.98 -25.14 18.24
CA ARG B 998 -5.55 -25.05 18.52
C ARG B 998 -4.77 -25.91 17.55
N GLY B 999 -5.25 -27.13 17.34
CA GLY B 999 -4.61 -28.07 16.45
C GLY B 999 -4.59 -27.60 15.01
N LYS B 1000 -5.72 -27.07 14.55
CA LYS B 1000 -5.82 -26.61 13.17
C LYS B 1000 -4.96 -25.39 12.93
N ILE B 1001 -4.90 -24.50 13.91
CA ILE B 1001 -4.09 -23.30 13.81
C ILE B 1001 -2.61 -23.65 13.72
N GLN B 1002 -2.16 -24.55 14.59
CA GLN B 1002 -0.77 -24.99 14.60
C GLN B 1002 -0.38 -25.68 13.28
N GLU B 1003 -1.35 -26.34 12.65
CA GLU B 1003 -1.11 -26.98 11.36
C GLU B 1003 -0.90 -25.96 10.27
N GLU B 1004 -1.76 -24.94 10.24
CA GLU B 1004 -1.69 -23.89 9.22
C GLU B 1004 -0.45 -23.02 9.41
N SER B 1005 0.01 -22.91 10.65
CA SER B 1005 1.22 -22.16 10.95
C SER B 1005 2.45 -22.83 10.38
N LEU B 1006 2.57 -24.13 10.59
CA LEU B 1006 3.70 -24.90 10.07
C LEU B 1006 3.72 -24.88 8.55
N TYR B 1007 2.54 -24.86 7.94
CA TYR B 1007 2.42 -24.81 6.49
C TYR B 1007 2.95 -23.48 5.96
N TYR B 1008 2.64 -22.40 6.68
CA TYR B 1008 3.16 -21.09 6.31
C TYR B 1008 4.68 -21.06 6.45
N GLU B 1009 5.17 -21.55 7.58
CA GLU B 1009 6.60 -21.56 7.84
C GLU B 1009 7.35 -22.45 6.85
N GLN B 1010 6.74 -23.58 6.52
CA GLN B 1010 7.34 -24.52 5.58
C GLN B 1010 7.53 -23.88 4.21
N LEU B 1011 6.48 -23.23 3.71
CA LEU B 1011 6.54 -22.58 2.40
C LEU B 1011 7.45 -21.36 2.42
N LYS B 1012 7.45 -20.64 3.54
CA LYS B 1012 8.29 -19.46 3.70
C LYS B 1012 9.76 -19.83 3.69
N HIS B 1013 10.10 -20.89 4.42
CA HIS B 1013 11.46 -21.40 4.46
C HIS B 1013 11.84 -22.03 3.12
N ASP B 1014 10.87 -22.66 2.48
CA ASP B 1014 11.08 -23.30 1.18
C ASP B 1014 11.41 -22.28 0.11
N GLY B 1015 10.79 -21.10 0.19
CA GLY B 1015 10.92 -20.09 -0.83
C GLY B 1015 9.73 -20.15 -1.77
N THR B 1016 8.87 -21.14 -1.56
CA THR B 1016 7.66 -21.29 -2.34
C THR B 1016 6.77 -20.07 -2.18
N LEU B 1017 6.60 -19.64 -0.93
CA LEU B 1017 5.86 -18.43 -0.63
C LEU B 1017 6.82 -17.26 -0.52
N PRO B 1018 6.92 -16.44 -1.57
CA PRO B 1018 7.92 -15.37 -1.62
C PRO B 1018 7.65 -14.26 -0.61
N ILE B 1019 8.69 -13.87 0.12
CA ILE B 1019 8.62 -12.73 1.01
C ILE B 1019 9.73 -11.75 0.67
N ILE B 1020 9.37 -10.61 0.10
CA ILE B 1020 10.35 -9.64 -0.38
C ILE B 1020 11.21 -9.10 0.75
N GLY B 1021 12.52 -9.31 0.64
CA GLY B 1021 13.46 -8.85 1.64
C GLY B 1021 13.87 -9.96 2.59
N VAL B 1022 13.09 -11.03 2.64
CA VAL B 1022 13.38 -12.14 3.55
C VAL B 1022 13.94 -13.35 2.82
N ASN B 1023 13.11 -14.02 2.01
CA ASN B 1023 13.57 -15.20 1.29
C ASN B 1023 13.84 -14.90 -0.18
N THR B 1024 13.82 -13.62 -0.54
CA THR B 1024 14.14 -13.17 -1.89
C THR B 1024 14.40 -11.67 -1.87
N PHE B 1025 15.14 -11.20 -2.87
CA PHE B 1025 15.50 -9.78 -2.96
C PHE B 1025 16.16 -9.35 -1.66
N ARG B 1026 17.01 -10.21 -1.12
CA ARG B 1026 17.64 -9.98 0.17
C ARG B 1026 18.67 -8.86 0.09
N ASN B 1027 18.95 -8.26 1.24
CA ASN B 1027 19.91 -7.17 1.32
C ASN B 1027 21.34 -7.68 1.22
N PRO B 1028 22.06 -7.27 0.16
CA PRO B 1028 23.45 -7.70 -0.05
C PRO B 1028 24.38 -7.22 1.06
N ASN B 1029 24.19 -5.99 1.53
CA ASN B 1029 25.08 -5.38 2.51
C ASN B 1029 25.14 -6.15 3.84
N GLY B 1030 24.08 -6.89 4.15
CA GLY B 1030 24.05 -7.68 5.37
C GLY B 1030 22.65 -7.97 5.86
N ASP B 1031 22.50 -9.03 6.64
CA ASP B 1031 21.20 -9.43 7.16
C ASP B 1031 20.61 -8.43 8.16
N PRO B 1032 21.42 -7.92 9.12
CA PRO B 1032 20.84 -6.87 9.97
C PRO B 1032 21.10 -5.48 9.41
N LEU B 1039 14.97 -2.96 27.27
CA LEU B 1039 14.84 -1.88 28.25
C LEU B 1039 14.13 -2.36 29.51
N ALA B 1040 14.19 -1.54 30.56
CA ALA B 1040 13.56 -1.89 31.83
C ALA B 1040 12.04 -1.73 31.76
N ARG B 1041 11.60 -0.62 31.17
CA ARG B 1041 10.19 -0.32 30.91
C ARG B 1041 9.33 -0.17 32.16
N SER B 1042 9.94 -0.22 33.34
CA SER B 1042 9.24 0.11 34.58
C SER B 1042 10.21 0.49 35.69
N SER B 1043 9.97 1.65 36.31
CA SER B 1043 10.82 2.16 37.36
C SER B 1043 10.88 1.22 38.56
N GLU B 1044 12.05 1.15 39.18
CA GLU B 1044 12.23 0.36 40.40
C GLU B 1044 11.36 0.94 41.51
N ASP B 1045 11.19 2.25 41.51
CA ASP B 1045 10.38 2.92 42.52
C ASP B 1045 8.89 2.65 42.29
N GLU B 1046 8.50 2.51 41.03
CA GLU B 1046 7.11 2.19 40.68
C GLU B 1046 6.72 0.80 41.18
N LYS B 1047 7.64 -0.16 41.06
CA LYS B 1047 7.40 -1.50 41.56
C LYS B 1047 7.23 -1.48 43.07
N GLN B 1048 8.16 -0.80 43.74
CA GLN B 1048 8.12 -0.66 45.19
C GLN B 1048 6.88 0.10 45.64
N SER B 1049 6.42 1.02 44.79
CA SER B 1049 5.18 1.74 45.04
C SER B 1049 3.99 0.78 45.08
N GLN B 1050 3.89 -0.05 44.05
CA GLN B 1050 2.79 -1.00 43.95
C GLN B 1050 2.76 -1.97 45.12
N LEU B 1051 3.93 -2.40 45.57
CA LEU B 1051 4.03 -3.30 46.71
C LEU B 1051 3.59 -2.59 47.98
N HIS B 1052 4.01 -1.33 48.12
CA HIS B 1052 3.67 -0.52 49.28
C HIS B 1052 2.17 -0.25 49.32
N ARG B 1053 1.60 0.13 48.18
CA ARG B 1053 0.18 0.43 48.09
C ARG B 1053 -0.66 -0.83 48.36
N LEU B 1054 -0.17 -1.96 47.88
CA LEU B 1054 -0.90 -3.23 48.03
C LEU B 1054 -0.95 -3.67 49.50
N THR B 1055 0.19 -3.69 50.16
CA THR B 1055 0.26 -4.11 51.56
C THR B 1055 -0.51 -3.13 52.44
N GLU B 1056 -0.64 -1.90 51.95
CA GLU B 1056 -1.43 -0.89 52.64
C GLU B 1056 -2.91 -1.15 52.45
N PHE B 1057 -3.29 -1.50 51.23
CA PHE B 1057 -4.68 -1.84 50.91
C PHE B 1057 -5.12 -3.07 51.71
N HIS B 1058 -4.25 -4.06 51.77
CA HIS B 1058 -4.54 -5.29 52.51
C HIS B 1058 -4.73 -5.01 53.99
N GLY B 1059 -3.90 -4.14 54.55
CA GLY B 1059 -3.98 -3.78 55.95
C GLY B 1059 -5.26 -3.03 56.26
N ALA B 1060 -5.70 -2.19 55.33
CA ALA B 1060 -6.89 -1.37 55.54
C ALA B 1060 -8.16 -2.21 55.61
N HIS B 1061 -8.18 -3.29 54.84
CA HIS B 1061 -9.35 -4.16 54.78
C HIS B 1061 -9.04 -5.54 55.34
N GLN B 1062 -8.15 -5.59 56.33
CA GLN B 1062 -7.72 -6.86 56.92
C GLN B 1062 -8.87 -7.60 57.59
N ALA B 1063 -9.82 -6.85 58.15
CA ALA B 1063 -10.94 -7.43 58.87
C ALA B 1063 -12.00 -8.00 57.91
N ASP B 1064 -12.31 -7.25 56.87
CA ASP B 1064 -13.41 -7.62 55.97
C ASP B 1064 -12.95 -8.51 54.82
N ALA B 1065 -11.66 -8.75 54.73
CA ALA B 1065 -11.10 -9.51 53.61
C ALA B 1065 -11.62 -10.93 53.52
N GLU B 1066 -11.45 -11.69 54.60
CA GLU B 1066 -11.79 -13.11 54.61
C GLU B 1066 -13.29 -13.35 54.45
N ALA B 1067 -14.09 -12.58 55.20
CA ALA B 1067 -15.54 -12.72 55.15
C ALA B 1067 -16.08 -12.46 53.74
N MET B 1068 -15.41 -11.59 53.00
CA MET B 1068 -15.81 -11.26 51.65
C MET B 1068 -15.41 -12.36 50.68
N LEU B 1069 -14.17 -12.83 50.81
CA LEU B 1069 -13.68 -13.90 49.95
C LEU B 1069 -14.47 -15.18 50.16
N ALA B 1070 -14.84 -15.45 51.41
CA ALA B 1070 -15.66 -16.60 51.74
C ALA B 1070 -17.03 -16.48 51.07
N ARG B 1071 -17.58 -15.27 51.12
CA ARG B 1071 -18.87 -14.99 50.49
C ARG B 1071 -18.79 -15.22 48.99
N LEU B 1072 -17.66 -14.87 48.40
CA LEU B 1072 -17.44 -15.03 46.97
C LEU B 1072 -17.42 -16.50 46.58
N ARG B 1073 -16.68 -17.30 47.34
CA ARG B 1073 -16.59 -18.73 47.11
C ARG B 1073 -17.96 -19.41 47.22
N GLN B 1074 -18.68 -19.05 48.28
CA GLN B 1074 -20.00 -19.61 48.54
C GLN B 1074 -20.98 -19.28 47.41
N ALA B 1075 -20.75 -18.16 46.74
CA ALA B 1075 -21.60 -17.76 45.63
C ALA B 1075 -21.41 -18.71 44.45
N VAL B 1076 -20.18 -19.18 44.25
CA VAL B 1076 -19.88 -20.10 43.18
C VAL B 1076 -20.45 -21.48 43.49
N ILE B 1077 -20.34 -21.89 44.75
CA ILE B 1077 -20.88 -23.16 45.20
C ILE B 1077 -22.40 -23.20 45.05
N ASP B 1078 -23.06 -22.11 45.43
CA ASP B 1078 -24.52 -22.02 45.37
C ASP B 1078 -25.02 -21.59 44.00
N ASN B 1079 -24.12 -21.52 43.04
CA ASN B 1079 -24.44 -21.17 41.66
C ASN B 1079 -25.13 -19.81 41.50
N ARG B 1080 -24.91 -18.92 42.46
CA ARG B 1080 -25.46 -17.57 42.39
C ARG B 1080 -24.61 -16.71 41.47
N ASN B 1081 -25.01 -15.46 41.26
CA ASN B 1081 -24.29 -14.57 40.35
C ASN B 1081 -22.94 -14.15 40.92
N VAL B 1082 -21.88 -14.45 40.19
CA VAL B 1082 -20.52 -14.18 40.65
C VAL B 1082 -20.16 -12.70 40.53
N PHE B 1083 -20.54 -12.07 39.42
CA PHE B 1083 -20.19 -10.68 39.20
C PHE B 1083 -20.83 -9.77 40.23
N ALA B 1084 -22.03 -10.12 40.66
CA ALA B 1084 -22.75 -9.34 41.68
C ALA B 1084 -21.93 -9.25 42.97
N VAL B 1085 -21.30 -10.36 43.34
CA VAL B 1085 -20.47 -10.40 44.53
C VAL B 1085 -19.15 -9.66 44.27
N LEU B 1086 -18.67 -9.74 43.04
CA LEU B 1086 -17.44 -9.06 42.64
C LEU B 1086 -17.57 -7.54 42.76
N MET B 1087 -18.80 -7.05 42.62
CA MET B 1087 -19.07 -5.63 42.73
C MET B 1087 -18.81 -5.11 44.14
N ASP B 1088 -18.87 -6.02 45.11
CA ASP B 1088 -18.57 -5.67 46.50
C ASP B 1088 -17.17 -6.12 46.88
N ALA B 1089 -16.72 -7.22 46.26
CA ALA B 1089 -15.46 -7.84 46.61
C ALA B 1089 -14.26 -6.93 46.33
N VAL B 1090 -14.30 -6.21 45.22
CA VAL B 1090 -13.18 -5.38 44.79
C VAL B 1090 -12.93 -4.20 45.72
N ARG B 1091 -13.84 -3.98 46.66
CA ARG B 1091 -13.74 -2.87 47.59
C ARG B 1091 -12.87 -3.19 48.82
N VAL B 1092 -12.77 -4.48 49.15
CA VAL B 1092 -12.00 -4.90 50.31
C VAL B 1092 -11.00 -6.01 49.96
N CYS B 1093 -11.01 -6.43 48.71
CA CYS B 1093 -10.09 -7.49 48.26
C CYS B 1093 -9.30 -7.06 47.04
N SER B 1094 -8.05 -7.53 46.96
CA SER B 1094 -7.19 -7.22 45.83
C SER B 1094 -7.42 -8.20 44.70
N LEU B 1095 -6.80 -7.93 43.55
CA LEU B 1095 -6.93 -8.77 42.37
C LEU B 1095 -6.52 -10.21 42.65
N GLY B 1096 -5.33 -10.37 43.24
CA GLY B 1096 -4.80 -11.68 43.55
C GLY B 1096 -5.65 -12.45 44.53
N GLN B 1097 -6.11 -11.76 45.58
CA GLN B 1097 -6.96 -12.36 46.60
C GLN B 1097 -8.23 -12.95 45.99
N ILE B 1098 -8.82 -12.22 45.06
CA ILE B 1098 -10.05 -12.64 44.40
C ILE B 1098 -9.79 -13.84 43.49
N THR B 1099 -8.79 -13.71 42.62
CA THR B 1099 -8.46 -14.76 41.66
C THR B 1099 -8.19 -16.10 42.34
N HIS B 1100 -7.34 -16.09 43.35
CA HIS B 1100 -6.97 -17.33 44.05
C HIS B 1100 -8.13 -17.87 44.89
N ALA B 1101 -9.03 -16.99 45.30
CA ALA B 1101 -10.23 -17.43 45.98
C ALA B 1101 -11.09 -18.22 45.00
N LEU B 1102 -11.15 -17.73 43.77
CA LEU B 1102 -11.89 -18.39 42.71
C LEU B 1102 -11.21 -19.68 42.29
N PHE B 1103 -9.87 -19.70 42.36
CA PHE B 1103 -9.12 -20.91 42.08
C PHE B 1103 -9.55 -22.05 43.00
N GLU B 1104 -9.73 -21.71 44.28
CA GLU B 1104 -10.08 -22.68 45.31
C GLU B 1104 -11.46 -23.27 45.16
N VAL B 1105 -12.41 -22.47 44.71
CA VAL B 1105 -13.77 -22.95 44.57
C VAL B 1105 -13.88 -23.73 43.26
N GLY B 1106 -12.74 -23.88 42.57
CA GLY B 1106 -12.65 -24.72 41.39
C GLY B 1106 -12.60 -24.00 40.06
N GLY B 1107 -12.41 -22.68 40.11
CA GLY B 1107 -12.43 -21.88 38.91
C GLY B 1107 -11.19 -22.03 38.05
N GLN B 1108 -10.11 -22.54 38.65
CA GLN B 1108 -8.81 -22.58 37.97
C GLN B 1108 -8.81 -23.43 36.70
N TYR B 1109 -8.08 -22.95 35.70
CA TYR B 1109 -7.86 -23.69 34.46
C TYR B 1109 -7.06 -24.96 34.73
N ARG B 1110 -7.49 -26.07 34.13
CA ARG B 1110 -6.71 -27.30 34.20
C ARG B 1110 -6.09 -27.63 32.85
N ARG B 1111 -4.81 -27.98 32.88
CA ARG B 1111 -4.10 -28.37 31.67
C ARG B 1111 -4.64 -29.71 31.18
N ASN B 1112 -5.62 -29.64 30.28
CA ASN B 1112 -6.40 -30.81 29.89
C ASN B 1112 -5.80 -31.62 28.74
N MET B 1113 -5.07 -30.98 27.85
CA MET B 1113 -4.53 -31.66 26.68
C MET B 1113 -3.47 -32.69 27.05
#